data_3WIP
#
_entry.id   3WIP
#
_cell.length_a   236.850
_cell.length_b   73.150
_cell.length_c   132.470
_cell.angle_alpha   90.000
_cell.angle_beta   101.450
_cell.angle_gamma   90.000
#
_symmetry.space_group_name_H-M   'C 1 2 1'
#
loop_
_entity.id
_entity.type
_entity.pdbx_description
1 polymer 'Acetylcholine-binding protein'
2 non-polymer ACETYLCHOLINE
3 non-polymer 'PENTAETHYLENE GLYCOL'
4 non-polymer 'SULFATE ION'
5 non-polymer 'ACETATE ION'
6 non-polymer GLYCEROL
7 water water
#
_entity_poly.entity_id   1
_entity_poly.type   'polypeptide(L)'
_entity_poly.pdbx_seq_one_letter_code
;MRRNIFCLACLWIVQACLSLDRADILYNIRQTSRPDVIPTQRDRPVAVSVSLKFINILEVNEITNEVDVVFWQQTTWSDR
TLAWNSSHSPDQVSVPISSLWVPDLAAYNAISKPEVLTPQLARVVSDGEVLYMPSIRQRFSCDVSGVDTESGATCRIKIG
SWTHHSREISVDPTTENSDDSEYFSQYSRFEILDVTQKKNSVTYSCCPEAYEDVEVSLNFRKKGRSEIL
;
_entity_poly.pdbx_strand_id   A,B,C,D,E,F,G,H,I,J
#
loop_
_chem_comp.id
_chem_comp.type
_chem_comp.name
_chem_comp.formula
1PE non-polymer 'PENTAETHYLENE GLYCOL' 'C10 H22 O6'
ACH non-polymer ACETYLCHOLINE 'C7 H16 N O2 1'
ACT non-polymer 'ACETATE ION' 'C2 H3 O2 -1'
GOL non-polymer GLYCEROL 'C3 H8 O3'
SO4 non-polymer 'SULFATE ION' 'O4 S -2'
#
# COMPACT_ATOMS: atom_id res chain seq x y z
N LEU A 20 17.63 20.74 -9.84
CA LEU A 20 17.08 19.48 -10.29
C LEU A 20 18.16 18.56 -10.76
N ASP A 21 18.40 17.46 -10.02
CA ASP A 21 19.25 16.42 -10.55
C ASP A 21 18.40 15.27 -11.11
N ARG A 22 19.05 14.31 -11.75
CA ARG A 22 18.37 13.20 -12.39
CA ARG A 22 18.37 13.19 -12.39
C ARG A 22 17.46 12.43 -11.43
N ALA A 23 17.89 12.27 -10.18
CA ALA A 23 17.08 11.55 -9.20
C ALA A 23 15.73 12.23 -8.98
N ASP A 24 15.73 13.56 -8.86
CA ASP A 24 14.52 14.33 -8.67
C ASP A 24 13.61 14.28 -9.89
N ILE A 25 14.18 14.51 -11.07
CA ILE A 25 13.43 14.44 -12.31
C ILE A 25 12.74 13.09 -12.48
N LEU A 26 13.45 12.02 -12.16
CA LEU A 26 12.89 10.69 -12.33
C LEU A 26 11.87 10.37 -11.24
N TYR A 27 12.07 10.92 -10.05
CA TYR A 27 11.09 10.76 -8.99
C TYR A 27 9.79 11.44 -9.39
N ASN A 28 9.89 12.65 -9.92
CA ASN A 28 8.71 13.40 -10.31
C ASN A 28 7.93 12.76 -11.44
N ILE A 29 8.66 12.27 -12.44
CA ILE A 29 8.04 11.58 -13.53
C ILE A 29 7.32 10.33 -13.04
N ARG A 30 7.97 9.58 -12.17
CA ARG A 30 7.38 8.35 -11.69
C ARG A 30 6.13 8.63 -10.87
N GLN A 31 6.21 9.64 -10.01
CA GLN A 31 5.09 9.99 -9.15
C GLN A 31 3.88 10.59 -9.89
N THR A 32 4.14 11.27 -10.98
CA THR A 32 3.04 11.93 -11.68
C THR A 32 2.76 11.17 -12.96
N SER A 33 3.25 9.93 -12.97
CA SER A 33 2.97 8.92 -13.99
C SER A 33 1.50 8.85 -14.34
N ARG A 34 1.14 9.27 -15.55
CA ARG A 34 -0.15 8.90 -16.09
C ARG A 34 0.08 8.17 -17.42
N PRO A 35 0.72 6.99 -17.37
CA PRO A 35 1.05 6.28 -18.61
C PRO A 35 -0.18 5.83 -19.38
N ASP A 36 -1.34 6.02 -18.77
CA ASP A 36 -2.59 5.61 -19.39
C ASP A 36 -3.28 6.77 -20.11
N VAL A 37 -2.72 7.98 -19.98
CA VAL A 37 -3.41 9.18 -20.50
C VAL A 37 -2.70 9.75 -21.71
N ILE A 38 -3.40 9.78 -22.84
CA ILE A 38 -2.84 10.36 -24.05
C ILE A 38 -2.66 11.87 -23.84
N PRO A 39 -1.45 12.40 -24.08
CA PRO A 39 -1.14 13.81 -23.78
C PRO A 39 -1.59 14.78 -24.87
N THR A 40 -2.89 14.83 -25.14
CA THR A 40 -3.42 15.78 -26.11
C THR A 40 -3.43 17.19 -25.54
N GLN A 41 -3.28 18.18 -26.41
CA GLN A 41 -3.33 19.57 -25.99
C GLN A 41 -4.36 20.30 -26.82
N ARG A 42 -5.29 20.99 -26.15
CA ARG A 42 -6.30 21.80 -26.84
C ARG A 42 -7.16 20.97 -27.78
N ASP A 43 -7.31 19.69 -27.47
CA ASP A 43 -8.00 18.73 -28.33
C ASP A 43 -7.46 18.70 -29.78
N ARG A 44 -6.20 19.08 -29.94
CA ARG A 44 -5.47 18.82 -31.16
C ARG A 44 -4.90 17.40 -31.01
N PRO A 45 -4.68 16.70 -32.13
CA PRO A 45 -4.13 15.35 -31.99
C PRO A 45 -2.65 15.38 -31.56
N VAL A 46 -2.22 14.34 -30.86
CA VAL A 46 -0.81 14.14 -30.55
C VAL A 46 -0.12 13.74 -31.84
N ALA A 47 0.89 14.53 -32.24
CA ALA A 47 1.63 14.25 -33.46
C ALA A 47 2.76 13.26 -33.17
N VAL A 48 2.66 12.08 -33.76
CA VAL A 48 3.65 11.03 -33.54
C VAL A 48 4.47 10.79 -34.80
N SER A 49 5.77 11.05 -34.73
CA SER A 49 6.66 10.74 -35.84
C SER A 49 7.14 9.30 -35.78
N VAL A 50 7.06 8.61 -36.91
CA VAL A 50 7.55 7.24 -37.00
C VAL A 50 8.42 7.06 -38.23
N SER A 51 9.58 6.43 -38.05
CA SER A 51 10.40 6.02 -39.19
C SER A 51 11.13 4.73 -38.89
N LEU A 52 11.07 3.78 -39.83
CA LEU A 52 11.78 2.53 -39.65
C LEU A 52 13.15 2.59 -40.28
N LYS A 53 14.14 2.11 -39.55
CA LYS A 53 15.46 1.88 -40.12
C LYS A 53 15.62 0.37 -40.13
N PHE A 54 15.81 -0.20 -41.30
CA PHE A 54 15.94 -1.65 -41.36
C PHE A 54 17.33 -2.09 -41.01
N ILE A 55 17.40 -3.12 -40.16
CA ILE A 55 18.68 -3.62 -39.68
C ILE A 55 19.04 -4.93 -40.38
N ASN A 56 18.03 -5.77 -40.60
CA ASN A 56 18.25 -7.08 -41.19
C ASN A 56 16.99 -7.71 -41.74
N ILE A 57 17.15 -8.52 -42.76
CA ILE A 57 16.06 -9.33 -43.28
C ILE A 57 16.57 -10.75 -43.15
N LEU A 58 15.83 -11.57 -42.41
CA LEU A 58 16.39 -12.84 -41.96
C LEU A 58 15.85 -14.03 -42.74
N GLU A 59 14.54 -14.09 -42.88
CA GLU A 59 13.93 -15.21 -43.56
C GLU A 59 12.91 -14.69 -44.52
N VAL A 60 13.00 -15.19 -45.74
CA VAL A 60 12.06 -14.80 -46.76
C VAL A 60 11.50 -16.08 -47.35
N ASN A 61 10.19 -16.12 -47.54
CA ASN A 61 9.56 -17.29 -48.10
C ASN A 61 8.67 -16.81 -49.23
N GLU A 62 9.10 -17.05 -50.46
CA GLU A 62 8.38 -16.53 -51.62
C GLU A 62 7.06 -17.29 -51.85
N ILE A 63 7.02 -18.52 -51.38
CA ILE A 63 5.80 -19.33 -51.47
C ILE A 63 4.70 -18.81 -50.54
N THR A 64 5.01 -18.64 -49.27
CA THR A 64 4.00 -18.25 -48.30
C THR A 64 3.83 -16.74 -48.20
N ASN A 65 4.73 -15.99 -48.84
CA ASN A 65 4.73 -14.53 -48.78
C ASN A 65 4.92 -13.99 -47.37
N GLU A 66 5.94 -14.51 -46.69
CA GLU A 66 6.23 -14.09 -45.34
C GLU A 66 7.68 -13.64 -45.27
N VAL A 67 7.91 -12.56 -44.55
CA VAL A 67 9.27 -12.08 -44.37
C VAL A 67 9.55 -11.84 -42.88
N ASP A 68 10.77 -12.12 -42.47
CA ASP A 68 11.19 -11.89 -41.08
C ASP A 68 12.17 -10.73 -41.07
N VAL A 69 11.83 -9.67 -40.35
CA VAL A 69 12.59 -8.45 -40.42
C VAL A 69 13.09 -7.99 -39.03
N VAL A 70 14.29 -7.44 -38.95
CA VAL A 70 14.70 -6.68 -37.79
C VAL A 70 14.77 -5.20 -38.14
N PHE A 71 14.13 -4.36 -37.34
CA PHE A 71 14.13 -2.94 -37.63
C PHE A 71 14.09 -2.12 -36.37
N TRP A 72 14.49 -0.88 -36.53
CA TRP A 72 14.62 0.02 -35.44
C TRP A 72 13.53 1.05 -35.63
N GLN A 73 12.57 1.07 -34.72
CA GLN A 73 11.39 1.89 -34.87
C GLN A 73 11.58 3.21 -34.13
N GLN A 74 11.93 4.26 -34.86
CA GLN A 74 12.10 5.55 -34.22
C GLN A 74 10.75 6.20 -34.04
N THR A 75 10.44 6.53 -32.81
CA THR A 75 9.15 7.12 -32.50
C THR A 75 9.36 8.36 -31.63
N THR A 76 8.60 9.39 -31.92
CA THR A 76 8.85 10.70 -31.35
C THR A 76 7.52 11.37 -31.14
N TRP A 77 7.34 12.01 -29.99
CA TRP A 77 6.13 12.78 -29.76
C TRP A 77 6.36 13.73 -28.62
N SER A 78 5.43 14.65 -28.40
CA SER A 78 5.51 15.56 -27.25
C SER A 78 4.56 15.18 -26.13
N ASP A 79 5.07 15.21 -24.91
CA ASP A 79 4.25 15.10 -23.72
C ASP A 79 4.66 16.23 -22.79
N ARG A 80 3.98 17.36 -22.92
CA ARG A 80 4.36 18.54 -22.17
CA ARG A 80 4.35 18.56 -22.18
C ARG A 80 4.24 18.36 -20.66
N THR A 81 3.46 17.37 -20.23
CA THR A 81 3.34 17.05 -18.80
C THR A 81 4.64 16.47 -18.21
N LEU A 82 5.63 16.19 -19.05
CA LEU A 82 6.90 15.63 -18.62
C LEU A 82 7.96 16.71 -18.49
N ALA A 83 7.66 17.90 -18.99
CA ALA A 83 8.61 18.99 -19.03
C ALA A 83 9.12 19.45 -17.65
N TRP A 84 10.34 19.99 -17.64
CA TRP A 84 10.88 20.61 -16.44
C TRP A 84 11.79 21.76 -16.81
N ASN A 85 12.07 22.64 -15.85
CA ASN A 85 12.99 23.75 -16.07
C ASN A 85 14.40 23.23 -16.02
N SER A 86 15.10 23.27 -17.15
CA SER A 86 16.44 22.67 -17.20
C SER A 86 17.58 23.66 -16.97
N SER A 87 17.33 24.72 -16.21
CA SER A 87 18.39 25.61 -15.75
C SER A 87 19.14 24.91 -14.60
N HIS A 88 20.44 24.70 -14.79
CA HIS A 88 21.27 23.97 -13.82
C HIS A 88 20.71 22.58 -13.56
N SER A 89 20.21 21.95 -14.62
CA SER A 89 19.63 20.63 -14.52
C SER A 89 20.00 19.87 -15.78
N PRO A 90 19.98 18.53 -15.73
CA PRO A 90 20.10 17.70 -16.93
C PRO A 90 19.08 18.10 -17.99
N ASP A 91 19.50 18.10 -19.25
CA ASP A 91 18.59 18.41 -20.33
C ASP A 91 17.74 17.19 -20.73
N GLN A 92 18.19 16.00 -20.35
CA GLN A 92 17.56 14.77 -20.75
C GLN A 92 17.73 13.65 -19.73
N VAL A 93 16.75 12.74 -19.68
CA VAL A 93 16.86 11.55 -18.88
C VAL A 93 16.34 10.32 -19.64
N SER A 94 16.80 9.14 -19.25
CA SER A 94 16.25 7.90 -19.76
C SER A 94 15.22 7.39 -18.76
N VAL A 95 14.08 6.92 -19.27
CA VAL A 95 12.95 6.59 -18.45
C VAL A 95 12.38 5.27 -18.93
N PRO A 96 12.07 4.34 -18.01
CA PRO A 96 11.38 3.10 -18.39
C PRO A 96 10.00 3.42 -19.00
N ILE A 97 9.66 2.80 -20.12
CA ILE A 97 8.42 3.16 -20.81
C ILE A 97 7.17 2.81 -20.00
N SER A 98 7.33 1.99 -18.97
CA SER A 98 6.19 1.68 -18.12
C SER A 98 5.77 2.91 -17.28
N SER A 99 6.64 3.92 -17.22
CA SER A 99 6.31 5.15 -16.52
C SER A 99 5.79 6.23 -17.45
N LEU A 100 5.67 5.94 -18.74
CA LEU A 100 5.29 6.96 -19.71
C LEU A 100 4.07 6.54 -20.49
N TRP A 101 3.31 7.51 -20.97
CA TRP A 101 2.39 7.22 -22.06
C TRP A 101 3.19 6.91 -23.32
N VAL A 102 2.83 5.84 -23.99
CA VAL A 102 3.46 5.44 -25.23
C VAL A 102 2.36 5.18 -26.27
N PRO A 103 2.55 5.63 -27.51
CA PRO A 103 1.50 5.41 -28.52
C PRO A 103 1.28 3.92 -28.81
N ASP A 104 0.02 3.54 -29.02
CA ASP A 104 -0.35 2.15 -29.26
C ASP A 104 -0.21 1.75 -30.75
N LEU A 105 1.01 1.86 -31.28
CA LEU A 105 1.23 1.58 -32.69
C LEU A 105 1.16 0.08 -32.93
N ALA A 106 0.53 -0.31 -34.04
CA ALA A 106 0.58 -1.71 -34.45
C ALA A 106 0.82 -1.80 -35.95
N ALA A 107 1.49 -2.86 -36.37
CA ALA A 107 1.68 -3.13 -37.79
C ALA A 107 0.51 -3.97 -38.28
N TYR A 108 -0.31 -3.42 -39.16
CA TYR A 108 -1.52 -4.09 -39.62
C TYR A 108 -1.28 -5.45 -40.28
N ASN A 109 -0.13 -5.64 -40.92
CA ASN A 109 0.14 -6.90 -41.59
C ASN A 109 1.14 -7.84 -40.90
N ALA A 110 1.35 -7.61 -39.60
CA ALA A 110 2.20 -8.50 -38.81
C ALA A 110 1.51 -9.86 -38.61
N ILE A 111 2.30 -10.93 -38.56
CA ILE A 111 1.75 -12.26 -38.29
C ILE A 111 2.42 -12.94 -37.09
N SER A 112 3.21 -12.17 -36.35
CA SER A 112 3.76 -12.64 -35.08
C SER A 112 3.80 -11.42 -34.17
N LYS A 113 3.86 -11.61 -32.86
CA LYS A 113 3.96 -10.43 -32.00
C LYS A 113 5.36 -9.82 -32.07
N PRO A 114 5.46 -8.51 -31.86
CA PRO A 114 6.79 -7.89 -31.99
C PRO A 114 7.67 -8.40 -30.87
N GLU A 115 8.88 -8.84 -31.22
CA GLU A 115 9.87 -9.25 -30.23
C GLU A 115 10.83 -8.08 -30.03
N VAL A 116 10.69 -7.37 -28.92
CA VAL A 116 11.59 -6.25 -28.62
C VAL A 116 12.95 -6.77 -28.15
N LEU A 117 14.00 -6.37 -28.86
CA LEU A 117 15.34 -6.93 -28.63
C LEU A 117 16.15 -6.10 -27.64
N THR A 118 15.73 -4.88 -27.37
CA THR A 118 16.56 -3.89 -26.70
C THR A 118 15.95 -3.45 -25.37
N PRO A 119 16.73 -2.76 -24.52
CA PRO A 119 16.16 -2.28 -23.25
C PRO A 119 14.99 -1.32 -23.49
N GLN A 120 13.92 -1.47 -22.71
CA GLN A 120 12.75 -0.65 -22.94
C GLN A 120 12.76 0.69 -22.22
N LEU A 121 13.57 1.58 -22.76
CA LEU A 121 13.78 2.89 -22.19
C LEU A 121 13.53 3.94 -23.25
N ALA A 122 12.83 4.99 -22.85
CA ALA A 122 12.64 6.13 -23.71
C ALA A 122 13.55 7.25 -23.24
N ARG A 123 13.87 8.16 -24.13
CA ARG A 123 14.67 9.31 -23.78
C ARG A 123 13.74 10.50 -23.73
N VAL A 124 13.72 11.21 -22.61
CA VAL A 124 12.86 12.37 -22.44
C VAL A 124 13.69 13.65 -22.31
N VAL A 125 13.33 14.65 -23.11
CA VAL A 125 14.00 15.95 -23.11
C VAL A 125 13.21 16.92 -22.24
N SER A 126 13.89 17.90 -21.66
CA SER A 126 13.26 18.81 -20.69
C SER A 126 12.06 19.58 -21.24
N ASP A 127 11.99 19.76 -22.56
CA ASP A 127 10.85 20.45 -23.15
C ASP A 127 9.61 19.59 -23.30
N GLY A 128 9.74 18.29 -23.07
CA GLY A 128 8.61 17.37 -23.16
C GLY A 128 8.69 16.39 -24.30
N GLU A 129 9.71 16.50 -25.14
CA GLU A 129 9.86 15.60 -26.27
C GLU A 129 10.29 14.21 -25.82
N VAL A 130 9.65 13.19 -26.37
CA VAL A 130 10.00 11.83 -26.01
C VAL A 130 10.50 11.08 -27.21
N LEU A 131 11.51 10.25 -26.98
CA LEU A 131 12.15 9.52 -28.05
C LEU A 131 12.23 8.06 -27.67
N TYR A 132 11.41 7.24 -28.29
CA TYR A 132 11.42 5.83 -27.96
C TYR A 132 11.75 5.09 -29.24
N MET A 133 12.88 4.38 -29.24
CA MET A 133 13.37 3.71 -30.45
C MET A 133 13.82 2.32 -30.17
N PRO A 134 12.88 1.38 -30.05
CA PRO A 134 13.20 -0.02 -29.81
C PRO A 134 13.65 -0.73 -31.08
N SER A 135 14.50 -1.73 -30.91
CA SER A 135 14.81 -2.61 -32.01
C SER A 135 13.85 -3.82 -31.97
N ILE A 136 13.28 -4.16 -33.12
CA ILE A 136 12.19 -5.14 -33.17
C ILE A 136 12.41 -6.21 -34.23
N ARG A 137 12.24 -7.46 -33.84
CA ARG A 137 12.16 -8.55 -34.79
C ARG A 137 10.69 -8.93 -34.94
N GLN A 138 10.22 -8.99 -36.18
CA GLN A 138 8.83 -9.33 -36.46
C GLN A 138 8.63 -10.03 -37.80
N ARG A 139 7.70 -10.97 -37.87
CA ARG A 139 7.29 -11.56 -39.15
C ARG A 139 6.09 -10.81 -39.76
N PHE A 140 6.16 -10.60 -41.08
CA PHE A 140 5.13 -9.91 -41.83
C PHE A 140 4.66 -10.73 -43.02
N SER A 141 3.39 -10.55 -43.34
CA SER A 141 2.80 -11.07 -44.54
C SER A 141 2.80 -9.94 -45.56
N CYS A 142 3.49 -10.15 -46.67
CA CYS A 142 3.54 -9.15 -47.74
C CYS A 142 4.06 -9.75 -49.04
N ASP A 143 4.13 -8.93 -50.09
CA ASP A 143 4.49 -9.39 -51.42
C ASP A 143 5.98 -9.61 -51.58
N VAL A 144 6.36 -10.86 -51.74
CA VAL A 144 7.76 -11.27 -51.69
C VAL A 144 8.22 -11.65 -53.10
N SER A 145 7.25 -11.74 -54.00
CA SER A 145 7.51 -12.08 -55.39
C SER A 145 8.56 -11.16 -56.03
N GLY A 146 9.54 -11.76 -56.69
CA GLY A 146 10.53 -11.00 -57.38
C GLY A 146 11.75 -10.75 -56.53
N VAL A 147 11.78 -11.34 -55.34
CA VAL A 147 12.92 -11.17 -54.43
C VAL A 147 14.24 -11.64 -55.06
N ASP A 148 14.15 -12.62 -55.96
CA ASP A 148 15.34 -13.19 -56.60
C ASP A 148 15.61 -12.60 -57.98
N THR A 149 15.07 -11.42 -58.27
CA THR A 149 15.29 -10.77 -59.55
C THR A 149 16.05 -9.46 -59.36
N GLU A 150 16.37 -8.81 -60.47
CA GLU A 150 17.13 -7.56 -60.41
C GLU A 150 16.29 -6.45 -59.80
N SER A 151 15.00 -6.48 -60.10
CA SER A 151 14.08 -5.48 -59.61
C SER A 151 13.82 -5.67 -58.12
N GLY A 152 13.92 -6.92 -57.66
CA GLY A 152 13.67 -7.22 -56.26
C GLY A 152 12.18 -7.29 -55.94
N ALA A 153 11.87 -7.51 -54.66
CA ALA A 153 10.48 -7.50 -54.18
C ALA A 153 10.19 -6.16 -53.54
N THR A 154 8.92 -5.81 -53.49
CA THR A 154 8.52 -4.64 -52.72
C THR A 154 7.54 -5.05 -51.65
N CYS A 155 8.02 -5.03 -50.42
CA CYS A 155 7.22 -5.38 -49.27
C CYS A 155 6.70 -4.12 -48.58
N ARG A 156 5.42 -4.09 -48.29
CA ARG A 156 4.83 -2.92 -47.63
C ARG A 156 4.43 -3.24 -46.18
N ILE A 157 4.82 -2.36 -45.26
CA ILE A 157 4.41 -2.49 -43.87
C ILE A 157 3.58 -1.30 -43.46
N LYS A 158 2.37 -1.53 -42.97
CA LYS A 158 1.54 -0.44 -42.49
C LYS A 158 1.55 -0.39 -40.97
N ILE A 159 1.90 0.77 -40.45
CA ILE A 159 1.93 0.99 -39.02
C ILE A 159 1.02 2.16 -38.64
N GLY A 160 0.10 1.93 -37.70
CA GLY A 160 -0.83 2.96 -37.27
C GLY A 160 -1.23 2.81 -35.83
N SER A 161 -1.87 3.84 -35.25
CA SER A 161 -2.49 3.68 -33.96
C SER A 161 -3.59 2.66 -34.03
N TRP A 162 -3.61 1.75 -33.08
CA TRP A 162 -4.58 0.67 -33.07
C TRP A 162 -5.98 1.16 -32.65
N THR A 163 -6.08 2.03 -31.63
CA THR A 163 -7.38 2.41 -31.07
C THR A 163 -7.64 3.92 -31.05
N HIS A 164 -6.67 4.72 -31.48
CA HIS A 164 -6.87 6.16 -31.50
C HIS A 164 -7.02 6.67 -32.93
N HIS A 165 -8.13 7.36 -33.17
CA HIS A 165 -8.40 7.92 -34.49
C HIS A 165 -7.62 9.21 -34.73
N SER A 166 -7.80 9.77 -35.93
CA SER A 166 -6.96 10.85 -36.44
C SER A 166 -7.07 12.16 -35.67
N ARG A 167 -8.15 12.33 -34.91
CA ARG A 167 -8.31 13.52 -34.07
C ARG A 167 -7.58 13.38 -32.73
N GLU A 168 -7.14 12.18 -32.42
CA GLU A 168 -6.43 11.94 -31.16
C GLU A 168 -4.94 11.70 -31.41
N ILE A 169 -4.63 10.92 -32.44
CA ILE A 169 -3.24 10.65 -32.84
C ILE A 169 -3.08 10.81 -34.35
N SER A 170 -2.07 11.57 -34.77
CA SER A 170 -1.70 11.58 -36.17
C SER A 170 -0.31 11.01 -36.30
N VAL A 171 -0.10 10.11 -37.26
CA VAL A 171 1.25 9.59 -37.48
C VAL A 171 1.83 10.19 -38.75
N ASP A 172 3.12 10.49 -38.71
CA ASP A 172 3.76 11.15 -39.83
C ASP A 172 5.16 10.59 -39.98
N PRO A 173 5.55 10.27 -41.23
CA PRO A 173 6.91 9.78 -41.48
C PRO A 173 7.89 10.92 -41.38
N THR A 174 9.18 10.60 -41.27
CA THR A 174 10.23 11.60 -41.21
C THR A 174 11.52 11.03 -41.80
N SER A 178 19.17 10.46 -44.37
CA SER A 178 19.77 9.18 -43.99
C SER A 178 19.64 8.11 -45.07
N ASP A 179 20.78 7.55 -45.47
CA ASP A 179 20.84 6.42 -46.43
C ASP A 179 19.99 5.22 -45.96
N ASP A 180 19.21 4.65 -46.88
CA ASP A 180 18.25 3.58 -46.54
C ASP A 180 18.93 2.39 -45.85
N SER A 181 20.13 2.04 -46.32
CA SER A 181 20.88 0.95 -45.72
C SER A 181 21.90 1.42 -44.68
N GLU A 182 21.67 2.58 -44.06
CA GLU A 182 22.68 3.14 -43.16
C GLU A 182 22.98 2.21 -41.98
N TYR A 183 21.97 1.53 -41.46
CA TYR A 183 22.19 0.59 -40.39
C TYR A 183 21.92 -0.83 -40.82
N PHE A 184 21.83 -1.07 -42.12
CA PHE A 184 21.48 -2.40 -42.58
C PHE A 184 22.72 -3.30 -42.55
N SER A 185 22.54 -4.51 -42.02
CA SER A 185 23.64 -5.46 -41.85
C SER A 185 24.25 -5.83 -43.19
N GLN A 186 25.57 -5.73 -43.29
CA GLN A 186 26.25 -6.11 -44.52
C GLN A 186 26.33 -7.62 -44.68
N TYR A 187 25.91 -8.35 -43.64
CA TYR A 187 25.98 -9.81 -43.66
C TYR A 187 24.66 -10.50 -43.98
N SER A 188 23.62 -9.71 -44.21
CA SER A 188 22.35 -10.25 -44.66
C SER A 188 22.50 -10.94 -46.02
N ARG A 189 21.64 -11.92 -46.29
CA ARG A 189 21.55 -12.49 -47.64
C ARG A 189 20.92 -11.49 -48.62
N PHE A 190 20.38 -10.41 -48.10
CA PHE A 190 19.60 -9.48 -48.88
C PHE A 190 20.21 -8.11 -48.85
N GLU A 191 19.81 -7.30 -49.81
CA GLU A 191 20.25 -5.91 -49.88
C GLU A 191 19.05 -5.02 -50.14
N ILE A 192 19.12 -3.80 -49.63
CA ILE A 192 18.04 -2.86 -49.81
C ILE A 192 18.28 -2.00 -51.06
N LEU A 193 17.31 -2.01 -51.97
CA LEU A 193 17.35 -1.18 -53.17
C LEU A 193 16.75 0.20 -52.90
N ASP A 194 15.65 0.24 -52.16
CA ASP A 194 15.00 1.50 -51.82
C ASP A 194 13.98 1.35 -50.70
N VAL A 195 13.80 2.43 -49.94
CA VAL A 195 12.78 2.52 -48.90
C VAL A 195 12.00 3.83 -49.05
N THR A 196 10.67 3.73 -49.16
CA THR A 196 9.84 4.93 -49.17
C THR A 196 8.82 4.88 -48.03
N GLN A 197 8.47 6.05 -47.51
CA GLN A 197 7.49 6.15 -46.44
C GLN A 197 6.37 7.08 -46.86
N LYS A 198 5.13 6.57 -46.77
CA LYS A 198 3.95 7.30 -47.20
C LYS A 198 2.92 7.36 -46.05
N LYS A 199 2.16 8.44 -45.96
CA LYS A 199 1.13 8.56 -44.93
C LYS A 199 -0.27 8.27 -45.49
N ASN A 200 -1.11 7.62 -44.70
CA ASN A 200 -2.49 7.34 -45.09
C ASN A 200 -3.50 7.75 -44.03
N SER A 201 -4.73 7.97 -44.46
CA SER A 201 -5.83 8.22 -43.55
C SER A 201 -7.00 7.37 -44.03
N VAL A 202 -7.37 6.37 -43.24
CA VAL A 202 -8.30 5.35 -43.70
C VAL A 202 -9.52 5.24 -42.79
N THR A 203 -10.69 5.08 -43.40
CA THR A 203 -11.91 4.79 -42.66
C THR A 203 -12.21 3.30 -42.79
N TYR A 204 -12.46 2.64 -41.66
CA TYR A 204 -12.76 1.22 -41.68
C TYR A 204 -14.25 1.02 -41.60
N SER A 205 -14.71 -0.19 -41.90
CA SER A 205 -16.12 -0.50 -41.77
C SER A 205 -16.61 -0.46 -40.32
N CYS A 206 -15.68 -0.65 -39.38
CA CYS A 206 -16.03 -0.79 -37.97
C CYS A 206 -16.38 0.53 -37.25
N CYS A 207 -15.78 1.63 -37.70
CA CYS A 207 -15.85 2.90 -36.97
CA CYS A 207 -15.85 2.89 -36.97
C CYS A 207 -16.07 4.06 -37.92
N PRO A 208 -16.79 5.09 -37.47
CA PRO A 208 -17.02 6.23 -38.38
C PRO A 208 -15.77 7.05 -38.66
N GLU A 209 -14.77 7.03 -37.78
CA GLU A 209 -13.60 7.92 -37.91
C GLU A 209 -12.45 7.38 -38.76
N ALA A 210 -11.55 8.27 -39.16
CA ALA A 210 -10.37 7.86 -39.91
C ALA A 210 -9.17 7.54 -39.03
N TYR A 211 -8.43 6.49 -39.37
CA TYR A 211 -7.22 6.15 -38.62
C TYR A 211 -6.01 6.40 -39.48
N GLU A 212 -5.04 7.11 -38.92
CA GLU A 212 -3.83 7.41 -39.67
C GLU A 212 -2.82 6.27 -39.58
N ASP A 213 -2.08 6.08 -40.66
CA ASP A 213 -0.99 5.12 -40.67
C ASP A 213 0.16 5.56 -41.58
N VAL A 214 1.33 5.04 -41.32
CA VAL A 214 2.46 5.19 -42.21
C VAL A 214 2.64 3.89 -42.96
N GLU A 215 2.83 3.99 -44.27
CA GLU A 215 3.09 2.82 -45.07
C GLU A 215 4.55 2.91 -45.48
N VAL A 216 5.32 1.92 -45.09
CA VAL A 216 6.72 1.86 -45.43
C VAL A 216 6.89 0.84 -46.54
N SER A 217 7.53 1.25 -47.63
CA SER A 217 7.76 0.33 -48.75
C SER A 217 9.22 -0.04 -48.82
N LEU A 218 9.48 -1.32 -48.67
CA LEU A 218 10.85 -1.81 -48.70
C LEU A 218 11.08 -2.56 -50.02
N ASN A 219 11.95 -2.00 -50.86
CA ASN A 219 12.37 -2.67 -52.06
C ASN A 219 13.71 -3.35 -51.80
N PHE A 220 13.71 -4.68 -51.85
CA PHE A 220 14.91 -5.43 -51.51
C PHE A 220 15.04 -6.65 -52.44
N ARG A 221 16.25 -7.22 -52.52
CA ARG A 221 16.46 -8.44 -53.31
C ARG A 221 17.55 -9.30 -52.72
N LYS A 222 17.50 -10.58 -53.04
CA LYS A 222 18.59 -11.51 -52.73
C LYS A 222 19.88 -10.96 -53.36
N LYS A 223 20.98 -11.01 -52.63
CA LYS A 223 22.27 -10.64 -53.20
C LYS A 223 22.76 -11.70 -54.18
N GLY A 224 23.79 -11.38 -54.94
CA GLY A 224 24.43 -12.35 -55.81
C GLY A 224 25.85 -12.64 -55.40
N LEU B 20 -14.72 17.05 -16.34
CA LEU B 20 -14.17 15.79 -16.83
C LEU B 20 -13.30 15.98 -18.05
N ASP B 21 -12.03 15.60 -17.92
CA ASP B 21 -11.19 15.43 -19.09
C ASP B 21 -10.72 13.99 -19.10
N ARG B 22 -9.97 13.60 -20.13
CA ARG B 22 -9.48 12.24 -20.26
C ARG B 22 -8.79 11.70 -19.01
N ALA B 23 -7.96 12.52 -18.37
CA ALA B 23 -7.22 12.11 -17.17
C ALA B 23 -8.16 11.69 -16.04
N ASP B 24 -9.21 12.48 -15.86
CA ASP B 24 -10.20 12.22 -14.83
C ASP B 24 -10.99 10.94 -15.12
N ILE B 25 -11.47 10.81 -16.34
CA ILE B 25 -12.22 9.64 -16.73
C ILE B 25 -11.41 8.38 -16.50
N LEU B 26 -10.13 8.43 -16.83
CA LEU B 26 -9.30 7.25 -16.73
C LEU B 26 -8.95 6.95 -15.26
N TYR B 27 -8.81 8.01 -14.46
CA TYR B 27 -8.58 7.85 -13.04
C TYR B 27 -9.79 7.16 -12.42
N ASN B 28 -10.99 7.65 -12.73
CA ASN B 28 -12.21 7.08 -12.19
C ASN B 28 -12.41 5.62 -12.55
N ILE B 29 -12.13 5.29 -13.80
CA ILE B 29 -12.28 3.91 -14.25
C ILE B 29 -11.27 3.02 -13.55
N ARG B 30 -10.03 3.49 -13.44
CA ARG B 30 -9.01 2.72 -12.74
C ARG B 30 -9.38 2.49 -11.26
N GLN B 31 -9.81 3.55 -10.59
CA GLN B 31 -10.15 3.48 -9.17
C GLN B 31 -11.40 2.65 -8.83
N THR B 32 -12.34 2.56 -9.77
N THR B 32 -12.39 2.67 -9.72
CA THR B 32 -13.62 1.88 -9.54
CA THR B 32 -13.65 2.03 -9.44
C THR B 32 -14.24 1.24 -10.78
C THR B 32 -13.70 0.75 -10.24
N SER B 33 -13.85 0.02 -11.13
N SER B 33 -12.53 0.39 -10.76
CA SER B 33 -14.52 -0.62 -12.28
CA SER B 33 -12.39 -0.80 -11.58
C SER B 33 -14.59 -2.14 -12.18
C SER B 33 -12.79 -2.03 -10.79
N ARG B 34 -13.80 -2.72 -11.27
CA ARG B 34 -14.01 -4.10 -10.86
C ARG B 34 -13.93 -5.07 -12.03
N PRO B 35 -12.70 -5.32 -12.51
CA PRO B 35 -12.51 -6.16 -13.69
C PRO B 35 -12.93 -7.61 -13.46
N ASP B 36 -13.20 -7.93 -12.20
CA ASP B 36 -13.56 -9.29 -11.83
C ASP B 36 -15.08 -9.49 -11.78
N VAL B 37 -15.83 -8.41 -11.94
CA VAL B 37 -17.29 -8.46 -11.81
C VAL B 37 -18.03 -8.34 -13.14
N ILE B 38 -18.75 -9.38 -13.52
CA ILE B 38 -19.57 -9.35 -14.71
C ILE B 38 -20.68 -8.31 -14.56
N PRO B 39 -20.79 -7.37 -15.52
CA PRO B 39 -21.73 -6.24 -15.38
C PRO B 39 -23.16 -6.58 -15.76
N THR B 40 -23.78 -7.53 -15.08
CA THR B 40 -25.17 -7.88 -15.37
C THR B 40 -26.13 -6.78 -14.90
N GLN B 41 -27.16 -6.50 -15.72
CA GLN B 41 -28.23 -5.56 -15.38
C GLN B 41 -29.55 -6.29 -15.13
N ARG B 42 -30.12 -6.10 -13.95
CA ARG B 42 -31.42 -6.69 -13.58
C ARG B 42 -31.37 -8.21 -13.62
N ASP B 43 -30.18 -8.77 -13.39
CA ASP B 43 -29.93 -10.20 -13.54
C ASP B 43 -30.38 -10.78 -14.90
N ARG B 44 -30.41 -9.92 -15.91
CA ARG B 44 -30.47 -10.36 -17.31
C ARG B 44 -29.04 -10.65 -17.74
N PRO B 45 -28.89 -11.42 -18.82
CA PRO B 45 -27.51 -11.70 -19.23
C PRO B 45 -26.85 -10.50 -19.90
N VAL B 46 -25.53 -10.42 -19.76
CA VAL B 46 -24.74 -9.46 -20.51
C VAL B 46 -24.76 -9.92 -21.96
N ALA B 47 -25.23 -9.06 -22.86
CA ALA B 47 -25.21 -9.37 -24.27
C ALA B 47 -23.84 -9.02 -24.86
N VAL B 48 -23.13 -10.04 -25.35
CA VAL B 48 -21.84 -9.85 -25.96
C VAL B 48 -21.93 -10.12 -27.46
N SER B 49 -21.57 -9.14 -28.28
CA SER B 49 -21.51 -9.31 -29.73
C SER B 49 -20.11 -9.74 -30.13
N VAL B 50 -20.02 -10.76 -30.98
CA VAL B 50 -18.74 -11.25 -31.48
C VAL B 50 -18.80 -11.47 -32.99
N SER B 51 -17.79 -10.99 -33.70
CA SER B 51 -17.67 -11.28 -35.12
C SER B 51 -16.20 -11.33 -35.48
N LEU B 52 -15.82 -12.36 -36.22
CA LEU B 52 -14.44 -12.51 -36.66
C LEU B 52 -14.27 -11.93 -38.05
N LYS B 53 -13.21 -11.15 -38.22
CA LYS B 53 -12.76 -10.70 -39.53
C LYS B 53 -11.47 -11.42 -39.79
N PHE B 54 -11.44 -12.26 -40.81
CA PHE B 54 -10.21 -13.00 -41.10
C PHE B 54 -9.21 -12.12 -41.82
N ILE B 55 -7.96 -12.19 -41.36
CA ILE B 55 -6.90 -11.38 -41.91
C ILE B 55 -5.97 -12.26 -42.76
N ASN B 56 -5.73 -13.48 -42.31
CA ASN B 56 -4.79 -14.36 -42.98
C ASN B 56 -4.96 -15.82 -42.55
N ILE B 57 -4.67 -16.72 -43.47
CA ILE B 57 -4.61 -18.15 -43.19
C ILE B 57 -3.19 -18.55 -43.56
N LEU B 58 -2.45 -19.08 -42.61
CA LEU B 58 -1.01 -19.14 -42.76
C LEU B 58 -0.53 -20.53 -43.08
N GLU B 59 -0.99 -21.49 -42.30
CA GLU B 59 -0.54 -22.86 -42.49
C GLU B 59 -1.75 -23.76 -42.45
N VAL B 60 -1.82 -24.62 -43.42
CA VAL B 60 -2.91 -25.55 -43.51
C VAL B 60 -2.28 -26.91 -43.66
N ASN B 61 -2.81 -27.89 -42.94
CA ASN B 61 -2.32 -29.25 -43.02
C ASN B 61 -3.50 -30.17 -43.20
N GLU B 62 -3.66 -30.70 -44.41
CA GLU B 62 -4.85 -31.49 -44.73
C GLU B 62 -4.77 -32.86 -44.06
N ILE B 63 -3.54 -33.29 -43.77
CA ILE B 63 -3.34 -34.58 -43.14
C ILE B 63 -3.77 -34.55 -41.67
N THR B 64 -3.25 -33.59 -40.91
CA THR B 64 -3.53 -33.48 -39.49
C THR B 64 -4.80 -32.67 -39.19
N ASN B 65 -5.38 -32.04 -40.20
CA ASN B 65 -6.59 -31.24 -40.04
C ASN B 65 -6.37 -30.06 -39.09
N GLU B 66 -5.29 -29.33 -39.31
CA GLU B 66 -4.97 -28.20 -38.49
C GLU B 66 -4.80 -26.96 -39.38
N VAL B 67 -5.28 -25.83 -38.90
CA VAL B 67 -5.15 -24.60 -39.65
C VAL B 67 -4.64 -23.48 -38.74
N ASP B 68 -3.77 -22.64 -39.28
CA ASP B 68 -3.24 -21.51 -38.54
C ASP B 68 -3.84 -20.21 -39.10
N VAL B 69 -4.52 -19.45 -38.26
CA VAL B 69 -5.33 -18.33 -38.71
C VAL B 69 -4.95 -17.03 -38.01
N VAL B 70 -5.01 -15.92 -38.72
CA VAL B 70 -4.95 -14.62 -38.07
C VAL B 70 -6.31 -13.93 -38.25
N PHE B 71 -6.90 -13.44 -37.17
CA PHE B 71 -8.21 -12.82 -37.26
C PHE B 71 -8.38 -11.67 -36.27
N TRP B 72 -9.29 -10.74 -36.60
CA TRP B 72 -9.70 -9.72 -35.64
C TRP B 72 -10.96 -10.19 -34.92
N GLN B 73 -10.92 -10.22 -33.60
CA GLN B 73 -12.08 -10.65 -32.83
C GLN B 73 -12.82 -9.40 -32.31
N GLN B 74 -13.80 -8.91 -33.07
CA GLN B 74 -14.54 -7.74 -32.63
C GLN B 74 -15.48 -8.18 -31.54
N THR B 75 -15.36 -7.55 -30.39
CA THR B 75 -16.17 -7.89 -29.24
C THR B 75 -16.76 -6.64 -28.64
N THR B 76 -18.02 -6.70 -28.26
CA THR B 76 -18.77 -5.52 -27.91
C THR B 76 -19.73 -5.89 -26.82
N TRP B 77 -19.84 -5.05 -25.80
CA TRP B 77 -20.82 -5.29 -24.73
C TRP B 77 -21.01 -4.01 -23.98
N SER B 78 -22.01 -3.98 -23.10
CA SER B 78 -22.27 -2.81 -22.25
C SER B 78 -21.83 -3.04 -20.83
N ASP B 79 -21.17 -2.04 -20.27
CA ASP B 79 -20.86 -2.01 -18.85
C ASP B 79 -21.26 -0.62 -18.37
N ARG B 80 -22.47 -0.51 -17.86
CA ARG B 80 -23.01 0.79 -17.46
C ARG B 80 -22.25 1.42 -16.29
N THR B 81 -21.53 0.60 -15.53
CA THR B 81 -20.71 1.10 -14.44
C THR B 81 -19.50 1.92 -14.94
N LEU B 82 -19.27 1.92 -16.24
CA LEU B 82 -18.18 2.69 -16.85
C LEU B 82 -18.67 4.04 -17.39
N ALA B 83 -19.98 4.23 -17.45
CA ALA B 83 -20.58 5.43 -18.00
C ALA B 83 -20.16 6.74 -17.31
N TRP B 84 -20.14 7.83 -18.08
CA TRP B 84 -19.98 9.17 -17.51
C TRP B 84 -20.79 10.20 -18.31
N ASN B 85 -21.02 11.35 -17.71
CA ASN B 85 -21.71 12.45 -18.39
C ASN B 85 -20.74 13.11 -19.36
N SER B 86 -21.00 12.96 -20.65
CA SER B 86 -20.06 13.48 -21.66
C SER B 86 -20.38 14.89 -22.19
N SER B 87 -21.05 15.70 -21.36
CA SER B 87 -21.22 17.13 -21.67
C SER B 87 -19.89 17.84 -21.40
N HIS B 88 -19.34 18.47 -22.43
CA HIS B 88 -18.03 19.12 -22.33
C HIS B 88 -16.95 18.14 -21.86
N SER B 89 -17.03 16.92 -22.38
CA SER B 89 -16.09 15.86 -22.02
C SER B 89 -15.87 15.02 -23.25
N PRO B 90 -14.75 14.29 -23.29
CA PRO B 90 -14.54 13.30 -24.34
C PRO B 90 -15.68 12.29 -24.40
N ASP B 91 -16.05 11.89 -25.60
CA ASP B 91 -17.09 10.90 -25.75
C ASP B 91 -16.55 9.48 -25.56
N GLN B 92 -15.23 9.32 -25.71
CA GLN B 92 -14.59 8.01 -25.69
C GLN B 92 -13.17 8.08 -25.15
N VAL B 93 -12.73 6.97 -24.56
CA VAL B 93 -11.36 6.79 -24.12
C VAL B 93 -10.86 5.39 -24.46
N SER B 94 -9.54 5.24 -24.50
CA SER B 94 -8.94 3.92 -24.62
C SER B 94 -8.45 3.51 -23.25
N VAL B 95 -8.73 2.27 -22.89
CA VAL B 95 -8.48 1.77 -21.56
C VAL B 95 -7.78 0.42 -21.64
N PRO B 96 -6.72 0.21 -20.84
CA PRO B 96 -6.09 -1.11 -20.78
C PRO B 96 -7.10 -2.15 -20.30
N ILE B 97 -7.15 -3.32 -20.93
CA ILE B 97 -8.17 -4.29 -20.56
C ILE B 97 -7.98 -4.89 -19.16
N SER B 98 -6.82 -4.70 -18.57
CA SER B 98 -6.62 -5.12 -17.18
C SER B 98 -7.44 -4.26 -16.21
N SER B 99 -7.93 -3.12 -16.65
CA SER B 99 -8.78 -2.26 -15.81
C SER B 99 -10.27 -2.51 -16.04
N LEU B 100 -10.61 -3.43 -16.92
CA LEU B 100 -12.02 -3.64 -17.30
C LEU B 100 -12.43 -5.07 -17.10
N TRP B 101 -13.71 -5.30 -16.85
CA TRP B 101 -14.24 -6.63 -17.04
C TRP B 101 -14.25 -6.92 -18.52
N VAL B 102 -13.79 -8.12 -18.88
CA VAL B 102 -13.76 -8.57 -20.25
C VAL B 102 -14.34 -9.98 -20.27
N PRO B 103 -15.20 -10.29 -21.26
CA PRO B 103 -15.79 -11.63 -21.33
C PRO B 103 -14.76 -12.73 -21.54
N ASP B 104 -14.95 -13.87 -20.86
CA ASP B 104 -14.02 -15.01 -20.92
C ASP B 104 -14.30 -15.91 -22.14
N LEU B 105 -14.16 -15.34 -23.34
CA LEU B 105 -14.43 -16.11 -24.54
C LEU B 105 -13.32 -17.11 -24.81
N ALA B 106 -13.67 -18.28 -25.29
CA ALA B 106 -12.68 -19.26 -25.70
C ALA B 106 -13.17 -19.96 -26.94
N ALA B 107 -12.23 -20.32 -27.80
CA ALA B 107 -12.52 -21.10 -28.98
C ALA B 107 -12.44 -22.56 -28.58
N TYR B 108 -13.57 -23.27 -28.70
CA TYR B 108 -13.64 -24.66 -28.25
C TYR B 108 -12.66 -25.57 -29.00
N ASN B 109 -12.36 -25.24 -30.26
CA ASN B 109 -11.52 -26.17 -31.03
C ASN B 109 -10.08 -25.67 -31.27
N ALA B 110 -9.66 -24.71 -30.45
CA ALA B 110 -8.27 -24.25 -30.47
C ALA B 110 -7.30 -25.31 -29.97
N ILE B 111 -6.10 -25.33 -30.55
CA ILE B 111 -5.09 -26.30 -30.13
C ILE B 111 -3.77 -25.62 -29.76
N SER B 112 -3.82 -24.31 -29.70
CA SER B 112 -2.72 -23.50 -29.19
C SER B 112 -3.33 -22.34 -28.41
N LYS B 113 -2.57 -21.67 -27.56
CA LYS B 113 -3.16 -20.52 -26.90
C LYS B 113 -3.19 -19.33 -27.82
N PRO B 114 -4.20 -18.46 -27.65
CA PRO B 114 -4.28 -17.33 -28.58
C PRO B 114 -3.07 -16.43 -28.38
N GLU B 115 -2.42 -16.05 -29.48
CA GLU B 115 -1.30 -15.14 -29.46
C GLU B 115 -1.84 -13.77 -29.87
N VAL B 116 -1.98 -12.86 -28.90
CA VAL B 116 -2.50 -11.52 -29.20
C VAL B 116 -1.40 -10.70 -29.81
N LEU B 117 -1.64 -10.20 -31.03
CA LEU B 117 -0.61 -9.48 -31.79
C LEU B 117 -0.62 -7.96 -31.57
N THR B 118 -1.72 -7.43 -31.07
CA THR B 118 -1.93 -5.99 -30.97
C THR B 118 -1.94 -5.45 -29.53
N PRO B 119 -1.87 -4.12 -29.36
CA PRO B 119 -1.94 -3.53 -28.00
C PRO B 119 -3.26 -3.87 -27.29
N GLN B 120 -3.20 -4.23 -26.01
CA GLN B 120 -4.39 -4.68 -25.33
C GLN B 120 -5.22 -3.58 -24.70
N LEU B 121 -5.90 -2.86 -25.57
CA LEU B 121 -6.68 -1.69 -25.18
C LEU B 121 -8.08 -1.87 -25.70
N ALA B 122 -9.05 -1.57 -24.85
CA ALA B 122 -10.43 -1.50 -25.26
C ALA B 122 -10.82 -0.05 -25.44
N ARG B 123 -11.83 0.20 -26.26
CA ARG B 123 -12.35 1.54 -26.44
C ARG B 123 -13.65 1.63 -25.68
N VAL B 124 -13.79 2.61 -24.81
CA VAL B 124 -14.98 2.77 -23.99
C VAL B 124 -15.72 4.06 -24.36
N VAL B 125 -17.02 3.95 -24.59
CA VAL B 125 -17.86 5.09 -24.92
C VAL B 125 -18.57 5.57 -23.66
N SER B 126 -18.91 6.86 -23.62
CA SER B 126 -19.48 7.46 -22.40
C SER B 126 -20.76 6.81 -21.91
N ASP B 127 -21.50 6.15 -22.81
CA ASP B 127 -22.74 5.49 -22.42
C ASP B 127 -22.52 4.12 -21.76
N GLY B 128 -21.28 3.63 -21.79
CA GLY B 128 -20.94 2.35 -21.20
C GLY B 128 -20.58 1.26 -22.20
N GLU B 129 -20.68 1.55 -23.48
CA GLU B 129 -20.36 0.55 -24.47
C GLU B 129 -18.85 0.32 -24.59
N VAL B 130 -18.46 -0.94 -24.69
CA VAL B 130 -17.06 -1.28 -24.77
C VAL B 130 -16.80 -2.02 -26.06
N LEU B 131 -15.75 -1.65 -26.77
CA LEU B 131 -15.34 -2.37 -27.98
C LEU B 131 -13.90 -2.87 -27.80
N TYR B 132 -13.72 -4.19 -27.77
CA TYR B 132 -12.40 -4.78 -27.65
C TYR B 132 -12.18 -5.59 -28.89
N MET B 133 -11.17 -5.20 -29.66
CA MET B 133 -10.95 -5.83 -30.96
C MET B 133 -9.49 -6.22 -31.17
N PRO B 134 -9.06 -7.29 -30.49
CA PRO B 134 -7.67 -7.71 -30.66
C PRO B 134 -7.45 -8.48 -31.95
N SER B 135 -6.23 -8.40 -32.47
CA SER B 135 -5.84 -9.27 -33.56
C SER B 135 -5.16 -10.50 -32.97
N ILE B 136 -5.54 -11.69 -33.44
CA ILE B 136 -5.13 -12.94 -32.82
C ILE B 136 -4.64 -13.94 -33.85
N ARG B 137 -3.48 -14.54 -33.57
CA ARG B 137 -3.02 -15.70 -34.28
C ARG B 137 -3.29 -16.95 -33.45
N GLN B 138 -3.94 -17.95 -34.04
CA GLN B 138 -4.25 -19.17 -33.32
C GLN B 138 -4.35 -20.38 -34.23
N ARG B 139 -3.94 -21.55 -33.72
CA ARG B 139 -4.07 -22.80 -34.48
CA ARG B 139 -4.07 -22.80 -34.47
C ARG B 139 -5.37 -23.48 -34.07
N PHE B 140 -6.06 -24.08 -35.06
CA PHE B 140 -7.33 -24.76 -34.84
C PHE B 140 -7.34 -26.15 -35.44
N SER B 141 -8.07 -27.03 -34.78
CA SER B 141 -8.38 -28.32 -35.33
C SER B 141 -9.75 -28.24 -36.02
N CYS B 142 -9.78 -28.52 -37.30
CA CYS B 142 -11.05 -28.51 -38.03
C CYS B 142 -10.91 -29.18 -39.39
N ASP B 143 -12.03 -29.26 -40.11
CA ASP B 143 -12.08 -30.00 -41.36
C ASP B 143 -11.43 -29.21 -42.52
N VAL B 144 -10.29 -29.71 -42.97
CA VAL B 144 -9.45 -29.02 -43.93
C VAL B 144 -9.56 -29.72 -45.29
N SER B 145 -10.21 -30.88 -45.30
CA SER B 145 -10.45 -31.63 -46.54
C SER B 145 -11.11 -30.78 -47.63
N GLY B 146 -10.54 -30.83 -48.83
CA GLY B 146 -11.11 -30.14 -49.95
C GLY B 146 -10.53 -28.75 -50.14
N VAL B 147 -9.49 -28.43 -49.38
CA VAL B 147 -8.88 -27.11 -49.43
C VAL B 147 -8.28 -26.84 -50.81
N ASP B 148 -7.89 -27.90 -51.50
CA ASP B 148 -7.26 -27.80 -52.81
C ASP B 148 -8.22 -28.06 -53.97
N THR B 149 -9.51 -27.91 -53.72
CA THR B 149 -10.53 -28.08 -54.75
C THR B 149 -11.29 -26.79 -55.01
N GLU B 150 -12.20 -26.82 -55.97
CA GLU B 150 -12.96 -25.64 -56.35
C GLU B 150 -13.93 -25.25 -55.26
N SER B 151 -14.46 -26.26 -54.57
CA SER B 151 -15.40 -26.02 -53.49
C SER B 151 -14.72 -25.52 -52.22
N GLY B 152 -13.43 -25.85 -52.07
CA GLY B 152 -12.69 -25.43 -50.92
C GLY B 152 -13.03 -26.25 -49.69
N ALA B 153 -12.40 -25.90 -48.57
CA ALA B 153 -12.69 -26.53 -47.30
C ALA B 153 -13.66 -25.67 -46.52
N THR B 154 -14.37 -26.29 -45.57
CA THR B 154 -15.18 -25.52 -44.64
C THR B 154 -14.73 -25.80 -43.23
N CYS B 155 -14.08 -24.80 -42.64
CA CYS B 155 -13.55 -24.87 -41.31
C CYS B 155 -14.48 -24.15 -40.34
N ARG B 156 -14.84 -24.80 -39.23
CA ARG B 156 -15.76 -24.21 -38.26
C ARG B 156 -15.03 -23.88 -36.96
N ILE B 157 -15.26 -22.68 -36.45
CA ILE B 157 -14.67 -22.26 -35.19
C ILE B 157 -15.80 -21.90 -34.23
N LYS B 158 -15.82 -22.53 -33.06
CA LYS B 158 -16.85 -22.23 -32.07
C LYS B 158 -16.26 -21.41 -30.94
N ILE B 159 -16.85 -20.25 -30.72
CA ILE B 159 -16.41 -19.36 -29.66
C ILE B 159 -17.55 -19.12 -28.69
N GLY B 160 -17.31 -19.39 -27.41
CA GLY B 160 -18.30 -19.15 -26.39
C GLY B 160 -17.70 -18.74 -25.05
N SER B 161 -18.54 -18.30 -24.13
CA SER B 161 -18.06 -18.04 -22.78
C SER B 161 -17.64 -19.36 -22.14
N TRP B 162 -16.47 -19.36 -21.52
CA TRP B 162 -15.92 -20.57 -20.95
C TRP B 162 -16.65 -20.98 -19.66
N THR B 163 -16.95 -20.02 -18.79
CA THR B 163 -17.50 -20.33 -17.46
C THR B 163 -18.84 -19.69 -17.16
N HIS B 164 -19.31 -18.79 -18.03
CA HIS B 164 -20.61 -18.20 -17.79
C HIS B 164 -21.70 -18.84 -18.67
N HIS B 165 -22.78 -19.31 -18.05
CA HIS B 165 -23.91 -19.86 -18.79
C HIS B 165 -24.83 -18.78 -19.37
N SER B 166 -25.83 -19.22 -20.13
CA SER B 166 -26.66 -18.36 -20.95
C SER B 166 -27.46 -17.29 -20.19
N ARG B 167 -27.68 -17.50 -18.91
CA ARG B 167 -28.37 -16.51 -18.10
C ARG B 167 -27.45 -15.40 -17.58
N GLU B 168 -26.15 -15.61 -17.74
CA GLU B 168 -25.18 -14.59 -17.35
C GLU B 168 -24.57 -13.88 -18.57
N ILE B 169 -24.24 -14.66 -19.60
CA ILE B 169 -23.67 -14.15 -20.83
C ILE B 169 -24.39 -14.77 -22.03
N SER B 170 -24.85 -13.93 -22.95
CA SER B 170 -25.30 -14.42 -24.23
C SER B 170 -24.36 -13.90 -25.31
N VAL B 171 -23.95 -14.77 -26.24
CA VAL B 171 -23.15 -14.32 -27.38
C VAL B 171 -23.97 -14.30 -28.67
N ASP B 172 -23.75 -13.29 -29.48
CA ASP B 172 -24.54 -13.09 -30.68
C ASP B 172 -23.64 -12.58 -31.76
N PRO B 173 -23.75 -13.15 -32.97
CA PRO B 173 -22.97 -12.66 -34.11
C PRO B 173 -23.49 -11.27 -34.48
N THR B 174 -22.63 -10.40 -35.01
CA THR B 174 -23.07 -9.04 -35.36
C THR B 174 -24.07 -9.00 -36.53
N ASN B 177 -24.51 -9.21 -42.67
CA ASN B 177 -24.14 -8.70 -43.99
C ASN B 177 -22.93 -7.79 -43.95
N SER B 178 -21.84 -8.23 -44.59
CA SER B 178 -20.64 -7.42 -44.75
C SER B 178 -19.81 -8.02 -45.88
N ASP B 179 -18.59 -7.51 -46.05
CA ASP B 179 -17.66 -8.14 -46.99
C ASP B 179 -16.65 -9.03 -46.24
N ASP B 180 -16.69 -10.33 -46.54
CA ASP B 180 -15.88 -11.34 -45.86
C ASP B 180 -14.36 -11.13 -46.00
N SER B 181 -13.94 -10.78 -47.21
CA SER B 181 -12.53 -10.67 -47.53
C SER B 181 -12.05 -9.25 -47.31
N GLU B 182 -12.86 -8.46 -46.63
CA GLU B 182 -12.61 -7.03 -46.58
C GLU B 182 -11.23 -6.67 -46.02
N TYR B 183 -10.76 -7.41 -45.03
CA TYR B 183 -9.44 -7.17 -44.46
C TYR B 183 -8.52 -8.36 -44.71
N PHE B 184 -8.96 -9.29 -45.54
CA PHE B 184 -8.16 -10.48 -45.78
C PHE B 184 -6.94 -10.16 -46.66
N SER B 185 -5.77 -10.61 -46.24
CA SER B 185 -4.53 -10.36 -46.97
C SER B 185 -4.59 -10.89 -48.40
N GLN B 186 -4.27 -10.04 -49.37
CA GLN B 186 -4.19 -10.48 -50.77
C GLN B 186 -2.97 -11.33 -51.04
N TYR B 187 -2.06 -11.42 -50.08
CA TYR B 187 -0.82 -12.17 -50.28
C TYR B 187 -0.84 -13.57 -49.66
N SER B 188 -1.93 -13.94 -49.02
CA SER B 188 -2.15 -15.31 -48.56
C SER B 188 -2.12 -16.32 -49.72
N ARG B 189 -1.74 -17.56 -49.43
CA ARG B 189 -1.86 -18.64 -50.41
C ARG B 189 -3.32 -19.02 -50.59
N PHE B 190 -4.19 -18.47 -49.75
CA PHE B 190 -5.56 -18.91 -49.74
C PHE B 190 -6.49 -17.75 -50.03
N GLU B 191 -7.72 -18.08 -50.43
CA GLU B 191 -8.75 -17.09 -50.62
C GLU B 191 -10.04 -17.52 -49.91
N ILE B 192 -10.81 -16.54 -49.47
CA ILE B 192 -12.06 -16.82 -48.79
C ILE B 192 -13.22 -16.85 -49.77
N LEU B 193 -13.97 -17.94 -49.77
CA LEU B 193 -15.12 -18.08 -50.66
C LEU B 193 -16.34 -17.59 -49.94
N ASP B 194 -16.45 -17.87 -48.64
CA ASP B 194 -17.59 -17.44 -47.85
C ASP B 194 -17.36 -17.57 -46.32
N VAL B 195 -18.06 -16.74 -45.55
CA VAL B 195 -18.02 -16.79 -44.12
C VAL B 195 -19.45 -16.67 -43.60
N THR B 196 -19.88 -17.60 -42.77
CA THR B 196 -21.19 -17.50 -42.13
C THR B 196 -21.05 -17.62 -40.62
N GLN B 197 -21.91 -16.92 -39.90
CA GLN B 197 -21.88 -16.91 -38.45
C GLN B 197 -23.23 -17.36 -37.91
N LYS B 198 -23.21 -18.37 -37.05
CA LYS B 198 -24.43 -18.97 -36.52
C LYS B 198 -24.36 -19.01 -34.97
N LYS B 199 -25.50 -18.86 -34.30
CA LYS B 199 -25.51 -18.91 -32.85
C LYS B 199 -26.03 -20.24 -32.33
N ASN B 200 -25.41 -20.77 -31.28
CA ASN B 200 -25.85 -22.01 -30.64
C ASN B 200 -26.07 -21.88 -29.14
N SER B 201 -26.87 -22.77 -28.61
CA SER B 201 -27.09 -22.86 -27.17
C SER B 201 -27.00 -24.32 -26.80
N VAL B 202 -25.98 -24.69 -26.02
CA VAL B 202 -25.66 -26.09 -25.83
C VAL B 202 -25.62 -26.45 -24.36
N THR B 203 -26.10 -27.63 -24.02
CA THR B 203 -25.97 -28.18 -22.67
C THR B 203 -24.95 -29.31 -22.71
N TYR B 204 -24.08 -29.39 -21.72
CA TYR B 204 -23.07 -30.43 -21.74
C TYR B 204 -23.36 -31.41 -20.62
N SER B 205 -22.82 -32.61 -20.69
CA SER B 205 -23.08 -33.64 -19.68
C SER B 205 -22.47 -33.25 -18.34
N CYS B 206 -21.45 -32.41 -18.39
CA CYS B 206 -20.73 -31.95 -17.22
C CYS B 206 -21.57 -31.06 -16.30
N CYS B 207 -22.48 -30.28 -16.89
CA CYS B 207 -23.13 -29.16 -16.19
C CYS B 207 -24.62 -29.04 -16.58
N PRO B 208 -25.46 -28.64 -15.61
CA PRO B 208 -26.91 -28.56 -15.81
C PRO B 208 -27.37 -27.42 -16.72
N GLU B 209 -26.68 -26.28 -16.69
CA GLU B 209 -27.05 -25.09 -17.49
C GLU B 209 -26.52 -25.14 -18.91
N ALA B 210 -27.02 -24.22 -19.74
CA ALA B 210 -26.71 -24.11 -21.15
C ALA B 210 -25.69 -22.99 -21.43
N TYR B 211 -24.84 -23.20 -22.43
CA TYR B 211 -23.80 -22.24 -22.77
C TYR B 211 -23.95 -21.80 -24.21
N GLU B 212 -24.01 -20.49 -24.41
CA GLU B 212 -24.09 -19.95 -25.77
C GLU B 212 -22.73 -19.85 -26.45
N ASP B 213 -22.72 -20.11 -27.75
CA ASP B 213 -21.53 -19.88 -28.56
C ASP B 213 -21.91 -19.35 -29.95
N VAL B 214 -20.93 -18.77 -30.62
CA VAL B 214 -21.06 -18.42 -32.02
C VAL B 214 -20.23 -19.41 -32.81
N GLU B 215 -20.80 -19.97 -33.86
CA GLU B 215 -20.09 -20.86 -34.75
C GLU B 215 -19.81 -20.10 -36.06
N VAL B 216 -18.53 -19.94 -36.37
CA VAL B 216 -18.14 -19.22 -37.56
C VAL B 216 -17.66 -20.22 -38.59
N SER B 217 -18.28 -20.19 -39.78
CA SER B 217 -17.91 -21.14 -40.82
C SER B 217 -17.10 -20.46 -41.90
N LEU B 218 -15.88 -20.90 -42.07
CA LEU B 218 -14.99 -20.28 -43.03
C LEU B 218 -14.83 -21.21 -44.23
N ASN B 219 -15.34 -20.79 -45.37
CA ASN B 219 -15.17 -21.53 -46.61
C ASN B 219 -14.00 -20.92 -47.40
N PHE B 220 -12.91 -21.67 -47.53
CA PHE B 220 -11.71 -21.14 -48.15
C PHE B 220 -11.05 -22.21 -49.03
N ARG B 221 -10.16 -21.78 -49.94
CA ARG B 221 -9.41 -22.72 -50.77
C ARG B 221 -8.06 -22.18 -51.13
N LYS B 222 -7.15 -23.08 -51.51
CA LYS B 222 -5.84 -22.65 -52.02
C LYS B 222 -6.01 -21.86 -53.33
N LYS B 223 -5.24 -20.78 -53.50
CA LYS B 223 -5.23 -20.06 -54.76
C LYS B 223 -4.65 -20.98 -55.83
N GLY B 224 -5.08 -20.80 -57.08
CA GLY B 224 -4.70 -21.68 -58.16
C GLY B 224 -5.81 -22.65 -58.55
N ARG B 225 -6.72 -22.94 -57.63
CA ARG B 225 -7.75 -23.97 -57.87
C ARG B 225 -9.06 -23.39 -58.41
N SER B 226 -8.98 -22.57 -59.47
CA SER B 226 -10.17 -21.93 -60.08
C SER B 226 -10.04 -21.61 -61.57
N GLU B 227 -8.98 -22.11 -62.20
CA GLU B 227 -8.69 -21.78 -63.60
C GLU B 227 -9.82 -22.10 -64.56
N ILE B 228 -9.93 -21.29 -65.61
CA ILE B 228 -10.87 -21.56 -66.70
C ILE B 228 -10.09 -21.71 -68.02
N LEU B 229 -8.89 -21.14 -68.05
CA LEU B 229 -8.04 -21.19 -69.22
C LEU B 229 -7.06 -22.36 -69.10
N LEU C 20 -26.92 -9.78 -0.94
CA LEU C 20 -25.55 -9.94 -1.43
C LEU C 20 -25.61 -9.96 -2.92
N ASP C 21 -24.72 -9.24 -3.57
CA ASP C 21 -24.64 -9.33 -5.02
C ASP C 21 -23.26 -9.83 -5.46
N ARG C 22 -23.07 -9.99 -6.76
CA ARG C 22 -21.79 -10.51 -7.25
CA ARG C 22 -21.80 -10.50 -7.29
C ARG C 22 -20.61 -9.63 -6.87
N ALA C 23 -20.79 -8.31 -6.89
CA ALA C 23 -19.71 -7.40 -6.51
C ALA C 23 -19.24 -7.62 -5.08
N ASP C 24 -20.20 -7.79 -4.18
CA ASP C 24 -19.90 -8.03 -2.77
C ASP C 24 -19.21 -9.38 -2.56
N ILE C 25 -19.79 -10.42 -3.14
CA ILE C 25 -19.23 -11.75 -3.00
C ILE C 25 -17.78 -11.79 -3.48
N LEU C 26 -17.51 -11.17 -4.63
CA LEU C 26 -16.15 -11.14 -5.16
C LEU C 26 -15.22 -10.28 -4.33
N TYR C 27 -15.72 -9.17 -3.80
CA TYR C 27 -14.92 -8.34 -2.93
C TYR C 27 -14.48 -9.14 -1.69
N ASN C 28 -15.45 -9.80 -1.04
CA ASN C 28 -15.15 -10.60 0.14
C ASN C 28 -14.16 -11.72 -0.11
N ILE C 29 -14.35 -12.44 -1.22
CA ILE C 29 -13.40 -13.48 -1.60
C ILE C 29 -11.99 -12.91 -1.79
N ARG C 30 -11.89 -11.82 -2.54
CA ARG C 30 -10.60 -11.21 -2.78
C ARG C 30 -9.93 -10.73 -1.48
N GLN C 31 -10.70 -10.09 -0.61
CA GLN C 31 -10.17 -9.59 0.65
C GLN C 31 -9.78 -10.69 1.67
N THR C 32 -10.52 -11.79 1.67
N THR C 32 -10.39 -11.88 1.60
CA THR C 32 -10.22 -12.90 2.56
CA THR C 32 -10.21 -12.90 2.66
C THR C 32 -9.40 -13.92 1.80
C THR C 32 -10.11 -14.42 2.31
N SER C 33 -8.71 -13.42 0.76
N SER C 33 -9.63 -14.77 1.11
CA SER C 33 -7.82 -14.25 -0.02
CA SER C 33 -9.70 -16.17 0.64
C SER C 33 -6.82 -14.89 0.90
C SER C 33 -8.49 -17.09 0.92
N ARG C 34 -6.86 -16.22 0.98
N ARG C 34 -7.32 -16.50 1.09
CA ARG C 34 -5.74 -16.98 1.49
CA ARG C 34 -6.08 -17.21 1.44
C ARG C 34 -5.39 -18.08 0.50
C ARG C 34 -5.59 -18.21 0.38
N PRO C 35 -5.05 -17.71 -0.75
CA PRO C 35 -4.73 -18.67 -1.82
C PRO C 35 -3.56 -19.58 -1.50
N ASP C 36 -2.86 -19.27 -0.41
CA ASP C 36 -1.69 -20.04 0.00
C ASP C 36 -2.03 -21.12 1.03
N VAL C 37 -3.27 -21.12 1.53
CA VAL C 37 -3.67 -21.99 2.61
C VAL C 37 -4.59 -23.13 2.15
N ILE C 38 -4.13 -24.36 2.30
CA ILE C 38 -4.92 -25.52 1.96
C ILE C 38 -6.12 -25.58 2.92
N PRO C 39 -7.35 -25.68 2.38
CA PRO C 39 -8.56 -25.61 3.21
C PRO C 39 -8.92 -26.96 3.85
N THR C 40 -8.03 -27.50 4.67
CA THR C 40 -8.33 -28.73 5.41
C THR C 40 -9.37 -28.49 6.49
N GLN C 41 -10.27 -29.43 6.64
CA GLN C 41 -11.28 -29.38 7.70
C GLN C 41 -11.03 -30.49 8.69
N ARG C 42 -10.90 -30.12 9.97
CA ARG C 42 -10.72 -31.08 11.06
C ARG C 42 -9.47 -31.94 10.83
N ASP C 43 -8.47 -31.35 10.16
CA ASP C 43 -7.27 -32.08 9.76
C ASP C 43 -7.55 -33.40 9.03
N ARG C 44 -8.70 -33.47 8.37
CA ARG C 44 -8.97 -34.49 7.38
C ARG C 44 -8.39 -33.99 6.06
N PRO C 45 -8.08 -34.90 5.13
CA PRO C 45 -7.54 -34.39 3.87
C PRO C 45 -8.60 -33.69 3.02
N VAL C 46 -8.17 -32.69 2.24
CA VAL C 46 -9.01 -32.08 1.23
C VAL C 46 -9.23 -33.09 0.12
N ALA C 47 -10.48 -33.43 -0.16
CA ALA C 47 -10.77 -34.39 -1.21
C ALA C 47 -10.87 -33.66 -2.55
N VAL C 48 -9.97 -34.01 -3.45
CA VAL C 48 -9.92 -33.38 -4.76
C VAL C 48 -10.32 -34.38 -5.83
N SER C 49 -11.41 -34.09 -6.55
CA SER C 49 -11.83 -34.92 -7.68
C SER C 49 -11.13 -34.47 -8.96
N VAL C 50 -10.60 -35.42 -9.72
CA VAL C 50 -9.94 -35.13 -10.98
C VAL C 50 -10.42 -36.09 -12.04
N SER C 51 -10.76 -35.56 -13.21
CA SER C 51 -11.07 -36.41 -14.35
C SER C 51 -10.65 -35.70 -15.63
N LEU C 52 -9.98 -36.41 -16.52
CA LEU C 52 -9.55 -35.84 -17.78
C LEU C 52 -10.53 -36.19 -18.87
N LYS C 53 -10.91 -35.20 -19.65
CA LYS C 53 -11.66 -35.42 -20.87
C LYS C 53 -10.69 -35.09 -21.97
N PHE C 54 -10.36 -36.07 -22.79
CA PHE C 54 -9.47 -35.80 -23.92
C PHE C 54 -10.17 -35.06 -25.06
N ILE C 55 -9.48 -34.05 -25.60
CA ILE C 55 -10.02 -33.20 -26.65
C ILE C 55 -9.33 -33.50 -27.97
N ASN C 56 -8.03 -33.76 -27.90
CA ASN C 56 -7.26 -34.03 -29.09
C ASN C 56 -5.92 -34.69 -28.79
N ILE C 57 -5.45 -35.50 -29.73
CA ILE C 57 -4.11 -36.05 -29.71
C ILE C 57 -3.44 -35.52 -30.97
N LEU C 58 -2.36 -34.76 -30.79
CA LEU C 58 -1.83 -33.96 -31.90
C LEU C 58 -0.62 -34.59 -32.56
N GLU C 59 0.34 -35.00 -31.74
CA GLU C 59 1.57 -35.54 -32.27
C GLU C 59 1.91 -36.78 -31.50
N VAL C 60 2.25 -37.83 -32.23
CA VAL C 60 2.62 -39.07 -31.61
C VAL C 60 3.92 -39.49 -32.27
N ASN C 61 4.87 -39.94 -31.48
CA ASN C 61 6.14 -40.38 -32.00
C ASN C 61 6.42 -41.74 -31.38
N GLU C 62 6.30 -42.79 -32.20
CA GLU C 62 6.44 -44.14 -31.69
C GLU C 62 7.90 -44.46 -31.36
N ILE C 63 8.80 -43.77 -32.03
CA ILE C 63 10.23 -43.97 -31.79
C ILE C 63 10.65 -43.42 -30.42
N THR C 64 10.33 -42.16 -30.16
CA THR C 64 10.73 -41.53 -28.91
C THR C 64 9.76 -41.80 -27.75
N ASN C 65 8.59 -42.39 -28.05
CA ASN C 65 7.55 -42.61 -27.06
C ASN C 65 7.02 -41.32 -26.41
N GLU C 66 6.69 -40.34 -27.23
CA GLU C 66 6.17 -39.07 -26.77
C GLU C 66 4.84 -38.79 -27.44
N VAL C 67 3.91 -38.26 -26.67
CA VAL C 67 2.62 -37.91 -27.22
C VAL C 67 2.27 -36.48 -26.82
N ASP C 68 1.61 -35.76 -27.72
CA ASP C 68 1.16 -34.40 -27.46
C ASP C 68 -0.37 -34.40 -27.36
N VAL C 69 -0.90 -33.95 -26.25
CA VAL C 69 -2.32 -34.15 -25.95
C VAL C 69 -2.97 -32.83 -25.57
N VAL C 70 -4.22 -32.63 -25.98
CA VAL C 70 -5.04 -31.57 -25.42
C VAL C 70 -6.13 -32.23 -24.59
N PHE C 71 -6.30 -31.76 -23.36
CA PHE C 71 -7.30 -32.32 -22.48
C PHE C 71 -7.92 -31.29 -21.57
N TRP C 72 -9.12 -31.62 -21.16
CA TRP C 72 -9.88 -30.76 -20.33
C TRP C 72 -9.77 -31.40 -18.95
N GLN C 73 -9.10 -30.71 -18.04
CA GLN C 73 -8.83 -31.27 -16.73
C GLN C 73 -9.84 -30.78 -15.68
N GLN C 74 -10.86 -31.58 -15.39
CA GLN C 74 -11.90 -31.20 -14.42
C GLN C 74 -11.45 -31.44 -13.01
N THR C 75 -11.45 -30.39 -12.21
CA THR C 75 -10.97 -30.47 -10.85
C THR C 75 -12.00 -29.86 -9.92
N THR C 76 -12.24 -30.54 -8.81
CA THR C 76 -13.33 -30.18 -7.90
C THR C 76 -12.89 -30.41 -6.46
N TRP C 77 -13.24 -29.48 -5.58
CA TRP C 77 -12.92 -29.61 -4.17
C TRP C 77 -13.73 -28.62 -3.36
N SER C 78 -13.74 -28.78 -2.04
CA SER C 78 -14.47 -27.87 -1.17
C SER C 78 -13.53 -26.96 -0.43
N ASP C 79 -13.90 -25.69 -0.35
CA ASP C 79 -13.22 -24.70 0.46
C ASP C 79 -14.30 -23.95 1.18
N ARG C 80 -14.62 -24.39 2.39
CA ARG C 80 -15.75 -23.84 3.13
C ARG C 80 -15.54 -22.38 3.50
N THR C 81 -14.28 -21.95 3.50
CA THR C 81 -13.98 -20.55 3.76
C THR C 81 -14.43 -19.61 2.62
N LEU C 82 -14.96 -20.18 1.54
CA LEU C 82 -15.44 -19.35 0.43
C LEU C 82 -16.96 -19.22 0.49
N ALA C 83 -17.61 -20.06 1.29
CA ALA C 83 -19.07 -20.10 1.39
C ALA C 83 -19.74 -18.76 1.72
N TRP C 84 -20.98 -18.58 1.28
CA TRP C 84 -21.80 -17.43 1.69
C TRP C 84 -23.27 -17.83 1.74
N ASN C 85 -24.10 -17.02 2.39
CA ASN C 85 -25.52 -17.27 2.46
C ASN C 85 -26.16 -16.83 1.16
N SER C 86 -26.68 -17.78 0.38
CA SER C 86 -27.18 -17.44 -0.95
C SER C 86 -28.70 -17.21 -1.02
N SER C 87 -29.34 -16.83 0.08
N SER C 87 -29.29 -16.75 0.06
CA SER C 87 -30.80 -16.81 0.10
CA SER C 87 -30.69 -16.36 0.02
C SER C 87 -31.38 -15.89 -0.98
C SER C 87 -30.82 -15.01 -0.67
N HIS C 88 -31.04 -14.62 -0.90
N HIS C 88 -31.53 -15.00 -1.80
CA HIS C 88 -31.37 -13.66 -1.95
CA HIS C 88 -31.65 -13.82 -2.66
C HIS C 88 -30.05 -13.20 -2.57
C HIS C 88 -30.29 -13.21 -3.01
N SER C 89 -29.35 -14.12 -3.24
CA SER C 89 -28.00 -13.84 -3.72
C SER C 89 -27.71 -14.80 -4.85
N PRO C 90 -26.71 -14.47 -5.69
CA PRO C 90 -26.20 -15.44 -6.67
C PRO C 90 -25.79 -16.76 -6.01
N ASP C 91 -26.07 -17.87 -6.68
CA ASP C 91 -25.66 -19.16 -6.15
C ASP C 91 -24.19 -19.46 -6.50
N GLN C 92 -23.68 -18.77 -7.54
CA GLN C 92 -22.33 -19.04 -8.05
C GLN C 92 -21.67 -17.78 -8.61
N VAL C 93 -20.35 -17.77 -8.56
CA VAL C 93 -19.56 -16.71 -9.18
C VAL C 93 -18.35 -17.32 -9.85
N SER C 94 -17.81 -16.59 -10.82
CA SER C 94 -16.54 -16.95 -11.47
C SER C 94 -15.44 -16.11 -10.85
N VAL C 95 -14.32 -16.77 -10.51
CA VAL C 95 -13.26 -16.16 -9.72
C VAL C 95 -11.93 -16.46 -10.39
N PRO C 96 -11.06 -15.45 -10.51
CA PRO C 96 -9.70 -15.71 -11.00
C PRO C 96 -8.98 -16.66 -10.01
N ILE C 97 -8.26 -17.66 -10.51
CA ILE C 97 -7.66 -18.64 -9.63
C ILE C 97 -6.54 -18.05 -8.78
N SER C 98 -6.03 -16.88 -9.17
CA SER C 98 -5.03 -16.25 -8.33
C SER C 98 -5.62 -15.80 -6.97
N SER C 99 -6.95 -15.76 -6.86
CA SER C 99 -7.60 -15.38 -5.62
C SER C 99 -8.01 -16.58 -4.78
N LEU C 100 -7.69 -17.78 -5.24
CA LEU C 100 -8.16 -18.99 -4.58
C LEU C 100 -7.02 -19.91 -4.29
N TRP C 101 -7.19 -20.75 -3.27
CA TRP C 101 -6.32 -21.89 -3.14
C TRP C 101 -6.66 -22.88 -4.25
N VAL C 102 -5.64 -23.42 -4.89
CA VAL C 102 -5.83 -24.38 -5.96
C VAL C 102 -4.87 -25.52 -5.67
N PRO C 103 -5.30 -26.77 -5.86
CA PRO C 103 -4.40 -27.90 -5.59
C PRO C 103 -3.18 -27.89 -6.52
N ASP C 104 -2.03 -28.30 -6.00
CA ASP C 104 -0.77 -28.32 -6.77
C ASP C 104 -0.60 -29.64 -7.57
N LEU C 105 -1.55 -29.92 -8.45
CA LEU C 105 -1.50 -31.16 -9.21
C LEU C 105 -0.38 -31.10 -10.25
N ALA C 106 0.31 -32.21 -10.42
CA ALA C 106 1.30 -32.31 -11.48
C ALA C 106 1.20 -33.68 -12.12
N ALA C 107 1.54 -33.74 -13.41
CA ALA C 107 1.58 -35.00 -14.13
C ALA C 107 2.99 -35.50 -14.04
N TYR C 108 3.15 -36.65 -13.39
CA TYR C 108 4.47 -37.22 -13.13
C TYR C 108 5.26 -37.51 -14.41
N ASN C 109 4.58 -37.82 -15.51
CA ASN C 109 5.32 -38.19 -16.72
C ASN C 109 5.30 -37.11 -17.82
N ALA C 110 4.97 -35.89 -17.43
CA ALA C 110 5.01 -34.77 -18.36
C ALA C 110 6.45 -34.42 -18.73
N ILE C 111 6.67 -33.96 -19.97
CA ILE C 111 8.02 -33.59 -20.40
C ILE C 111 8.04 -32.19 -20.94
N SER C 112 6.92 -31.50 -20.81
CA SER C 112 6.84 -30.08 -21.14
C SER C 112 5.99 -29.41 -20.09
N LYS C 113 6.09 -28.10 -19.90
CA LYS C 113 5.16 -27.51 -18.92
C LYS C 113 3.74 -27.42 -19.48
N PRO C 114 2.74 -27.47 -18.60
CA PRO C 114 1.37 -27.43 -19.13
C PRO C 114 1.07 -26.07 -19.76
N GLU C 115 0.52 -26.08 -20.96
CA GLU C 115 0.16 -24.84 -21.63
C GLU C 115 -1.34 -24.69 -21.45
N VAL C 116 -1.76 -23.81 -20.55
CA VAL C 116 -3.19 -23.56 -20.36
C VAL C 116 -3.75 -22.73 -21.52
N LEU C 117 -4.75 -23.28 -22.21
CA LEU C 117 -5.34 -22.65 -23.41
C LEU C 117 -6.53 -21.73 -23.12
N THR C 118 -7.12 -21.87 -21.94
CA THR C 118 -8.38 -21.20 -21.61
C THR C 118 -8.24 -20.13 -20.52
N PRO C 119 -9.27 -19.27 -20.33
CA PRO C 119 -9.20 -18.26 -19.26
C PRO C 119 -9.09 -18.91 -17.88
N GLN C 120 -8.20 -18.39 -17.03
CA GLN C 120 -7.98 -19.04 -15.77
C GLN C 120 -8.94 -18.60 -14.68
N LEU C 121 -10.14 -19.14 -14.78
CA LEU C 121 -11.22 -18.82 -13.87
C LEU C 121 -11.80 -20.09 -13.30
N ALA C 122 -12.06 -20.06 -12.00
CA ALA C 122 -12.73 -21.18 -11.35
C ALA C 122 -14.17 -20.76 -11.11
N ARG C 123 -15.05 -21.73 -10.96
CA ARG C 123 -16.42 -21.44 -10.62
C ARG C 123 -16.59 -21.83 -9.16
N VAL C 124 -17.10 -20.90 -8.35
CA VAL C 124 -17.34 -21.14 -6.94
C VAL C 124 -18.83 -21.11 -6.60
N VAL C 125 -19.29 -22.16 -5.92
CA VAL C 125 -20.67 -22.27 -5.48
C VAL C 125 -20.81 -21.79 -4.05
N SER C 126 -22.00 -21.28 -3.68
CA SER C 126 -22.20 -20.67 -2.36
C SER C 126 -21.92 -21.59 -1.17
N ASP C 127 -22.02 -22.90 -1.38
CA ASP C 127 -21.70 -23.85 -0.31
C ASP C 127 -20.20 -24.04 -0.07
N GLY C 128 -19.36 -23.53 -0.98
CA GLY C 128 -17.93 -23.70 -0.89
C GLY C 128 -17.29 -24.59 -1.94
N GLU C 129 -18.11 -25.20 -2.80
CA GLU C 129 -17.54 -26.06 -3.83
C GLU C 129 -16.86 -25.23 -4.91
N VAL C 130 -15.73 -25.72 -5.40
CA VAL C 130 -14.98 -25.04 -6.43
C VAL C 130 -14.76 -25.96 -7.64
N LEU C 131 -14.94 -25.40 -8.84
CA LEU C 131 -14.77 -26.15 -10.06
C LEU C 131 -13.82 -25.41 -10.97
N TYR C 132 -12.71 -26.06 -11.27
CA TYR C 132 -11.67 -25.47 -12.08
C TYR C 132 -11.45 -26.50 -13.17
N MET C 133 -11.73 -26.08 -14.40
CA MET C 133 -11.64 -26.98 -15.55
C MET C 133 -10.86 -26.37 -16.71
N PRO C 134 -9.54 -26.24 -16.54
CA PRO C 134 -8.77 -25.63 -17.63
C PRO C 134 -8.61 -26.62 -18.77
N SER C 135 -8.46 -26.08 -19.98
CA SER C 135 -8.03 -26.90 -21.10
C SER C 135 -6.51 -26.79 -21.26
N ILE C 136 -5.85 -27.92 -21.48
CA ILE C 136 -4.40 -27.99 -21.38
C ILE C 136 -3.77 -28.76 -22.52
N ARG C 137 -2.76 -28.16 -23.13
CA ARG C 137 -1.92 -28.88 -24.06
C ARG C 137 -0.60 -29.24 -23.35
N GLN C 138 -0.19 -30.49 -23.48
CA GLN C 138 1.01 -30.94 -22.82
C GLN C 138 1.58 -32.18 -23.49
N ARG C 139 2.91 -32.27 -23.49
CA ARG C 139 3.62 -33.44 -24.02
C ARG C 139 3.86 -34.42 -22.87
N PHE C 140 3.75 -35.70 -23.19
CA PHE C 140 3.98 -36.77 -22.23
C PHE C 140 4.88 -37.84 -22.78
N SER C 141 5.67 -38.44 -21.90
CA SER C 141 6.42 -39.61 -22.19
C SER C 141 5.59 -40.82 -21.73
N CYS C 142 5.25 -41.69 -22.64
CA CYS C 142 4.54 -42.92 -22.31
C CYS C 142 4.63 -43.95 -23.44
N ASP C 143 3.99 -45.10 -23.25
CA ASP C 143 4.05 -46.20 -24.20
C ASP C 143 3.16 -45.98 -25.41
N VAL C 144 3.79 -45.80 -26.56
CA VAL C 144 3.10 -45.39 -27.78
C VAL C 144 3.09 -46.59 -28.75
N SER C 145 3.79 -47.65 -28.37
CA SER C 145 3.85 -48.84 -29.20
C SER C 145 2.47 -49.44 -29.49
N GLY C 146 2.22 -49.73 -30.76
CA GLY C 146 0.97 -50.34 -31.16
C GLY C 146 -0.06 -49.33 -31.60
N VAL C 147 0.35 -48.07 -31.73
CA VAL C 147 -0.57 -46.99 -32.06
C VAL C 147 -1.16 -47.19 -33.43
N ASP C 148 -0.42 -47.87 -34.29
CA ASP C 148 -0.85 -48.11 -35.66
C ASP C 148 -1.45 -49.51 -35.86
N THR C 149 -1.93 -50.12 -34.79
CA THR C 149 -2.55 -51.44 -34.87
C THR C 149 -4.02 -51.38 -34.47
N GLU C 150 -4.70 -52.52 -34.54
CA GLU C 150 -6.12 -52.56 -34.20
C GLU C 150 -6.31 -52.40 -32.70
N SER C 151 -5.37 -52.93 -31.93
CA SER C 151 -5.46 -52.85 -30.48
C SER C 151 -5.13 -51.44 -30.00
N GLY C 152 -4.33 -50.72 -30.77
CA GLY C 152 -3.96 -49.37 -30.42
C GLY C 152 -2.85 -49.35 -29.39
N ALA C 153 -2.47 -48.15 -28.95
CA ALA C 153 -1.51 -47.98 -27.86
C ALA C 153 -2.24 -47.70 -26.56
N THR C 154 -1.59 -48.00 -25.45
CA THR C 154 -2.11 -47.60 -24.14
C THR C 154 -1.16 -46.68 -23.43
N CYS C 155 -1.52 -45.41 -23.40
CA CYS C 155 -0.74 -44.38 -22.74
C CYS C 155 -1.27 -44.09 -21.33
N ARG C 156 -0.38 -44.08 -20.35
CA ARG C 156 -0.78 -43.81 -18.98
C ARG C 156 -0.26 -42.47 -18.47
N ILE C 157 -1.14 -41.66 -17.88
CA ILE C 157 -0.76 -40.38 -17.32
C ILE C 157 -1.06 -40.42 -15.82
N LYS C 158 -0.06 -40.11 -15.00
CA LYS C 158 -0.26 -40.08 -13.56
C LYS C 158 -0.29 -38.65 -13.05
N ILE C 159 -1.40 -38.28 -12.41
CA ILE C 159 -1.53 -36.93 -11.89
C ILE C 159 -1.73 -37.01 -10.39
N GLY C 160 -0.93 -36.26 -9.64
CA GLY C 160 -1.00 -36.25 -8.20
C GLY C 160 -0.63 -34.91 -7.60
N SER C 161 -0.90 -34.72 -6.32
CA SER C 161 -0.38 -33.55 -5.63
C SER C 161 1.14 -33.65 -5.57
N TRP C 162 1.79 -32.55 -5.88
CA TRP C 162 3.24 -32.52 -5.92
C TRP C 162 3.87 -32.50 -4.54
N THR C 163 3.31 -31.69 -3.62
CA THR C 163 3.92 -31.54 -2.30
C THR C 163 3.04 -31.92 -1.12
N HIS C 164 1.78 -32.27 -1.35
CA HIS C 164 0.90 -32.62 -0.25
C HIS C 164 0.64 -34.12 -0.18
N HIS C 165 0.88 -34.72 0.97
CA HIS C 165 0.70 -36.15 1.13
C HIS C 165 -0.75 -36.52 1.37
N SER C 166 -1.01 -37.82 1.43
CA SER C 166 -2.38 -38.35 1.48
C SER C 166 -3.24 -37.88 2.64
N ARG C 167 -2.63 -37.41 3.73
CA ARG C 167 -3.41 -36.94 4.87
CA ARG C 167 -3.40 -36.94 4.87
C ARG C 167 -3.80 -35.46 4.72
N GLU C 168 -3.23 -34.79 3.71
CA GLU C 168 -3.56 -33.40 3.46
C GLU C 168 -4.43 -33.29 2.19
N ILE C 169 -4.08 -34.05 1.16
CA ILE C 169 -4.84 -34.08 -0.08
C ILE C 169 -5.05 -35.50 -0.52
N SER C 170 -6.29 -35.85 -0.86
CA SER C 170 -6.56 -37.13 -1.49
C SER C 170 -7.16 -36.87 -2.88
N VAL C 171 -6.68 -37.57 -3.89
CA VAL C 171 -7.23 -37.39 -5.22
C VAL C 171 -8.06 -38.59 -5.57
N ASP C 172 -9.18 -38.34 -6.23
CA ASP C 172 -10.09 -39.42 -6.57
C ASP C 172 -10.66 -39.17 -7.96
N PRO C 173 -10.70 -40.22 -8.79
CA PRO C 173 -11.32 -40.08 -10.13
C PRO C 173 -12.83 -39.97 -10.00
N THR C 174 -13.50 -39.44 -11.01
CA THR C 174 -14.90 -39.04 -10.83
C THR C 174 -15.88 -40.19 -10.61
N ASN C 177 -19.28 -40.95 -15.78
CA ASN C 177 -19.30 -39.75 -16.61
C ASN C 177 -19.82 -40.03 -18.04
N SER C 178 -19.38 -39.20 -18.96
CA SER C 178 -19.80 -39.24 -20.35
C SER C 178 -18.86 -40.07 -21.25
N ASP C 179 -19.23 -40.25 -22.51
CA ASP C 179 -18.38 -40.94 -23.49
C ASP C 179 -16.95 -40.41 -23.42
N ASP C 180 -16.00 -41.30 -23.71
CA ASP C 180 -14.61 -40.90 -23.81
C ASP C 180 -14.37 -39.92 -24.96
N SER C 181 -15.12 -40.09 -26.05
CA SER C 181 -14.99 -39.21 -27.19
C SER C 181 -15.97 -38.08 -27.12
N GLU C 182 -16.63 -37.94 -25.98
CA GLU C 182 -17.68 -36.95 -25.80
C GLU C 182 -17.23 -35.61 -26.31
N TYR C 183 -16.02 -35.23 -25.95
CA TYR C 183 -15.49 -33.97 -26.42
C TYR C 183 -14.29 -34.14 -27.34
N PHE C 184 -14.01 -35.37 -27.75
CA PHE C 184 -12.81 -35.61 -28.54
C PHE C 184 -13.06 -35.12 -29.96
N SER C 185 -12.08 -34.42 -30.51
CA SER C 185 -12.19 -33.89 -31.86
C SER C 185 -12.34 -34.99 -32.92
N GLN C 186 -13.34 -34.85 -33.78
CA GLN C 186 -13.54 -35.81 -34.87
C GLN C 186 -12.54 -35.61 -36.01
N TYR C 187 -11.72 -34.57 -35.94
CA TYR C 187 -10.75 -34.30 -36.99
C TYR C 187 -9.34 -34.74 -36.63
N SER C 188 -9.17 -35.31 -35.44
CA SER C 188 -7.88 -35.85 -35.04
C SER C 188 -7.50 -37.01 -35.98
N ARG C 189 -6.20 -37.27 -36.14
CA ARG C 189 -5.75 -38.45 -36.88
C ARG C 189 -6.03 -39.69 -36.05
N PHE C 190 -6.36 -39.48 -34.77
CA PHE C 190 -6.49 -40.60 -33.84
C PHE C 190 -7.91 -40.77 -33.35
N GLU C 191 -8.19 -41.93 -32.81
CA GLU C 191 -9.49 -42.18 -32.21
C GLU C 191 -9.29 -42.89 -30.88
N ILE C 192 -10.21 -42.64 -29.95
CA ILE C 192 -10.11 -43.19 -28.63
C ILE C 192 -10.88 -44.51 -28.58
N LEU C 193 -10.18 -45.56 -28.15
CA LEU C 193 -10.81 -46.86 -27.97
C LEU C 193 -11.38 -47.00 -26.56
N ASP C 194 -10.64 -46.52 -25.57
CA ASP C 194 -11.07 -46.60 -24.18
C ASP C 194 -10.25 -45.70 -23.25
N VAL C 195 -10.89 -45.25 -22.17
CA VAL C 195 -10.24 -44.47 -21.14
C VAL C 195 -10.63 -45.05 -19.78
N THR C 196 -9.65 -45.40 -18.96
CA THR C 196 -9.92 -45.84 -17.61
C THR C 196 -9.15 -44.98 -16.62
N GLN C 197 -9.73 -44.78 -15.45
CA GLN C 197 -9.11 -43.97 -14.41
CA GLN C 197 -9.09 -43.98 -14.42
C GLN C 197 -9.01 -44.77 -13.11
N LYS C 198 -7.82 -44.84 -12.54
CA LYS C 198 -7.52 -45.66 -11.37
C LYS C 198 -6.81 -44.81 -10.31
N LYS C 199 -7.03 -45.11 -9.04
CA LYS C 199 -6.39 -44.35 -7.98
C LYS C 199 -5.23 -45.11 -7.38
N ASN C 200 -4.15 -44.40 -7.02
CA ASN C 200 -2.99 -45.00 -6.37
C ASN C 200 -2.54 -44.24 -5.12
N SER C 201 -1.84 -44.96 -4.25
CA SER C 201 -1.25 -44.35 -3.07
C SER C 201 0.14 -44.90 -2.97
N VAL C 202 1.13 -44.04 -3.11
CA VAL C 202 2.51 -44.46 -3.30
C VAL C 202 3.43 -43.81 -2.26
N THR C 203 4.38 -44.58 -1.77
CA THR C 203 5.43 -44.04 -0.94
C THR C 203 6.72 -43.97 -1.74
N TYR C 204 7.41 -42.86 -1.58
CA TYR C 204 8.64 -42.59 -2.31
C TYR C 204 9.78 -42.52 -1.29
N SER C 205 10.96 -42.98 -1.70
CA SER C 205 12.15 -43.04 -0.86
C SER C 205 12.49 -41.75 -0.13
N CYS C 206 12.10 -40.63 -0.72
CA CYS C 206 12.49 -39.33 -0.19
C CYS C 206 11.63 -38.90 1.01
N CYS C 207 10.50 -39.56 1.22
CA CYS C 207 9.50 -38.99 2.11
C CYS C 207 8.78 -40.07 2.93
N PRO C 208 8.53 -39.77 4.21
CA PRO C 208 7.83 -40.70 5.10
C PRO C 208 6.38 -41.02 4.70
N GLU C 209 5.69 -40.13 4.00
CA GLU C 209 4.25 -40.25 3.86
C GLU C 209 3.84 -40.76 2.48
N ALA C 210 2.62 -41.27 2.37
CA ALA C 210 2.07 -41.71 1.09
C ALA C 210 1.49 -40.53 0.28
N TYR C 211 1.63 -40.61 -1.04
CA TYR C 211 1.07 -39.59 -1.91
C TYR C 211 0.07 -40.18 -2.84
N GLU C 212 -1.09 -39.56 -2.94
CA GLU C 212 -2.11 -40.10 -3.84
C GLU C 212 -1.99 -39.58 -5.27
N ASP C 213 -2.33 -40.43 -6.23
CA ASP C 213 -2.44 -40.00 -7.61
C ASP C 213 -3.61 -40.70 -8.34
N VAL C 214 -4.04 -40.11 -9.44
CA VAL C 214 -4.93 -40.76 -10.36
C VAL C 214 -4.11 -41.17 -11.58
N GLU C 215 -4.32 -42.40 -12.03
CA GLU C 215 -3.68 -42.90 -13.22
C GLU C 215 -4.73 -43.04 -14.32
N VAL C 216 -4.58 -42.25 -15.37
CA VAL C 216 -5.53 -42.27 -16.47
C VAL C 216 -4.94 -43.08 -17.60
N SER C 217 -5.64 -44.12 -18.03
CA SER C 217 -5.16 -44.95 -19.14
C SER C 217 -5.93 -44.65 -20.42
N LEU C 218 -5.20 -44.21 -21.42
CA LEU C 218 -5.80 -43.82 -22.66
C LEU C 218 -5.44 -44.88 -23.71
N ASN C 219 -6.45 -45.60 -24.19
CA ASN C 219 -6.28 -46.54 -25.26
C ASN C 219 -6.72 -45.90 -26.60
N PHE C 220 -5.77 -45.67 -27.50
CA PHE C 220 -6.07 -44.95 -28.73
C PHE C 220 -5.30 -45.54 -29.91
N ARG C 221 -5.74 -45.24 -31.13
CA ARG C 221 -5.02 -45.72 -32.30
C ARG C 221 -5.15 -44.74 -33.46
N LYS C 222 -4.24 -44.85 -34.43
CA LYS C 222 -4.35 -44.03 -35.63
C LYS C 222 -5.52 -44.52 -36.48
N LYS C 223 -6.37 -43.61 -36.96
CA LYS C 223 -7.51 -44.01 -37.81
C LYS C 223 -7.05 -44.71 -39.07
N LEU D 20 -1.32 -23.25 16.99
CA LEU D 20 -1.02 -22.52 15.76
C LEU D 20 -1.55 -23.30 14.56
N ASP D 21 -2.44 -22.70 13.79
CA ASP D 21 -2.88 -23.34 12.57
C ASP D 21 -2.09 -22.90 11.31
N ARG D 22 -2.28 -23.64 10.21
CA ARG D 22 -1.59 -23.37 8.95
CA ARG D 22 -1.61 -23.38 8.94
C ARG D 22 -1.77 -21.93 8.49
N ALA D 23 -2.99 -21.42 8.64
CA ALA D 23 -3.27 -20.06 8.21
C ALA D 23 -2.33 -19.08 8.92
N ASP D 24 -2.14 -19.29 10.22
CA ASP D 24 -1.27 -18.44 11.03
C ASP D 24 0.20 -18.61 10.64
N ILE D 25 0.63 -19.87 10.53
CA ILE D 25 1.99 -20.17 10.12
C ILE D 25 2.32 -19.53 8.79
N LEU D 26 1.41 -19.64 7.83
CA LEU D 26 1.64 -19.08 6.51
C LEU D 26 1.56 -17.56 6.50
N TYR D 27 0.70 -16.99 7.35
CA TYR D 27 0.65 -15.56 7.47
C TYR D 27 1.99 -15.04 8.02
N ASN D 28 2.51 -15.67 9.07
CA ASN D 28 3.76 -15.24 9.68
C ASN D 28 4.94 -15.34 8.71
N ILE D 29 5.00 -16.45 7.98
CA ILE D 29 6.07 -16.64 7.02
C ILE D 29 6.01 -15.57 5.93
N ARG D 30 4.80 -15.29 5.44
CA ARG D 30 4.64 -14.28 4.40
C ARG D 30 5.02 -12.89 4.90
N GLN D 31 4.55 -12.55 6.10
CA GLN D 31 4.86 -11.26 6.72
C GLN D 31 6.35 -11.01 7.09
N THR D 32 7.03 -12.06 7.55
N THR D 32 7.12 -12.09 7.36
CA THR D 32 8.40 -11.90 8.00
CA THR D 32 8.46 -11.93 7.95
C THR D 32 9.27 -12.46 6.90
C THR D 32 9.65 -12.79 7.43
N SER D 33 8.78 -12.28 5.68
N SER D 33 9.46 -13.65 6.43
CA SER D 33 9.45 -12.79 4.50
CA SER D 33 10.51 -14.60 6.07
C SER D 33 10.63 -11.91 4.17
C SER D 33 11.75 -14.00 5.39
N ARG D 34 11.82 -12.50 4.27
N ARG D 34 11.57 -12.91 4.65
CA ARG D 34 13.03 -11.91 3.72
CA ARG D 34 12.64 -12.25 3.87
C ARG D 34 13.62 -12.90 2.72
C ARG D 34 13.37 -13.16 2.87
N PRO D 35 12.90 -13.18 1.62
CA PRO D 35 13.39 -14.09 0.58
C PRO D 35 14.69 -13.64 -0.08
N ASP D 36 15.13 -12.44 0.24
CA ASP D 36 16.37 -11.89 -0.32
C ASP D 36 17.58 -12.12 0.60
N VAL D 37 17.35 -12.64 1.81
CA VAL D 37 18.40 -12.76 2.83
C VAL D 37 18.84 -14.22 3.06
N ILE D 38 20.10 -14.50 2.79
CA ILE D 38 20.63 -15.83 2.97
C ILE D 38 20.67 -16.10 4.48
N PRO D 39 20.10 -17.24 4.93
CA PRO D 39 19.95 -17.53 6.37
C PRO D 39 21.20 -18.12 7.00
N THR D 40 22.32 -17.41 6.97
CA THR D 40 23.54 -17.87 7.63
C THR D 40 23.39 -17.78 9.15
N GLN D 41 23.88 -18.78 9.86
CA GLN D 41 23.92 -18.74 11.34
C GLN D 41 25.35 -18.66 11.85
N ARG D 42 25.64 -17.64 12.67
CA ARG D 42 26.95 -17.47 13.30
C ARG D 42 28.05 -17.34 12.25
N ASP D 43 27.69 -16.80 11.10
CA ASP D 43 28.58 -16.72 9.94
C ASP D 43 29.25 -18.05 9.55
N ARG D 44 28.59 -19.16 9.88
CA ARG D 44 28.90 -20.46 9.27
C ARG D 44 28.15 -20.50 7.92
N PRO D 45 28.68 -21.20 6.89
CA PRO D 45 27.93 -21.24 5.64
C PRO D 45 26.62 -22.01 5.75
N VAL D 46 25.60 -21.60 4.99
CA VAL D 46 24.39 -22.39 4.83
C VAL D 46 24.73 -23.67 4.10
N ALA D 47 24.49 -24.79 4.74
CA ALA D 47 24.71 -26.09 4.12
C ALA D 47 23.52 -26.50 3.26
N VAL D 48 23.74 -26.60 1.96
CA VAL D 48 22.68 -26.98 1.03
C VAL D 48 22.94 -28.39 0.48
N SER D 49 22.00 -29.30 0.70
CA SER D 49 22.08 -30.63 0.10
C SER D 49 21.41 -30.65 -1.26
N VAL D 50 22.10 -31.22 -2.25
CA VAL D 50 21.56 -31.36 -3.59
C VAL D 50 21.75 -32.77 -4.08
N SER D 51 20.70 -33.34 -4.68
CA SER D 51 20.81 -34.62 -5.36
C SER D 51 19.82 -34.71 -6.51
N LEU D 52 20.31 -35.11 -7.67
CA LEU D 52 19.46 -35.24 -8.82
C LEU D 52 18.94 -36.66 -8.92
N LYS D 53 17.64 -36.78 -9.18
CA LYS D 53 17.05 -38.04 -9.57
CA LYS D 53 17.06 -38.04 -9.57
C LYS D 53 16.64 -37.86 -11.03
N PHE D 54 17.20 -38.68 -11.90
CA PHE D 54 16.86 -38.55 -13.31
C PHE D 54 15.53 -39.20 -13.64
N ILE D 55 14.71 -38.49 -14.38
CA ILE D 55 13.39 -38.98 -14.74
C ILE D 55 13.36 -39.44 -16.18
N ASN D 56 14.05 -38.70 -17.05
CA ASN D 56 14.04 -39.02 -18.47
C ASN D 56 15.20 -38.38 -19.23
N ILE D 57 15.66 -39.05 -20.27
CA ILE D 57 16.59 -38.49 -21.23
C ILE D 57 15.90 -38.48 -22.58
N LEU D 58 15.73 -37.28 -23.15
CA LEU D 58 14.77 -37.10 -24.24
C LEU D 58 15.45 -37.03 -25.58
N GLU D 59 16.47 -36.18 -25.69
CA GLU D 59 17.12 -36.00 -26.97
C GLU D 59 18.59 -36.01 -26.74
N VAL D 60 19.27 -36.78 -27.56
CA VAL D 60 20.70 -36.89 -27.45
C VAL D 60 21.23 -36.65 -28.84
N ASN D 61 22.28 -35.86 -28.94
CA ASN D 61 22.90 -35.57 -30.22
C ASN D 61 24.38 -35.77 -30.07
N GLU D 62 24.88 -36.86 -30.67
CA GLU D 62 26.28 -37.24 -30.47
C GLU D 62 27.21 -36.30 -31.24
N ILE D 63 26.68 -35.74 -32.31
CA ILE D 63 27.44 -34.79 -33.13
C ILE D 63 27.71 -33.48 -32.39
N THR D 64 26.63 -32.86 -31.91
CA THR D 64 26.75 -31.57 -31.22
C THR D 64 27.08 -31.70 -29.72
N ASN D 65 27.04 -32.93 -29.19
CA ASN D 65 27.31 -33.17 -27.76
C ASN D 65 26.32 -32.44 -26.84
N GLU D 66 25.04 -32.60 -27.14
CA GLU D 66 23.99 -31.94 -26.37
C GLU D 66 23.00 -32.98 -25.93
N VAL D 67 22.53 -32.85 -24.69
CA VAL D 67 21.56 -33.80 -24.18
C VAL D 67 20.40 -33.05 -23.54
N ASP D 68 19.20 -33.58 -23.68
CA ASP D 68 18.02 -32.98 -23.09
C ASP D 68 17.56 -33.89 -21.96
N VAL D 69 17.48 -33.36 -20.76
CA VAL D 69 17.25 -34.21 -19.59
C VAL D 69 16.06 -33.72 -18.74
N VAL D 70 15.27 -34.65 -18.21
CA VAL D 70 14.32 -34.29 -17.17
C VAL D 70 14.82 -34.87 -15.85
N PHE D 71 14.88 -34.02 -14.82
CA PHE D 71 15.37 -34.47 -13.55
C PHE D 71 14.71 -33.79 -12.39
N TRP D 72 14.81 -34.47 -11.26
CA TRP D 72 14.20 -34.08 -10.03
C TRP D 72 15.34 -33.55 -9.16
N GLN D 73 15.37 -32.26 -8.91
CA GLN D 73 16.47 -31.69 -8.17
C GLN D 73 16.07 -31.48 -6.72
N GLN D 74 16.42 -32.43 -5.86
CA GLN D 74 16.12 -32.35 -4.44
C GLN D 74 17.07 -31.41 -3.75
N THR D 75 16.52 -30.39 -3.11
CA THR D 75 17.33 -29.39 -2.48
C THR D 75 16.83 -29.21 -1.05
N THR D 76 17.77 -29.13 -0.12
CA THR D 76 17.48 -29.13 1.29
C THR D 76 18.42 -28.17 2.01
N TRP D 77 17.89 -27.40 2.95
CA TRP D 77 18.72 -26.52 3.75
C TRP D 77 17.92 -26.09 4.96
N SER D 78 18.60 -25.42 5.91
CA SER D 78 17.95 -24.90 7.11
C SER D 78 17.79 -23.39 7.07
N ASP D 79 16.61 -22.93 7.44
CA ASP D 79 16.35 -21.51 7.65
C ASP D 79 15.65 -21.40 9.00
N ARG D 80 16.43 -21.20 10.05
CA ARG D 80 15.85 -21.18 11.39
C ARG D 80 14.86 -20.04 11.61
N THR D 81 14.93 -19.02 10.76
CA THR D 81 14.00 -17.90 10.87
C THR D 81 12.57 -18.32 10.48
N LEU D 82 12.41 -19.54 9.96
CA LEU D 82 11.11 -20.02 9.53
C LEU D 82 10.48 -20.89 10.60
N ALA D 83 11.28 -21.29 11.58
CA ALA D 83 10.84 -22.19 12.67
C ALA D 83 9.62 -21.70 13.47
N TRP D 84 8.86 -22.65 13.99
CA TRP D 84 7.77 -22.33 14.93
C TRP D 84 7.62 -23.47 15.92
N ASN D 85 6.96 -23.18 17.05
CA ASN D 85 6.64 -24.19 18.07
C ASN D 85 5.50 -25.07 17.60
N SER D 86 5.79 -26.33 17.33
CA SER D 86 4.78 -27.20 16.72
C SER D 86 4.00 -28.03 17.74
N SER D 87 3.87 -27.52 18.95
CA SER D 87 2.98 -28.16 19.93
C SER D 87 1.55 -27.77 19.57
N HIS D 88 0.72 -28.78 19.32
CA HIS D 88 -0.67 -28.56 18.90
C HIS D 88 -0.70 -27.71 17.63
N SER D 89 0.24 -27.98 16.73
CA SER D 89 0.35 -27.25 15.48
C SER D 89 0.80 -28.21 14.41
N PRO D 90 0.53 -27.90 13.13
CA PRO D 90 1.07 -28.66 12.00
C PRO D 90 2.58 -28.74 12.09
N ASP D 91 3.14 -29.89 11.73
CA ASP D 91 4.57 -30.05 11.74
C ASP D 91 5.21 -29.48 10.46
N GLN D 92 4.39 -29.32 9.43
CA GLN D 92 4.86 -28.88 8.12
C GLN D 92 3.83 -28.08 7.35
N VAL D 93 4.32 -27.19 6.49
CA VAL D 93 3.45 -26.48 5.55
C VAL D 93 4.10 -26.39 4.18
N SER D 94 3.28 -26.17 3.16
CA SER D 94 3.77 -25.93 1.82
C SER D 94 3.74 -24.44 1.60
N VAL D 95 4.81 -23.90 1.04
CA VAL D 95 5.00 -22.47 0.91
C VAL D 95 5.48 -22.13 -0.51
N PRO D 96 4.89 -21.11 -1.13
CA PRO D 96 5.37 -20.66 -2.45
C PRO D 96 6.80 -20.17 -2.32
N ILE D 97 7.66 -20.55 -3.25
CA ILE D 97 9.08 -20.23 -3.08
C ILE D 97 9.36 -18.74 -3.21
N SER D 98 8.41 -17.99 -3.74
CA SER D 98 8.56 -16.53 -3.75
C SER D 98 8.52 -15.93 -2.33
N SER D 99 8.07 -16.69 -1.35
CA SER D 99 8.04 -16.21 0.03
C SER D 99 9.25 -16.66 0.83
N LEU D 100 10.18 -17.37 0.20
CA LEU D 100 11.31 -17.95 0.91
C LEU D 100 12.61 -17.54 0.28
N TRP D 101 13.67 -17.53 1.07
CA TRP D 101 14.99 -17.55 0.51
C TRP D 101 15.21 -18.91 -0.14
N VAL D 102 15.79 -18.92 -1.33
CA VAL D 102 16.08 -20.16 -2.04
C VAL D 102 17.49 -20.02 -2.60
N PRO D 103 18.28 -21.08 -2.52
CA PRO D 103 19.67 -20.96 -3.02
C PRO D 103 19.73 -20.71 -4.52
N ASP D 104 20.69 -19.91 -4.97
CA ASP D 104 20.83 -19.54 -6.39
C ASP D 104 21.67 -20.56 -7.15
N LEU D 105 21.18 -21.80 -7.22
CA LEU D 105 21.96 -22.86 -7.84
C LEU D 105 21.87 -22.68 -9.33
N ALA D 106 22.96 -22.95 -10.02
CA ALA D 106 22.95 -22.96 -11.48
C ALA D 106 23.77 -24.13 -12.01
N ALA D 107 23.37 -24.66 -13.16
CA ALA D 107 24.17 -25.69 -13.81
C ALA D 107 25.17 -25.03 -14.75
N TYR D 108 26.46 -25.22 -14.47
CA TYR D 108 27.51 -24.53 -15.22
C TYR D 108 27.50 -24.86 -16.71
N ASN D 109 27.09 -26.07 -17.07
CA ASN D 109 27.12 -26.48 -18.46
C ASN D 109 25.75 -26.56 -19.15
N ALA D 110 24.77 -25.87 -18.58
CA ALA D 110 23.46 -25.75 -19.21
C ALA D 110 23.52 -24.84 -20.44
N ILE D 111 22.72 -25.15 -21.46
CA ILE D 111 22.70 -24.33 -22.67
C ILE D 111 21.30 -23.86 -23.00
N SER D 112 20.39 -24.05 -22.06
CA SER D 112 19.02 -23.54 -22.17
C SER D 112 18.60 -23.19 -20.75
N LYS D 113 17.62 -22.32 -20.58
CA LYS D 113 17.20 -22.04 -19.21
C LYS D 113 16.38 -23.18 -18.64
N PRO D 114 16.45 -23.36 -17.32
CA PRO D 114 15.70 -24.49 -16.76
C PRO D 114 14.20 -24.29 -16.94
N GLU D 115 13.52 -25.31 -17.45
CA GLU D 115 12.08 -25.26 -17.59
C GLU D 115 11.48 -26.03 -16.41
N VAL D 116 10.95 -25.30 -15.42
CA VAL D 116 10.34 -25.96 -14.26
C VAL D 116 8.98 -26.49 -14.65
N LEU D 117 8.79 -27.80 -14.49
CA LEU D 117 7.58 -28.48 -14.93
C LEU D 117 6.49 -28.57 -13.84
N THR D 118 6.87 -28.34 -12.58
CA THR D 118 6.02 -28.63 -11.44
C THR D 118 5.63 -27.36 -10.67
N PRO D 119 4.63 -27.46 -9.76
CA PRO D 119 4.25 -26.27 -8.97
C PRO D 119 5.40 -25.81 -8.10
N GLN D 120 5.64 -24.50 -8.05
CA GLN D 120 6.79 -23.99 -7.30
C GLN D 120 6.54 -23.78 -5.81
N LEU D 121 6.54 -24.89 -5.10
CA LEU D 121 6.25 -24.90 -3.67
C LEU D 121 7.37 -25.61 -2.95
N ALA D 122 7.81 -25.03 -1.84
CA ALA D 122 8.75 -25.74 -1.00
C ALA D 122 7.98 -26.26 0.20
N ARG D 123 8.53 -27.28 0.84
CA ARG D 123 7.93 -27.84 2.03
C ARG D 123 8.81 -27.37 3.18
N VAL D 124 8.20 -26.74 4.19
CA VAL D 124 8.89 -26.23 5.37
C VAL D 124 8.47 -27.00 6.62
N VAL D 125 9.46 -27.47 7.37
CA VAL D 125 9.27 -28.18 8.63
C VAL D 125 9.42 -27.22 9.82
N SER D 126 8.72 -27.51 10.92
CA SER D 126 8.68 -26.58 12.06
C SER D 126 10.05 -26.23 12.66
N ASP D 127 11.02 -27.11 12.51
CA ASP D 127 12.37 -26.84 12.98
C ASP D 127 13.17 -25.87 12.07
N GLY D 128 12.64 -25.56 10.89
CA GLY D 128 13.33 -24.67 9.98
C GLY D 128 13.89 -25.33 8.73
N GLU D 129 13.79 -26.65 8.64
CA GLU D 129 14.23 -27.35 7.44
C GLU D 129 13.33 -27.06 6.24
N VAL D 130 13.96 -26.82 5.09
CA VAL D 130 13.23 -26.56 3.86
C VAL D 130 13.57 -27.63 2.84
N LEU D 131 12.55 -28.12 2.17
CA LEU D 131 12.75 -29.06 1.08
C LEU D 131 12.13 -28.51 -0.22
N TYR D 132 12.96 -28.26 -1.21
CA TYR D 132 12.49 -27.76 -2.50
C TYR D 132 12.92 -28.79 -3.52
N MET D 133 11.96 -29.38 -4.23
CA MET D 133 12.25 -30.45 -5.20
C MET D 133 11.52 -30.26 -6.52
N PRO D 134 11.97 -29.30 -7.33
CA PRO D 134 11.29 -29.09 -8.61
C PRO D 134 11.67 -30.15 -9.64
N SER D 135 10.74 -30.46 -10.52
CA SER D 135 11.12 -31.24 -11.68
C SER D 135 11.51 -30.30 -12.83
N ILE D 136 12.63 -30.61 -13.47
CA ILE D 136 13.22 -29.68 -14.41
C ILE D 136 13.58 -30.35 -15.75
N ARG D 137 13.20 -29.71 -16.84
CA ARG D 137 13.72 -30.07 -18.15
C ARG D 137 14.76 -29.05 -18.56
N GLN D 138 15.94 -29.53 -18.98
CA GLN D 138 17.01 -28.64 -19.38
C GLN D 138 17.97 -29.32 -20.38
N ARG D 139 18.47 -28.54 -21.36
CA ARG D 139 19.52 -28.94 -22.29
C ARG D 139 20.90 -28.72 -21.69
N PHE D 140 21.79 -29.70 -21.88
CA PHE D 140 23.17 -29.61 -21.41
C PHE D 140 24.16 -29.91 -22.50
N SER D 141 25.32 -29.28 -22.38
CA SER D 141 26.44 -29.59 -23.26
C SER D 141 27.36 -30.49 -22.48
N CYS D 142 27.55 -31.70 -22.98
CA CYS D 142 28.47 -32.62 -22.32
C CYS D 142 28.87 -33.76 -23.25
N ASP D 143 29.73 -34.66 -22.75
CA ASP D 143 30.28 -35.74 -23.55
C ASP D 143 29.27 -36.85 -23.80
N VAL D 144 28.86 -36.98 -25.04
CA VAL D 144 27.78 -37.87 -25.41
C VAL D 144 28.35 -39.06 -26.18
N SER D 145 29.64 -38.98 -26.51
CA SER D 145 30.34 -40.04 -27.23
C SER D 145 30.21 -41.40 -26.53
N GLY D 146 29.86 -42.43 -27.29
CA GLY D 146 29.77 -43.76 -26.73
C GLY D 146 28.36 -44.10 -26.28
N VAL D 147 27.41 -43.21 -26.54
CA VAL D 147 26.03 -43.42 -26.09
C VAL D 147 25.43 -44.68 -26.73
N ASP D 148 25.93 -45.05 -27.89
CA ASP D 148 25.42 -46.21 -28.61
C ASP D 148 26.29 -47.45 -28.45
N THR D 149 27.10 -47.49 -27.40
CA THR D 149 27.93 -48.66 -27.11
C THR D 149 27.53 -49.32 -25.80
N GLU D 150 28.21 -50.40 -25.44
CA GLU D 150 27.89 -51.15 -24.25
C GLU D 150 28.26 -50.36 -23.02
N SER D 151 29.36 -49.62 -23.12
CA SER D 151 29.84 -48.83 -22.00
C SER D 151 28.99 -47.58 -21.81
N GLY D 152 28.36 -47.13 -22.89
CA GLY D 152 27.52 -45.95 -22.83
C GLY D 152 28.34 -44.68 -22.76
N ALA D 153 27.65 -43.55 -22.60
CA ALA D 153 28.29 -42.26 -22.47
C ALA D 153 28.32 -41.85 -21.01
N THR D 154 29.26 -40.98 -20.67
CA THR D 154 29.28 -40.40 -19.34
C THR D 154 29.13 -38.90 -19.44
N CYS D 155 27.97 -38.42 -19.03
CA CYS D 155 27.65 -37.01 -19.06
C CYS D 155 27.78 -36.41 -17.65
N ARG D 156 28.54 -35.34 -17.53
CA ARG D 156 28.72 -34.68 -16.25
C ARG D 156 27.96 -33.34 -16.18
N ILE D 157 27.24 -33.12 -15.08
CA ILE D 157 26.55 -31.87 -14.85
C ILE D 157 27.08 -31.25 -13.57
N LYS D 158 27.54 -30.01 -13.66
CA LYS D 158 28.02 -29.32 -12.47
C LYS D 158 27.01 -28.29 -11.97
N ILE D 159 26.60 -28.43 -10.72
CA ILE D 159 25.64 -27.51 -10.14
C ILE D 159 26.24 -26.85 -8.93
N GLY D 160 26.16 -25.53 -8.86
CA GLY D 160 26.77 -24.78 -7.78
C GLY D 160 26.07 -23.45 -7.54
N SER D 161 26.33 -22.83 -6.40
CA SER D 161 25.83 -21.48 -6.17
C SER D 161 26.45 -20.53 -7.18
N TRP D 162 25.62 -19.69 -7.77
CA TRP D 162 26.07 -18.78 -8.81
C TRP D 162 26.88 -17.59 -8.24
N THR D 163 26.40 -16.99 -7.16
CA THR D 163 27.03 -15.79 -6.60
C THR D 163 27.50 -15.89 -5.14
N HIS D 164 27.27 -17.03 -4.49
CA HIS D 164 27.72 -17.19 -3.11
C HIS D 164 28.90 -18.14 -3.00
N HIS D 165 30.00 -17.64 -2.42
CA HIS D 165 31.20 -18.44 -2.23
C HIS D 165 31.09 -19.42 -1.06
N SER D 166 32.11 -20.26 -0.93
CA SER D 166 32.12 -21.38 0.02
C SER D 166 31.91 -21.00 1.50
N ARG D 167 32.22 -19.77 1.88
CA ARG D 167 31.97 -19.34 3.25
C ARG D 167 30.53 -18.90 3.51
N GLU D 168 29.74 -18.79 2.45
CA GLU D 168 28.32 -18.41 2.58
C GLU D 168 27.39 -19.59 2.28
N ILE D 169 27.74 -20.35 1.24
CA ILE D 169 26.98 -21.55 0.88
C ILE D 169 27.94 -22.70 0.63
N SER D 170 27.66 -23.85 1.21
CA SER D 170 28.35 -25.07 0.82
C SER D 170 27.34 -26.02 0.24
N VAL D 171 27.69 -26.68 -0.87
CA VAL D 171 26.79 -27.66 -1.45
C VAL D 171 27.36 -29.04 -1.22
N ASP D 172 26.49 -30.00 -0.93
CA ASP D 172 26.92 -31.35 -0.61
C ASP D 172 25.94 -32.33 -1.20
N PRO D 173 26.44 -33.39 -1.84
CA PRO D 173 25.56 -34.42 -2.37
C PRO D 173 24.99 -35.26 -1.23
N THR D 174 23.87 -35.92 -1.50
CA THR D 174 23.28 -36.84 -0.54
C THR D 174 22.85 -38.13 -1.24
N THR D 175 23.00 -39.25 -0.54
CA THR D 175 22.63 -40.56 -1.08
C THR D 175 21.20 -40.95 -0.67
N SER D 178 18.42 -45.00 -2.00
CA SER D 178 17.56 -45.07 -3.19
C SER D 178 18.31 -45.39 -4.50
N ASP D 179 17.69 -46.24 -5.32
CA ASP D 179 18.29 -46.70 -6.56
C ASP D 179 18.35 -45.63 -7.68
N ASP D 180 19.25 -45.82 -8.64
CA ASP D 180 19.52 -44.84 -9.70
C ASP D 180 18.38 -44.69 -10.71
N SER D 181 17.81 -45.83 -11.12
CA SER D 181 16.65 -45.87 -11.98
C SER D 181 15.35 -45.74 -11.22
N GLU D 182 15.42 -45.37 -9.94
CA GLU D 182 14.22 -45.44 -9.12
C GLU D 182 13.06 -44.71 -9.78
N TYR D 183 13.29 -43.50 -10.28
CA TYR D 183 12.20 -42.75 -10.88
C TYR D 183 12.40 -42.57 -12.39
N PHE D 184 13.33 -43.30 -12.97
CA PHE D 184 13.64 -43.12 -14.38
C PHE D 184 12.58 -43.81 -15.22
N SER D 185 12.10 -43.11 -16.24
CA SER D 185 11.05 -43.61 -17.10
C SER D 185 11.45 -44.89 -17.85
N GLN D 186 10.62 -45.91 -17.79
CA GLN D 186 10.90 -47.15 -18.49
C GLN D 186 10.65 -47.00 -19.99
N TYR D 187 10.05 -45.88 -20.38
CA TYR D 187 9.74 -45.68 -21.79
C TYR D 187 10.73 -44.81 -22.54
N SER D 188 11.80 -44.36 -21.86
CA SER D 188 12.88 -43.64 -22.52
C SER D 188 13.62 -44.53 -23.53
N ARG D 189 14.25 -43.93 -24.53
CA ARG D 189 15.08 -44.69 -25.47
C ARG D 189 16.37 -45.10 -24.77
N PHE D 190 16.60 -44.52 -23.60
CA PHE D 190 17.87 -44.70 -22.90
C PHE D 190 17.69 -45.41 -21.58
N GLU D 191 18.79 -45.92 -21.05
CA GLU D 191 18.78 -46.56 -19.75
C GLU D 191 19.98 -46.06 -18.96
N ILE D 192 19.83 -46.01 -17.65
CA ILE D 192 20.91 -45.53 -16.80
C ILE D 192 21.76 -46.70 -16.32
N LEU D 193 23.06 -46.60 -16.53
CA LEU D 193 24.00 -47.61 -16.09
C LEU D 193 24.51 -47.26 -14.70
N ASP D 194 24.78 -45.98 -14.47
CA ASP D 194 25.29 -45.55 -13.17
C ASP D 194 25.21 -44.03 -13.00
N VAL D 195 25.04 -43.61 -11.75
CA VAL D 195 25.04 -42.19 -11.39
C VAL D 195 25.95 -41.99 -10.19
N THR D 196 26.93 -41.10 -10.29
CA THR D 196 27.77 -40.78 -9.14
C THR D 196 27.73 -39.27 -8.87
N GLN D 197 27.86 -38.90 -7.61
CA GLN D 197 27.82 -37.50 -7.21
C GLN D 197 29.09 -37.17 -6.45
N LYS D 198 29.77 -36.11 -6.86
CA LYS D 198 31.06 -35.72 -6.29
C LYS D 198 31.05 -34.22 -5.95
N LYS D 199 31.75 -33.84 -4.89
CA LYS D 199 31.78 -32.44 -4.49
C LYS D 199 33.08 -31.78 -4.91
N ASN D 200 33.01 -30.51 -5.33
CA ASN D 200 34.19 -29.75 -5.72
C ASN D 200 34.24 -28.38 -5.04
N SER D 201 35.44 -27.84 -4.94
CA SER D 201 35.64 -26.49 -4.45
C SER D 201 36.61 -25.81 -5.41
N VAL D 202 36.13 -24.82 -6.15
CA VAL D 202 36.90 -24.27 -7.26
C VAL D 202 37.12 -22.77 -7.12
N THR D 203 38.33 -22.32 -7.43
CA THR D 203 38.61 -20.90 -7.53
C THR D 203 38.67 -20.52 -8.99
N TYR D 204 38.03 -19.43 -9.37
CA TYR D 204 38.09 -19.02 -10.75
C TYR D 204 38.95 -17.75 -10.87
N SER D 205 39.39 -17.45 -12.09
CA SER D 205 40.19 -16.27 -12.40
C SER D 205 39.41 -14.97 -12.15
N CYS D 206 38.09 -15.05 -12.28
CA CYS D 206 37.23 -13.88 -12.18
C CYS D 206 37.06 -13.38 -10.75
N CYS D 207 37.43 -14.19 -9.76
CA CYS D 207 37.08 -13.89 -8.37
C CYS D 207 38.00 -14.58 -7.36
N PRO D 208 38.25 -13.91 -6.21
CA PRO D 208 39.18 -14.44 -5.19
C PRO D 208 38.70 -15.68 -4.41
N GLU D 209 37.40 -15.82 -4.15
CA GLU D 209 36.93 -16.83 -3.21
C GLU D 209 36.63 -18.18 -3.86
N ALA D 210 36.58 -19.22 -3.04
CA ALA D 210 36.23 -20.55 -3.55
C ALA D 210 34.71 -20.73 -3.73
N TYR D 211 34.34 -21.49 -4.74
CA TYR D 211 32.93 -21.78 -5.01
C TYR D 211 32.68 -23.27 -5.01
N GLU D 212 31.72 -23.71 -4.22
CA GLU D 212 31.44 -25.14 -4.15
C GLU D 212 30.42 -25.55 -5.20
N ASP D 213 30.61 -26.76 -5.73
CA ASP D 213 29.65 -27.37 -6.64
C ASP D 213 29.55 -28.90 -6.45
N VAL D 214 28.43 -29.46 -6.86
CA VAL D 214 28.29 -30.88 -6.99
C VAL D 214 28.42 -31.27 -8.47
N GLU D 215 29.18 -32.32 -8.72
CA GLU D 215 29.33 -32.82 -10.07
C GLU D 215 28.63 -34.16 -10.13
N VAL D 216 27.59 -34.24 -10.94
CA VAL D 216 26.84 -35.45 -11.07
C VAL D 216 27.26 -36.12 -12.36
N SER D 217 27.68 -37.39 -12.27
CA SER D 217 28.08 -38.13 -13.46
C SER D 217 27.05 -39.16 -13.84
N LEU D 218 26.46 -38.99 -15.01
CA LEU D 218 25.42 -39.88 -15.46
C LEU D 218 25.99 -40.78 -16.56
N ASN D 219 26.07 -42.07 -16.26
CA ASN D 219 26.48 -43.06 -17.24
C ASN D 219 25.20 -43.70 -17.85
N PHE D 220 24.96 -43.45 -19.13
CA PHE D 220 23.74 -43.94 -19.78
C PHE D 220 24.02 -44.42 -21.20
N ARG D 221 23.11 -45.21 -21.77
CA ARG D 221 23.29 -45.70 -23.13
C ARG D 221 21.95 -45.94 -23.83
N LYS D 222 21.98 -46.04 -25.15
CA LYS D 222 20.75 -46.33 -25.91
C LYS D 222 20.35 -47.79 -25.73
N LYS D 223 19.08 -48.04 -25.41
CA LYS D 223 18.63 -49.41 -25.08
C LYS D 223 18.81 -50.39 -26.25
N LEU E 20 25.63 -3.91 11.82
CA LEU E 20 25.09 -4.13 10.49
C LEU E 20 25.29 -5.55 10.04
N ASP E 21 24.20 -6.26 9.77
CA ASP E 21 24.28 -7.58 9.18
C ASP E 21 23.62 -7.59 7.79
N ARG E 22 23.70 -8.72 7.09
CA ARG E 22 23.12 -8.85 5.76
CA ARG E 22 23.11 -8.86 5.75
C ARG E 22 21.67 -8.38 5.67
N ALA E 23 20.83 -8.75 6.63
CA ALA E 23 19.43 -8.33 6.64
C ALA E 23 19.28 -6.81 6.58
N ASP E 24 20.10 -6.10 7.37
CA ASP E 24 20.03 -4.63 7.43
C ASP E 24 20.50 -4.03 6.11
N ILE E 25 21.65 -4.49 5.64
CA ILE E 25 22.21 -4.00 4.38
C ILE E 25 21.22 -4.17 3.25
N LEU E 26 20.56 -5.33 3.20
CA LEU E 26 19.63 -5.60 2.13
C LEU E 26 18.35 -4.79 2.28
N TYR E 27 17.90 -4.61 3.52
CA TYR E 27 16.75 -3.74 3.78
C TYR E 27 17.03 -2.32 3.29
N ASN E 28 18.17 -1.76 3.68
CA ASN E 28 18.57 -0.41 3.24
C ASN E 28 18.66 -0.24 1.73
N ILE E 29 19.27 -1.21 1.06
CA ILE E 29 19.36 -1.17 -0.39
C ILE E 29 17.98 -1.23 -1.03
N ARG E 30 17.13 -2.13 -0.56
CA ARG E 30 15.79 -2.21 -1.10
C ARG E 30 15.02 -0.89 -0.88
N GLN E 31 15.09 -0.36 0.33
CA GLN E 31 14.37 0.87 0.66
C GLN E 31 14.83 2.13 -0.10
N THR E 32 16.07 2.15 -0.60
CA THR E 32 16.65 3.44 -1.03
C THR E 32 17.53 3.44 -2.26
N SER E 33 17.60 2.34 -3.02
CA SER E 33 18.69 2.24 -3.99
C SER E 33 18.50 2.94 -5.35
N ARG E 34 17.24 3.15 -5.76
CA ARG E 34 16.90 3.89 -6.98
C ARG E 34 17.28 3.23 -8.33
N PRO E 35 16.58 2.13 -8.69
CA PRO E 35 17.05 1.37 -9.85
C PRO E 35 16.86 2.09 -11.17
N ASP E 36 16.14 3.18 -11.15
CA ASP E 36 15.86 3.96 -12.34
C ASP E 36 16.87 5.09 -12.55
N VAL E 37 17.74 5.33 -11.57
CA VAL E 37 18.64 6.47 -11.60
C VAL E 37 20.09 6.09 -11.86
N ILE E 38 20.65 6.57 -12.96
CA ILE E 38 22.04 6.30 -13.29
C ILE E 38 22.95 6.99 -12.27
N PRO E 39 23.87 6.23 -11.64
CA PRO E 39 24.66 6.76 -10.53
C PRO E 39 25.88 7.57 -10.99
N THR E 40 25.65 8.65 -11.73
CA THR E 40 26.75 9.53 -12.15
C THR E 40 27.29 10.34 -10.98
N GLN E 41 28.60 10.62 -10.99
CA GLN E 41 29.24 11.46 -9.97
C GLN E 41 29.92 12.66 -10.61
N ARG E 42 29.57 13.87 -10.16
CA ARG E 42 30.18 15.11 -10.66
C ARG E 42 29.94 15.30 -12.15
N ASP E 43 28.83 14.75 -12.64
CA ASP E 43 28.52 14.71 -14.07
C ASP E 43 29.65 14.13 -14.94
N ARG E 44 30.48 13.27 -14.34
CA ARG E 44 31.38 12.41 -15.09
C ARG E 44 30.57 11.19 -15.50
N PRO E 45 30.97 10.52 -16.56
CA PRO E 45 30.20 9.33 -16.94
C PRO E 45 30.42 8.14 -15.99
N VAL E 46 29.41 7.28 -15.85
CA VAL E 46 29.58 6.03 -15.15
C VAL E 46 30.47 5.12 -16.01
N ALA E 47 31.59 4.71 -15.45
CA ALA E 47 32.48 3.79 -16.13
C ALA E 47 32.00 2.33 -15.95
N VAL E 48 31.63 1.69 -17.05
CA VAL E 48 31.14 0.34 -17.00
C VAL E 48 32.12 -0.59 -17.73
N SER E 49 32.66 -1.56 -17.01
CA SER E 49 33.56 -2.54 -17.60
C SER E 49 32.73 -3.70 -18.10
N VAL E 50 33.02 -4.16 -19.31
CA VAL E 50 32.35 -5.31 -19.90
C VAL E 50 33.38 -6.24 -20.53
N SER E 51 33.27 -7.52 -20.22
CA SER E 51 34.06 -8.52 -20.93
C SER E 51 33.26 -9.81 -21.09
N LEU E 52 33.28 -10.37 -22.30
CA LEU E 52 32.58 -11.62 -22.55
C LEU E 52 33.53 -12.80 -22.38
N LYS E 53 33.06 -13.82 -21.69
CA LYS E 53 33.73 -15.12 -21.65
C LYS E 53 32.83 -16.08 -22.40
N PHE E 54 33.33 -16.63 -23.50
CA PHE E 54 32.50 -17.53 -24.27
C PHE E 54 32.47 -18.91 -23.64
N ILE E 55 31.27 -19.49 -23.58
CA ILE E 55 31.04 -20.76 -22.91
C ILE E 55 30.77 -21.83 -23.98
N ASN E 56 30.04 -21.45 -25.02
CA ASN E 56 29.67 -22.39 -26.06
C ASN E 56 29.19 -21.70 -27.33
N ILE E 57 29.48 -22.34 -28.46
CA ILE E 57 28.92 -21.97 -29.76
C ILE E 57 28.06 -23.12 -30.21
N LEU E 58 26.77 -22.88 -30.41
CA LEU E 58 25.82 -23.98 -30.53
C LEU E 58 25.41 -24.25 -31.96
N GLU E 59 25.00 -23.21 -32.65
CA GLU E 59 24.52 -23.38 -34.02
C GLU E 59 25.17 -22.34 -34.86
N VAL E 60 25.70 -22.79 -35.98
CA VAL E 60 26.33 -21.88 -36.92
C VAL E 60 25.71 -22.15 -38.28
N ASN E 61 25.38 -21.10 -38.99
CA ASN E 61 24.78 -21.25 -40.31
C ASN E 61 25.54 -20.36 -41.26
N GLU E 62 26.39 -20.96 -42.09
CA GLU E 62 27.26 -20.19 -42.96
C GLU E 62 26.47 -19.52 -44.07
N ILE E 63 25.35 -20.14 -44.45
CA ILE E 63 24.48 -19.58 -45.47
C ILE E 63 23.79 -18.29 -45.02
N THR E 64 23.10 -18.34 -43.87
CA THR E 64 22.38 -17.17 -43.37
C THR E 64 23.24 -16.22 -42.54
N ASN E 65 24.47 -16.62 -42.23
CA ASN E 65 25.37 -15.82 -41.41
C ASN E 65 24.80 -15.56 -40.02
N GLU E 66 24.36 -16.62 -39.37
CA GLU E 66 23.82 -16.51 -38.02
C GLU E 66 24.54 -17.48 -37.10
N VAL E 67 24.83 -17.02 -35.90
CA VAL E 67 25.50 -17.86 -34.92
C VAL E 67 24.72 -17.84 -33.58
N ASP E 68 24.69 -18.98 -32.91
CA ASP E 68 24.05 -19.09 -31.60
C ASP E 68 25.14 -19.27 -30.53
N VAL E 69 25.20 -18.36 -29.58
CA VAL E 69 26.32 -18.31 -28.66
C VAL E 69 25.83 -18.36 -27.20
N VAL E 70 26.60 -19.00 -26.33
CA VAL E 70 26.41 -18.86 -24.88
C VAL E 70 27.63 -18.17 -24.30
N PHE E 71 27.40 -17.10 -23.56
CA PHE E 71 28.53 -16.38 -23.01
C PHE E 71 28.25 -15.82 -21.63
N TRP E 72 29.32 -15.64 -20.86
CA TRP E 72 29.22 -15.00 -19.55
CA TRP E 72 29.28 -15.02 -19.55
C TRP E 72 29.55 -13.53 -19.70
N GLN E 73 28.61 -12.69 -19.32
CA GLN E 73 28.79 -11.27 -19.54
C GLN E 73 29.18 -10.58 -18.26
N GLN E 74 30.47 -10.40 -18.06
CA GLN E 74 30.94 -9.75 -16.86
C GLN E 74 30.76 -8.26 -16.97
N THR E 75 30.00 -7.68 -16.06
CA THR E 75 29.75 -6.26 -16.07
C THR E 75 30.04 -5.71 -14.68
N THR E 76 30.68 -4.56 -14.65
CA THR E 76 31.20 -4.00 -13.44
C THR E 76 31.04 -2.49 -13.48
N TRP E 77 30.60 -1.89 -12.38
CA TRP E 77 30.53 -0.43 -12.30
C TRP E 77 30.41 -0.01 -10.87
N SER E 78 30.54 1.29 -10.60
CA SER E 78 30.39 1.80 -9.24
C SER E 78 29.08 2.51 -9.03
N ASP E 79 28.42 2.20 -7.92
CA ASP E 79 27.26 2.96 -7.47
C ASP E 79 27.49 3.31 -6.00
N ARG E 80 28.07 4.48 -5.76
CA ARG E 80 28.45 4.85 -4.40
C ARG E 80 27.23 4.99 -3.47
N THR E 81 26.04 5.10 -4.04
CA THR E 81 24.85 5.21 -3.23
C THR E 81 24.52 3.88 -2.56
N LEU E 82 25.25 2.82 -2.91
CA LEU E 82 24.99 1.50 -2.34
C LEU E 82 25.98 1.21 -1.21
N ALA E 83 27.02 2.05 -1.11
CA ALA E 83 28.07 1.86 -0.09
C ALA E 83 27.59 1.80 1.36
N TRP E 84 28.32 1.07 2.20
CA TRP E 84 28.09 1.05 3.65
C TRP E 84 29.41 0.89 4.39
N ASN E 85 29.42 1.21 5.69
CA ASN E 85 30.60 1.04 6.50
C ASN E 85 30.72 -0.43 6.85
N SER E 86 31.76 -1.09 6.35
CA SER E 86 31.87 -2.54 6.57
C SER E 86 32.73 -2.94 7.78
N SER E 87 32.83 -2.06 8.78
CA SER E 87 33.46 -2.43 10.04
C SER E 87 32.49 -3.31 10.83
N HIS E 88 32.92 -4.53 11.13
CA HIS E 88 32.07 -5.51 11.80
C HIS E 88 30.80 -5.77 11.00
N SER E 89 30.94 -5.81 9.68
CA SER E 89 29.82 -6.05 8.78
C SER E 89 30.33 -6.89 7.63
N PRO E 90 29.41 -7.58 6.93
CA PRO E 90 29.74 -8.24 5.67
C PRO E 90 30.38 -7.27 4.70
N ASP E 91 31.39 -7.73 3.95
CA ASP E 91 32.02 -6.91 2.96
C ASP E 91 31.20 -6.88 1.65
N GLN E 92 30.33 -7.88 1.48
CA GLN E 92 29.60 -8.08 0.25
C GLN E 92 28.23 -8.74 0.45
N VAL E 93 27.28 -8.39 -0.40
CA VAL E 93 25.98 -9.06 -0.44
C VAL E 93 25.55 -9.36 -1.88
N SER E 94 24.69 -10.35 -2.04
CA SER E 94 24.02 -10.60 -3.31
C SER E 94 22.67 -9.93 -3.33
N VAL E 95 22.38 -9.22 -4.42
CA VAL E 95 21.19 -8.39 -4.50
C VAL E 95 20.44 -8.69 -5.80
N PRO E 96 19.12 -8.85 -5.75
CA PRO E 96 18.36 -9.00 -6.99
C PRO E 96 18.52 -7.74 -7.85
N ILE E 97 18.77 -7.91 -9.15
CA ILE E 97 19.02 -6.74 -10.00
C ILE E 97 17.83 -5.79 -10.13
N SER E 98 16.63 -6.26 -9.77
CA SER E 98 15.47 -5.37 -9.80
C SER E 98 15.55 -4.29 -8.72
N SER E 99 16.43 -4.48 -7.75
CA SER E 99 16.67 -3.49 -6.72
C SER E 99 17.82 -2.54 -7.03
N LEU E 100 18.46 -2.70 -8.17
CA LEU E 100 19.66 -1.93 -8.47
C LEU E 100 19.51 -1.22 -9.77
N TRP E 101 20.21 -0.10 -9.94
CA TRP E 101 20.44 0.40 -11.27
C TRP E 101 21.36 -0.57 -12.01
N VAL E 102 20.98 -0.92 -13.23
CA VAL E 102 21.80 -1.76 -14.09
C VAL E 102 21.95 -1.07 -15.45
N PRO E 103 23.15 -1.12 -16.05
CA PRO E 103 23.35 -0.44 -17.34
C PRO E 103 22.50 -1.06 -18.44
N ASP E 104 21.97 -0.22 -19.32
CA ASP E 104 21.12 -0.72 -20.42
C ASP E 104 21.93 -1.19 -21.64
N LEU E 105 22.80 -2.18 -21.44
CA LEU E 105 23.60 -2.67 -22.53
C LEU E 105 22.76 -3.43 -23.55
N ALA E 106 23.08 -3.25 -24.83
CA ALA E 106 22.47 -4.06 -25.88
C ALA E 106 23.51 -4.46 -26.91
N ALA E 107 23.34 -5.65 -27.46
CA ALA E 107 24.20 -6.08 -28.56
C ALA E 107 23.57 -5.60 -29.86
N TYR E 108 24.27 -4.71 -30.58
CA TYR E 108 23.76 -4.09 -31.78
C TYR E 108 23.42 -5.10 -32.89
N ASN E 109 24.12 -6.23 -32.94
CA ASN E 109 23.84 -7.19 -34.01
C ASN E 109 23.11 -8.47 -33.57
N ALA E 110 22.42 -8.39 -32.43
CA ALA E 110 21.58 -9.48 -31.96
C ALA E 110 20.34 -9.63 -32.83
N ILE E 111 19.89 -10.86 -33.07
CA ILE E 111 18.66 -11.09 -33.84
C ILE E 111 17.64 -11.89 -33.05
N SER E 112 17.90 -12.09 -31.76
CA SER E 112 16.96 -12.70 -30.84
C SER E 112 17.13 -11.98 -29.50
N LYS E 113 16.13 -12.01 -28.63
CA LYS E 113 16.35 -11.38 -27.31
C LYS E 113 17.27 -12.21 -26.45
N PRO E 114 18.02 -11.56 -25.57
CA PRO E 114 18.93 -12.36 -24.75
C PRO E 114 18.16 -13.29 -23.82
N GLU E 115 18.54 -14.56 -23.79
CA GLU E 115 17.94 -15.53 -22.89
C GLU E 115 18.88 -15.68 -21.68
N VAL E 116 18.52 -15.07 -20.54
CA VAL E 116 19.35 -15.21 -19.35
C VAL E 116 19.15 -16.58 -18.70
N LEU E 117 20.23 -17.34 -18.60
CA LEU E 117 20.19 -18.72 -18.11
C LEU E 117 20.39 -18.85 -16.58
N THR E 118 20.88 -17.80 -15.94
CA THR E 118 21.30 -17.87 -14.55
C THR E 118 20.45 -17.00 -13.62
N PRO E 119 20.55 -17.21 -12.30
CA PRO E 119 19.81 -16.36 -11.35
C PRO E 119 20.18 -14.91 -11.50
N GLN E 120 19.19 -14.02 -11.48
CA GLN E 120 19.48 -12.62 -11.73
C GLN E 120 19.89 -11.81 -10.49
N LEU E 121 21.11 -12.08 -10.06
CA LEU E 121 21.64 -11.50 -8.84
C LEU E 121 22.95 -10.79 -9.12
N ALA E 122 23.07 -9.57 -8.62
CA ALA E 122 24.36 -8.88 -8.69
C ALA E 122 25.06 -8.97 -7.33
N ARG E 123 26.37 -8.89 -7.34
CA ARG E 123 27.15 -8.91 -6.13
C ARG E 123 27.58 -7.49 -5.86
N VAL E 124 27.26 -6.97 -4.67
CA VAL E 124 27.59 -5.60 -4.28
C VAL E 124 28.62 -5.58 -3.17
N VAL E 125 29.69 -4.82 -3.37
CA VAL E 125 30.74 -4.68 -2.38
C VAL E 125 30.49 -3.40 -1.56
N SER E 126 30.97 -3.38 -0.31
CA SER E 126 30.67 -2.28 0.60
C SER E 126 31.14 -0.91 0.11
N ASP E 127 32.15 -0.87 -0.74
CA ASP E 127 32.61 0.41 -1.32
C ASP E 127 31.69 0.96 -2.44
N GLY E 128 30.73 0.15 -2.90
CA GLY E 128 29.81 0.56 -3.95
C GLY E 128 30.01 -0.15 -5.29
N GLU E 129 31.04 -1.00 -5.39
CA GLU E 129 31.26 -1.73 -6.62
C GLU E 129 30.21 -2.81 -6.85
N VAL E 130 29.72 -2.90 -8.08
CA VAL E 130 28.71 -3.88 -8.40
C VAL E 130 29.25 -4.82 -9.45
N LEU E 131 29.02 -6.12 -9.25
CA LEU E 131 29.40 -7.11 -10.24
CA LEU E 131 29.42 -7.11 -10.22
C LEU E 131 28.18 -7.94 -10.62
N TYR E 132 27.71 -7.76 -11.85
CA TYR E 132 26.60 -8.54 -12.39
C TYR E 132 27.21 -9.34 -13.51
N MET E 133 27.09 -10.65 -13.46
CA MET E 133 27.68 -11.51 -14.48
CA MET E 133 27.69 -11.51 -14.46
C MET E 133 26.74 -12.61 -14.93
N PRO E 134 25.71 -12.26 -15.72
CA PRO E 134 24.76 -13.28 -16.18
C PRO E 134 25.33 -14.18 -17.27
N SER E 135 24.84 -15.40 -17.32
CA SER E 135 25.10 -16.24 -18.48
C SER E 135 23.97 -16.11 -19.52
N ILE E 136 24.34 -15.88 -20.77
CA ILE E 136 23.39 -15.53 -21.80
C ILE E 136 23.50 -16.39 -23.06
N ARG E 137 22.36 -16.89 -23.52
CA ARG E 137 22.25 -17.47 -24.83
C ARG E 137 21.59 -16.46 -25.78
N GLN E 138 22.21 -16.25 -26.93
CA GLN E 138 21.70 -15.28 -27.87
C GLN E 138 22.16 -15.59 -29.29
N ARG E 139 21.30 -15.25 -30.26
CA ARG E 139 21.62 -15.41 -31.68
C ARG E 139 22.13 -14.10 -32.25
N PHE E 140 23.18 -14.21 -33.06
CA PHE E 140 23.75 -13.02 -33.69
C PHE E 140 23.86 -13.18 -35.20
N SER E 141 23.74 -12.05 -35.88
CA SER E 141 24.06 -11.94 -37.28
C SER E 141 25.49 -11.43 -37.40
N CYS E 142 26.36 -12.22 -38.00
CA CYS E 142 27.73 -11.80 -38.25
C CYS E 142 28.40 -12.68 -39.32
N ASP E 143 29.66 -12.38 -39.59
CA ASP E 143 30.39 -13.06 -40.66
C ASP E 143 30.88 -14.45 -40.24
N VAL E 144 30.29 -15.45 -40.86
CA VAL E 144 30.48 -16.84 -40.44
C VAL E 144 31.34 -17.55 -41.50
N SER E 145 31.61 -16.85 -42.58
CA SER E 145 32.40 -17.40 -43.66
C SER E 145 33.79 -17.85 -43.19
N GLY E 146 34.19 -19.05 -43.58
CA GLY E 146 35.50 -19.55 -43.25
C GLY E 146 35.50 -20.38 -41.98
N VAL E 147 34.31 -20.64 -41.43
CA VAL E 147 34.21 -21.36 -40.17
C VAL E 147 34.76 -22.80 -40.29
N ASP E 148 34.71 -23.34 -41.50
CA ASP E 148 35.20 -24.68 -41.77
C ASP E 148 36.59 -24.69 -42.40
N THR E 149 37.38 -23.65 -42.16
CA THR E 149 38.75 -23.61 -42.65
C THR E 149 39.74 -23.51 -41.51
N GLU E 150 41.03 -23.49 -41.82
CA GLU E 150 42.07 -23.45 -40.80
C GLU E 150 42.09 -22.10 -40.11
N SER E 151 41.80 -21.07 -40.89
CA SER E 151 41.78 -19.71 -40.37
C SER E 151 40.53 -19.45 -39.54
N GLY E 152 39.47 -20.19 -39.82
CA GLY E 152 38.23 -20.03 -39.07
C GLY E 152 37.46 -18.81 -39.51
N ALA E 153 36.34 -18.54 -38.85
CA ALA E 153 35.55 -17.34 -39.07
C ALA E 153 35.87 -16.30 -38.00
N THR E 154 35.63 -15.04 -38.32
CA THR E 154 35.74 -13.99 -37.33
C THR E 154 34.41 -13.28 -37.17
N CYS E 155 33.79 -13.53 -36.03
CA CYS E 155 32.49 -12.98 -35.75
C CYS E 155 32.65 -11.82 -34.79
N ARG E 156 32.05 -10.68 -35.12
CA ARG E 156 32.13 -9.51 -34.26
C ARG E 156 30.79 -9.20 -33.56
N ILE E 157 30.84 -8.97 -32.26
CA ILE E 157 29.66 -8.58 -31.50
C ILE E 157 29.89 -7.20 -30.93
N LYS E 158 28.98 -6.26 -31.16
CA LYS E 158 29.09 -4.92 -30.60
C LYS E 158 28.09 -4.71 -29.47
N ILE E 159 28.61 -4.40 -28.30
CA ILE E 159 27.76 -4.16 -27.15
C ILE E 159 27.96 -2.73 -26.65
N GLY E 160 26.86 -1.99 -26.50
CA GLY E 160 26.92 -0.62 -26.03
C GLY E 160 25.69 -0.22 -25.22
N SER E 161 25.76 0.92 -24.53
CA SER E 161 24.56 1.46 -23.92
C SER E 161 23.56 1.86 -24.99
N TRP E 162 22.30 1.51 -24.78
CA TRP E 162 21.28 1.70 -25.78
C TRP E 162 20.84 3.17 -25.85
N THR E 163 20.69 3.81 -24.68
CA THR E 163 20.10 5.14 -24.62
C THR E 163 21.00 6.18 -23.95
N HIS E 164 22.10 5.75 -23.35
CA HIS E 164 23.00 6.69 -22.68
C HIS E 164 24.23 6.98 -23.53
N HIS E 165 24.47 8.26 -23.80
CA HIS E 165 25.63 8.65 -24.59
C HIS E 165 26.91 8.71 -23.75
N SER E 166 28.01 9.02 -24.41
CA SER E 166 29.35 8.89 -23.85
C SER E 166 29.63 9.75 -22.62
N ARG E 167 28.86 10.82 -22.42
CA ARG E 167 29.00 11.65 -21.23
C ARG E 167 28.24 11.11 -20.01
N GLU E 168 27.41 10.10 -20.22
CA GLU E 168 26.68 9.49 -19.12
C GLU E 168 27.23 8.10 -18.81
N ILE E 169 27.59 7.35 -19.84
CA ILE E 169 28.09 5.99 -19.68
C ILE E 169 29.24 5.80 -20.62
N SER E 170 30.35 5.31 -20.10
CA SER E 170 31.44 4.86 -20.95
C SER E 170 31.63 3.36 -20.74
N VAL E 171 31.81 2.62 -21.82
CA VAL E 171 32.07 1.19 -21.69
C VAL E 171 33.51 0.91 -22.06
N ASP E 172 34.14 0.01 -21.32
CA ASP E 172 35.54 -0.29 -21.50
C ASP E 172 35.75 -1.77 -21.31
N PRO E 173 36.50 -2.40 -22.22
CA PRO E 173 36.80 -3.82 -22.09
C PRO E 173 37.72 -4.02 -20.91
N THR E 174 37.65 -5.17 -20.25
CA THR E 174 38.52 -5.45 -19.11
C THR E 174 39.25 -6.79 -19.23
N SER E 178 42.69 -12.96 -18.35
CA SER E 178 42.98 -14.40 -18.34
C SER E 178 42.83 -15.04 -19.72
N ASP E 179 42.63 -16.36 -19.74
CA ASP E 179 42.59 -17.14 -20.99
C ASP E 179 41.23 -17.12 -21.74
N ASP E 180 41.29 -17.44 -23.04
CA ASP E 180 40.14 -17.33 -23.94
C ASP E 180 39.16 -18.49 -23.82
N SER E 181 39.70 -19.69 -23.92
CA SER E 181 38.91 -20.90 -23.86
C SER E 181 38.75 -21.32 -22.41
N GLU E 182 39.00 -20.36 -21.51
CA GLU E 182 39.07 -20.64 -20.08
C GLU E 182 37.83 -21.36 -19.61
N TYR E 183 36.68 -20.86 -20.03
CA TYR E 183 35.42 -21.46 -19.65
C TYR E 183 34.69 -22.05 -20.84
N PHE E 184 35.38 -22.18 -21.98
CA PHE E 184 34.72 -22.64 -23.18
C PHE E 184 34.55 -24.15 -23.11
N SER E 185 33.34 -24.62 -23.44
CA SER E 185 33.05 -26.04 -23.36
C SER E 185 33.97 -26.87 -24.28
N GLN E 186 34.54 -27.93 -23.75
CA GLN E 186 35.35 -28.82 -24.55
C GLN E 186 34.49 -29.73 -25.43
N TYR E 187 33.17 -29.67 -25.25
CA TYR E 187 32.28 -30.56 -26.00
C TYR E 187 31.61 -29.87 -27.17
N SER E 188 31.89 -28.58 -27.34
CA SER E 188 31.40 -27.84 -28.51
C SER E 188 31.95 -28.43 -29.83
N ARG E 189 31.20 -28.30 -30.92
CA ARG E 189 31.71 -28.67 -32.23
C ARG E 189 32.80 -27.69 -32.65
N PHE E 190 32.90 -26.58 -31.93
CA PHE E 190 33.79 -25.51 -32.33
C PHE E 190 34.91 -25.28 -31.33
N GLU E 191 35.95 -24.60 -31.77
CA GLU E 191 37.04 -24.23 -30.90
C GLU E 191 37.38 -22.77 -31.12
N ILE E 192 37.84 -22.10 -30.07
CA ILE E 192 38.19 -20.70 -30.14
C ILE E 192 39.67 -20.54 -30.49
N LEU E 193 39.95 -19.80 -31.54
CA LEU E 193 41.32 -19.53 -31.96
C LEU E 193 41.82 -18.26 -31.28
N ASP E 194 40.96 -17.25 -31.20
CA ASP E 194 41.32 -15.98 -30.58
C ASP E 194 40.12 -15.09 -30.27
N VAL E 195 40.25 -14.27 -29.24
CA VAL E 195 39.24 -13.31 -28.86
C VAL E 195 39.92 -11.97 -28.61
N THR E 196 39.46 -10.93 -29.28
CA THR E 196 39.97 -9.59 -29.00
C THR E 196 38.82 -8.65 -28.64
N GLN E 197 39.10 -7.68 -27.78
CA GLN E 197 38.10 -6.72 -27.35
C GLN E 197 38.59 -5.31 -27.64
N LYS E 198 37.80 -4.54 -28.36
CA LYS E 198 38.18 -3.20 -28.79
C LYS E 198 37.07 -2.23 -28.32
N LYS E 199 37.42 -0.98 -28.03
CA LYS E 199 36.42 0.03 -27.68
C LYS E 199 36.19 1.01 -28.85
N ASN E 200 34.93 1.43 -29.03
CA ASN E 200 34.55 2.40 -30.06
C ASN E 200 33.72 3.55 -29.51
N SER E 201 33.72 4.66 -30.24
CA SER E 201 32.88 5.80 -29.91
C SER E 201 32.25 6.26 -31.22
N VAL E 202 30.94 6.10 -31.34
CA VAL E 202 30.27 6.30 -32.61
C VAL E 202 29.17 7.34 -32.53
N THR E 203 29.09 8.19 -33.55
CA THR E 203 27.96 9.10 -33.71
C THR E 203 27.04 8.56 -34.80
N TYR E 204 25.74 8.55 -34.59
CA TYR E 204 24.88 8.04 -35.65
C TYR E 204 24.16 9.22 -36.28
N SER E 205 23.64 9.03 -37.50
CA SER E 205 22.89 10.04 -38.24
C SER E 205 21.74 10.60 -37.42
N CYS E 206 21.17 9.76 -36.56
CA CYS E 206 19.96 10.08 -35.81
C CYS E 206 20.19 11.05 -34.63
N CYS E 207 21.24 10.81 -33.85
CA CYS E 207 21.49 11.57 -32.61
CA CYS E 207 21.48 11.55 -32.63
C CYS E 207 22.80 12.33 -32.67
N PRO E 208 22.79 13.59 -32.23
CA PRO E 208 23.97 14.44 -32.25
C PRO E 208 25.08 13.94 -31.32
N GLU E 209 24.73 13.19 -30.27
CA GLU E 209 25.69 12.70 -29.30
C GLU E 209 26.47 11.47 -29.76
N ALA E 210 27.55 11.14 -29.06
CA ALA E 210 28.31 9.92 -29.36
C ALA E 210 27.99 8.77 -28.37
N TYR E 211 28.16 7.54 -28.80
CA TYR E 211 27.77 6.38 -28.01
C TYR E 211 28.87 5.35 -27.98
N GLU E 212 29.37 5.05 -26.79
CA GLU E 212 30.42 4.07 -26.67
C GLU E 212 29.95 2.62 -26.78
N ASP E 213 30.79 1.78 -27.39
CA ASP E 213 30.56 0.36 -27.39
C ASP E 213 31.87 -0.45 -27.29
N VAL E 214 31.74 -1.71 -26.91
CA VAL E 214 32.85 -2.62 -26.98
C VAL E 214 32.57 -3.53 -28.16
N GLU E 215 33.61 -3.80 -28.94
CA GLU E 215 33.51 -4.73 -30.07
C GLU E 215 34.34 -5.96 -29.73
N VAL E 216 33.68 -7.10 -29.65
CA VAL E 216 34.36 -8.33 -29.30
C VAL E 216 34.52 -9.15 -30.56
N SER E 217 35.74 -9.55 -30.86
CA SER E 217 36.00 -10.32 -32.07
C SER E 217 36.32 -11.74 -31.70
N LEU E 218 35.48 -12.65 -32.18
CA LEU E 218 35.63 -14.05 -31.88
C LEU E 218 36.11 -14.79 -33.12
N ASN E 219 37.32 -15.30 -33.04
CA ASN E 219 37.88 -16.09 -34.11
C ASN E 219 37.74 -17.56 -33.74
N PHE E 220 36.90 -18.28 -34.48
CA PHE E 220 36.60 -19.67 -34.13
C PHE E 220 36.49 -20.54 -35.39
N ARG E 221 36.57 -21.85 -35.23
CA ARG E 221 36.42 -22.75 -36.37
C ARG E 221 35.82 -24.08 -35.95
N LYS E 222 35.42 -24.86 -36.94
CA LYS E 222 34.93 -26.22 -36.71
C LYS E 222 36.06 -27.15 -36.26
N LYS E 223 35.78 -27.99 -35.25
CA LYS E 223 36.76 -28.94 -34.74
C LYS E 223 36.87 -30.15 -35.66
N GLY E 224 38.09 -30.68 -35.80
CA GLY E 224 38.39 -31.79 -36.69
C GLY E 224 37.38 -32.93 -36.69
N LEU F 20 -12.32 -21.64 11.79
CA LEU F 20 -12.52 -20.28 12.29
C LEU F 20 -12.19 -20.18 13.76
N ASP F 21 -11.22 -19.32 14.08
CA ASP F 21 -10.95 -18.93 15.46
C ASP F 21 -10.95 -17.40 15.58
N ARG F 22 -10.75 -16.86 16.77
CA ARG F 22 -10.70 -15.42 16.97
C ARG F 22 -9.82 -14.67 15.97
N ALA F 23 -8.64 -15.21 15.70
CA ALA F 23 -7.73 -14.52 14.78
C ALA F 23 -8.35 -14.41 13.37
N ASP F 24 -8.95 -15.51 12.91
CA ASP F 24 -9.58 -15.55 11.59
C ASP F 24 -10.81 -14.64 11.51
N ILE F 25 -11.70 -14.77 12.49
CA ILE F 25 -12.86 -13.92 12.56
C ILE F 25 -12.49 -12.44 12.56
N LEU F 26 -11.48 -12.06 13.33
CA LEU F 26 -11.07 -10.65 13.37
C LEU F 26 -10.37 -10.20 12.09
N TYR F 27 -9.63 -11.10 11.45
CA TYR F 27 -9.01 -10.80 10.19
C TYR F 27 -10.12 -10.52 9.17
N ASN F 28 -11.11 -11.42 9.07
CA ASN F 28 -12.19 -11.28 8.08
C ASN F 28 -12.99 -10.00 8.28
N ILE F 29 -13.31 -9.69 9.53
CA ILE F 29 -14.00 -8.45 9.83
C ILE F 29 -13.18 -7.24 9.41
N ARG F 30 -11.89 -7.25 9.72
CA ARG F 30 -11.05 -6.11 9.38
C ARG F 30 -10.95 -5.94 7.85
N GLN F 31 -10.75 -7.04 7.15
CA GLN F 31 -10.64 -7.02 5.70
C GLN F 31 -11.92 -6.61 4.94
N THR F 32 -13.11 -6.84 5.51
CA THR F 32 -14.37 -6.71 4.74
C THR F 32 -15.62 -6.07 5.38
N SER F 33 -15.49 -5.29 6.45
CA SER F 33 -16.74 -4.90 7.15
C SER F 33 -17.40 -3.56 6.76
N ARG F 34 -16.62 -2.63 6.20
CA ARG F 34 -17.16 -1.39 5.59
C ARG F 34 -17.76 -0.42 6.61
N PRO F 35 -16.90 0.16 7.47
CA PRO F 35 -17.41 0.97 8.56
C PRO F 35 -18.17 2.21 8.10
N ASP F 36 -18.10 2.51 6.82
CA ASP F 36 -18.76 3.68 6.27
C ASP F 36 -20.16 3.37 5.72
N VAL F 37 -20.52 2.08 5.68
CA VAL F 37 -21.77 1.64 5.06
C VAL F 37 -22.84 1.20 6.06
N ILE F 38 -23.95 1.91 6.07
CA ILE F 38 -25.06 1.55 6.95
C ILE F 38 -25.65 0.20 6.52
N PRO F 39 -25.74 -0.78 7.45
CA PRO F 39 -26.13 -2.13 7.09
C PRO F 39 -27.64 -2.30 6.98
N THR F 40 -28.27 -1.55 6.08
CA THR F 40 -29.70 -1.74 5.84
C THR F 40 -29.97 -2.99 5.02
N GLN F 41 -31.17 -3.52 5.17
CA GLN F 41 -31.57 -4.66 4.38
C GLN F 41 -32.90 -4.36 3.71
N ARG F 42 -32.96 -4.54 2.40
CA ARG F 42 -34.20 -4.34 1.64
C ARG F 42 -34.71 -2.91 1.77
N ASP F 43 -33.79 -1.96 1.97
CA ASP F 43 -34.14 -0.57 2.27
C ASP F 43 -35.15 -0.39 3.43
N ARG F 44 -35.16 -1.35 4.35
CA ARG F 44 -35.82 -1.18 5.62
C ARG F 44 -34.81 -0.50 6.54
N PRO F 45 -35.30 0.17 7.58
CA PRO F 45 -34.33 0.84 8.43
C PRO F 45 -33.58 -0.10 9.38
N VAL F 46 -32.34 0.27 9.72
CA VAL F 46 -31.57 -0.41 10.74
C VAL F 46 -32.18 -0.05 12.06
N ALA F 47 -32.62 -1.06 12.82
CA ALA F 47 -33.20 -0.83 14.13
C ALA F 47 -32.08 -0.74 15.18
N VAL F 48 -31.97 0.42 15.83
CA VAL F 48 -30.94 0.64 16.82
C VAL F 48 -31.58 0.82 18.19
N SER F 49 -31.25 -0.06 19.12
CA SER F 49 -31.72 0.04 20.50
C SER F 49 -30.77 0.91 21.31
N VAL F 50 -31.32 1.85 22.05
CA VAL F 50 -30.53 2.70 22.91
C VAL F 50 -31.15 2.77 24.30
N SER F 51 -30.33 2.62 25.32
CA SER F 51 -30.78 2.87 26.68
C SER F 51 -29.64 3.41 27.50
N LEU F 52 -29.89 4.47 28.27
CA LEU F 52 -28.88 5.06 29.13
C LEU F 52 -29.02 4.49 30.54
N LYS F 53 -27.88 4.13 31.12
CA LYS F 53 -27.79 3.78 32.53
C LYS F 53 -26.96 4.87 33.13
N PHE F 54 -27.53 5.63 34.05
CA PHE F 54 -26.78 6.70 34.68
C PHE F 54 -25.83 6.18 35.77
N ILE F 55 -24.64 6.73 35.78
CA ILE F 55 -23.60 6.26 36.67
C ILE F 55 -23.34 7.34 37.69
N ASN F 56 -23.40 8.59 37.27
CA ASN F 56 -23.10 9.70 38.17
C ASN F 56 -23.58 11.06 37.64
N ILE F 57 -23.96 11.94 38.56
CA ILE F 57 -24.28 13.32 38.22
C ILE F 57 -23.27 14.16 38.99
N LEU F 58 -22.47 14.93 38.28
CA LEU F 58 -21.28 15.52 38.90
C LEU F 58 -21.43 16.99 39.24
N GLU F 59 -21.91 17.78 38.30
CA GLU F 59 -22.05 19.20 38.53
C GLU F 59 -23.40 19.62 38.02
N VAL F 60 -24.10 20.36 38.85
CA VAL F 60 -25.39 20.86 38.51
C VAL F 60 -25.34 22.34 38.79
N ASN F 61 -25.90 23.12 37.89
CA ASN F 61 -25.92 24.56 38.05
C ASN F 61 -27.34 25.02 37.76
N GLU F 62 -28.08 25.35 38.81
CA GLU F 62 -29.49 25.71 38.68
C GLU F 62 -29.68 27.06 37.98
N ILE F 63 -28.68 27.94 38.11
CA ILE F 63 -28.71 29.24 37.46
C ILE F 63 -28.58 29.13 35.94
N THR F 64 -27.55 28.45 35.47
CA THR F 64 -27.29 28.32 34.03
C THR F 64 -28.05 27.16 33.38
N ASN F 65 -28.68 26.31 34.19
CA ASN F 65 -29.39 25.14 33.71
C ASN F 65 -28.49 24.16 32.95
N GLU F 66 -27.36 23.85 33.56
CA GLU F 66 -26.42 22.92 32.95
C GLU F 66 -26.13 21.78 33.92
N VAL F 67 -26.04 20.57 33.38
CA VAL F 67 -25.76 19.41 34.21
C VAL F 67 -24.63 18.59 33.60
N ASP F 68 -23.76 18.05 34.43
CA ASP F 68 -22.65 17.21 33.99
C ASP F 68 -22.94 15.77 34.41
N VAL F 69 -23.00 14.87 33.44
CA VAL F 69 -23.48 13.53 33.70
C VAL F 69 -22.45 12.48 33.24
N VAL F 70 -22.37 11.36 33.98
CA VAL F 70 -21.68 10.18 33.47
C VAL F 70 -22.72 9.08 33.24
N PHE F 71 -22.73 8.50 32.04
CA PHE F 71 -23.71 7.46 31.73
C PHE F 71 -23.11 6.38 30.83
N TRP F 72 -23.65 5.18 30.97
CA TRP F 72 -23.26 4.03 30.16
C TRP F 72 -24.32 4.00 29.09
N GLN F 73 -23.90 4.13 27.83
CA GLN F 73 -24.82 4.28 26.71
C GLN F 73 -24.90 2.95 25.95
N GLN F 74 -25.90 2.12 26.27
CA GLN F 74 -26.04 0.81 25.63
C GLN F 74 -26.64 0.94 24.25
N THR F 75 -25.93 0.45 23.24
CA THR F 75 -26.39 0.57 21.87
C THR F 75 -26.30 -0.79 21.22
N THR F 76 -27.34 -1.13 20.48
CA THR F 76 -27.49 -2.47 19.95
C THR F 76 -28.07 -2.40 18.55
N TRP F 77 -27.54 -3.20 17.62
CA TRP F 77 -28.11 -3.25 16.28
C TRP F 77 -27.59 -4.49 15.56
N SER F 78 -28.16 -4.79 14.40
CA SER F 78 -27.72 -5.93 13.60
C SER F 78 -26.93 -5.49 12.39
N ASP F 79 -25.83 -6.17 12.15
CA ASP F 79 -25.09 -6.01 10.91
C ASP F 79 -24.80 -7.42 10.42
N ARG F 80 -25.67 -7.93 9.56
CA ARG F 80 -25.56 -9.31 9.10
C ARG F 80 -24.29 -9.56 8.29
N THR F 81 -23.70 -8.50 7.74
CA THR F 81 -22.44 -8.65 7.02
C THR F 81 -21.26 -9.02 7.92
N LEU F 82 -21.48 -9.05 9.24
CA LEU F 82 -20.43 -9.42 10.19
C LEU F 82 -20.56 -10.88 10.60
N ALA F 83 -21.71 -11.48 10.28
CA ALA F 83 -22.02 -12.84 10.72
C ALA F 83 -21.00 -13.90 10.28
N TRP F 84 -20.89 -14.98 11.06
CA TRP F 84 -20.08 -16.14 10.67
C TRP F 84 -20.70 -17.43 11.23
N ASN F 85 -20.30 -18.57 10.66
CA ASN F 85 -20.77 -19.86 11.14
C ASN F 85 -20.04 -20.20 12.42
N SER F 86 -20.75 -20.21 13.55
CA SER F 86 -20.09 -20.43 14.83
C SER F 86 -20.06 -21.88 15.29
N SER F 87 -20.05 -22.83 14.35
CA SER F 87 -19.87 -24.24 14.68
C SER F 87 -18.38 -24.46 14.91
N HIS F 88 -18.03 -24.90 16.12
CA HIS F 88 -16.63 -25.09 16.51
C HIS F 88 -15.87 -23.77 16.37
N SER F 89 -16.53 -22.68 16.74
CA SER F 89 -15.94 -21.35 16.65
C SER F 89 -16.44 -20.54 17.82
N PRO F 90 -15.69 -19.50 18.21
CA PRO F 90 -16.18 -18.52 19.19
C PRO F 90 -17.54 -17.99 18.80
N ASP F 91 -18.41 -17.80 19.77
CA ASP F 91 -19.72 -17.23 19.52
C ASP F 91 -19.64 -15.70 19.43
N GLN F 92 -18.59 -15.12 20.00
CA GLN F 92 -18.46 -13.67 20.10
C GLN F 92 -17.01 -13.21 20.06
N VAL F 93 -16.81 -11.99 19.56
CA VAL F 93 -15.51 -11.34 19.59
C VAL F 93 -15.64 -9.86 19.96
N SER F 94 -14.56 -9.31 20.49
CA SER F 94 -14.49 -7.86 20.71
C SER F 94 -13.75 -7.23 19.55
N VAL F 95 -14.27 -6.12 19.07
CA VAL F 95 -13.81 -5.50 17.84
C VAL F 95 -13.66 -4.01 18.07
N PRO F 96 -12.53 -3.42 17.63
CA PRO F 96 -12.40 -1.96 17.70
C PRO F 96 -13.48 -1.30 16.84
N ILE F 97 -14.13 -0.25 17.34
CA ILE F 97 -15.24 0.33 16.59
C ILE F 97 -14.80 1.01 15.30
N SER F 98 -13.51 1.28 15.15
CA SER F 98 -13.04 1.82 13.87
C SER F 98 -13.17 0.79 12.72
N SER F 99 -13.34 -0.48 13.04
CA SER F 99 -13.53 -1.51 12.05
C SER F 99 -15.01 -1.82 11.77
N LEU F 100 -15.92 -1.08 12.38
CA LEU F 100 -17.34 -1.41 12.26
C LEU F 100 -18.12 -0.18 11.86
N TRP F 101 -19.25 -0.41 11.21
CA TRP F 101 -20.22 0.65 11.13
C TRP F 101 -20.82 0.88 12.53
N VAL F 102 -20.91 2.14 12.91
CA VAL F 102 -21.49 2.51 14.19
C VAL F 102 -22.48 3.62 13.93
N PRO F 103 -23.66 3.56 14.57
CA PRO F 103 -24.67 4.62 14.35
C PRO F 103 -24.19 6.00 14.80
N ASP F 104 -24.53 7.03 14.03
CA ASP F 104 -24.11 8.42 14.29
C ASP F 104 -25.03 9.12 15.30
N LEU F 105 -25.15 8.54 16.50
CA LEU F 105 -26.06 9.10 17.49
C LEU F 105 -25.49 10.40 18.05
N ALA F 106 -26.36 11.37 18.27
CA ALA F 106 -25.97 12.61 18.91
C ALA F 106 -27.03 13.03 19.90
N ALA F 107 -26.60 13.68 20.97
CA ALA F 107 -27.53 14.23 21.95
C ALA F 107 -27.84 15.64 21.54
N TYR F 108 -29.08 15.90 21.17
CA TYR F 108 -29.49 17.22 20.68
C TYR F 108 -29.23 18.36 21.65
N ASN F 109 -29.26 18.11 22.95
CA ASN F 109 -29.05 19.21 23.91
C ASN F 109 -27.71 19.22 24.63
N ALA F 110 -26.73 18.51 24.07
CA ALA F 110 -25.38 18.51 24.60
C ALA F 110 -24.72 19.87 24.39
N ILE F 111 -23.86 20.28 25.33
CA ILE F 111 -23.15 21.53 25.17
C ILE F 111 -21.66 21.34 25.30
N SER F 112 -21.23 20.08 25.28
CA SER F 112 -19.79 19.75 25.23
C SER F 112 -19.70 18.50 24.40
N LYS F 113 -18.54 18.21 23.84
CA LYS F 113 -18.43 16.95 23.11
C LYS F 113 -18.38 15.76 24.07
N PRO F 114 -18.89 14.61 23.63
CA PRO F 114 -18.87 13.46 24.54
C PRO F 114 -17.43 13.03 24.84
N GLU F 115 -17.15 12.82 26.12
CA GLU F 115 -15.83 12.36 26.54
C GLU F 115 -16.00 10.87 26.82
N VAL F 116 -15.50 10.02 25.93
CA VAL F 116 -15.60 8.57 26.14
C VAL F 116 -14.52 8.14 27.12
N LEU F 117 -14.93 7.49 28.20
CA LEU F 117 -14.06 7.16 29.33
C LEU F 117 -13.47 5.74 29.23
N THR F 118 -14.10 4.90 28.41
CA THR F 118 -13.78 3.47 28.34
C THR F 118 -13.14 3.06 27.02
N PRO F 119 -12.55 1.83 26.97
CA PRO F 119 -11.97 1.32 25.71
C PRO F 119 -13.01 1.23 24.60
N GLN F 120 -12.65 1.67 23.40
CA GLN F 120 -13.65 1.74 22.32
C GLN F 120 -13.80 0.45 21.53
N LEU F 121 -14.46 -0.51 22.15
CA LEU F 121 -14.60 -1.85 21.62
C LEU F 121 -16.06 -2.20 21.62
N ALA F 122 -16.50 -2.81 20.54
CA ALA F 122 -17.86 -3.30 20.46
C ALA F 122 -17.77 -4.81 20.57
N ARG F 123 -18.85 -5.43 21.01
CA ARG F 123 -18.91 -6.87 21.09
C ARG F 123 -19.79 -7.34 19.96
N VAL F 124 -19.28 -8.26 19.16
CA VAL F 124 -20.00 -8.78 18.02
C VAL F 124 -20.32 -10.26 18.19
N VAL F 125 -21.58 -10.62 17.96
CA VAL F 125 -22.05 -11.99 18.07
C VAL F 125 -22.08 -12.61 16.69
N SER F 126 -21.93 -13.93 16.61
CA SER F 126 -21.83 -14.61 15.33
C SER F 126 -23.02 -14.42 14.41
N ASP F 127 -24.20 -14.10 14.97
CA ASP F 127 -25.40 -13.86 14.16
C ASP F 127 -25.42 -12.47 13.50
N GLY F 128 -24.53 -11.59 13.93
CA GLY F 128 -24.45 -10.26 13.38
C GLY F 128 -24.84 -9.17 14.35
N GLU F 129 -25.27 -9.53 15.55
CA GLU F 129 -25.64 -8.53 16.54
C GLU F 129 -24.42 -7.84 17.11
N VAL F 130 -24.52 -6.53 17.28
CA VAL F 130 -23.44 -5.75 17.80
C VAL F 130 -23.89 -5.03 19.05
N LEU F 131 -23.07 -5.05 20.10
CA LEU F 131 -23.38 -4.30 21.30
C LEU F 131 -22.23 -3.34 21.61
N TYR F 132 -22.56 -2.04 21.71
CA TYR F 132 -21.56 -1.02 21.99
C TYR F 132 -22.05 -0.23 23.18
N MET F 133 -21.27 -0.27 24.26
CA MET F 133 -21.69 0.30 25.51
C MET F 133 -20.58 1.16 26.07
N PRO F 134 -20.33 2.32 25.46
CA PRO F 134 -19.29 3.17 26.03
C PRO F 134 -19.80 3.90 27.26
N SER F 135 -18.89 4.22 28.16
CA SER F 135 -19.22 5.10 29.27
C SER F 135 -18.83 6.53 28.89
N ILE F 136 -19.75 7.46 29.12
CA ILE F 136 -19.59 8.82 28.60
C ILE F 136 -19.80 9.91 29.67
N ARG F 137 -18.89 10.85 29.71
CA ARG F 137 -19.11 12.05 30.48
C ARG F 137 -19.47 13.17 29.52
N GLN F 138 -20.58 13.87 29.79
CA GLN F 138 -21.02 14.96 28.94
C GLN F 138 -21.83 16.03 29.70
N ARG F 139 -21.66 17.30 29.34
CA ARG F 139 -22.50 18.38 29.87
C ARG F 139 -23.75 18.55 29.00
N PHE F 140 -24.88 18.82 29.65
CA PHE F 140 -26.14 19.07 28.97
C PHE F 140 -26.81 20.34 29.45
N SER F 141 -27.55 20.97 28.54
CA SER F 141 -28.43 22.06 28.90
C SER F 141 -29.82 21.48 29.05
N CYS F 142 -30.39 21.65 30.23
CA CYS F 142 -31.74 21.17 30.48
C CYS F 142 -32.31 21.79 31.75
N ASP F 143 -33.54 21.44 32.07
CA ASP F 143 -34.25 22.05 33.19
C ASP F 143 -33.80 21.47 34.54
N VAL F 144 -33.12 22.30 35.32
CA VAL F 144 -32.46 21.89 36.54
C VAL F 144 -33.26 22.41 37.76
N SER F 145 -34.24 23.26 37.47
CA SER F 145 -35.07 23.84 38.52
C SER F 145 -35.74 22.78 39.38
N GLY F 146 -35.66 22.96 40.69
CA GLY F 146 -36.29 22.06 41.63
C GLY F 146 -35.37 20.95 42.08
N VAL F 147 -34.09 21.04 41.72
CA VAL F 147 -33.12 20.00 42.05
C VAL F 147 -32.95 19.89 43.57
N ASP F 148 -33.20 20.98 44.28
CA ASP F 148 -33.05 21.01 45.72
C ASP F 148 -34.36 20.84 46.47
N THR F 149 -35.37 20.26 45.82
CA THR F 149 -36.67 20.05 46.44
C THR F 149 -36.97 18.56 46.53
N GLU F 150 -38.10 18.22 47.14
CA GLU F 150 -38.51 16.83 47.31
C GLU F 150 -38.86 16.20 45.98
N SER F 151 -39.44 17.00 45.10
CA SER F 151 -39.86 16.51 43.80
C SER F 151 -38.66 16.35 42.87
N GLY F 152 -37.61 17.10 43.14
CA GLY F 152 -36.42 17.04 42.33
C GLY F 152 -36.58 17.78 41.01
N ALA F 153 -35.55 17.70 40.17
CA ALA F 153 -35.60 18.27 38.83
C ALA F 153 -35.87 17.17 37.81
N THR F 154 -36.41 17.54 36.66
CA THR F 154 -36.55 16.60 35.57
C THR F 154 -35.75 17.08 34.37
N CYS F 155 -34.66 16.39 34.09
CA CYS F 155 -33.77 16.74 33.00
C CYS F 155 -34.03 15.79 31.84
N ARG F 156 -34.22 16.36 30.64
CA ARG F 156 -34.50 15.54 29.47
C ARG F 156 -33.32 15.56 28.49
N ILE F 157 -32.93 14.38 28.02
CA ILE F 157 -31.87 14.24 27.04
C ILE F 157 -32.43 13.59 25.79
N LYS F 158 -32.26 14.23 24.64
CA LYS F 158 -32.72 13.66 23.40
C LYS F 158 -31.54 13.12 22.58
N ILE F 159 -31.62 11.86 22.21
CA ILE F 159 -30.56 11.24 21.44
C ILE F 159 -31.15 10.65 20.18
N GLY F 160 -30.57 11.01 19.03
CA GLY F 160 -31.07 10.53 17.75
C GLY F 160 -29.97 10.43 16.71
N SER F 161 -30.27 9.80 15.57
CA SER F 161 -29.32 9.80 14.46
C SER F 161 -29.17 11.22 13.94
N TRP F 162 -27.92 11.62 13.71
CA TRP F 162 -27.64 12.97 13.29
C TRP F 162 -28.00 13.20 11.81
N THR F 163 -27.68 12.23 10.96
CA THR F 163 -27.85 12.43 9.51
C THR F 163 -28.72 11.36 8.83
N HIS F 164 -29.18 10.36 9.58
CA HIS F 164 -30.00 9.33 8.95
C HIS F 164 -31.44 9.46 9.37
N HIS F 165 -32.34 9.55 8.40
CA HIS F 165 -33.77 9.68 8.69
C HIS F 165 -34.42 8.34 9.03
N SER F 166 -35.69 8.40 9.40
CA SER F 166 -36.41 7.26 9.96
C SER F 166 -36.49 6.03 9.04
N ARG F 167 -36.31 6.23 7.73
CA ARG F 167 -36.34 5.11 6.80
C ARG F 167 -34.99 4.41 6.70
N GLU F 168 -33.96 5.01 7.27
CA GLU F 168 -32.62 4.43 7.28
C GLU F 168 -32.21 3.94 8.66
N ILE F 169 -32.51 4.74 9.69
CA ILE F 169 -32.30 4.33 11.08
C ILE F 169 -33.54 4.61 11.93
N SER F 170 -33.98 3.61 12.68
CA SER F 170 -34.97 3.85 13.73
C SER F 170 -34.34 3.62 15.08
N VAL F 171 -34.55 4.53 16.03
CA VAL F 171 -34.06 4.31 17.38
C VAL F 171 -35.22 3.96 18.31
N ASP F 172 -34.97 3.02 19.21
CA ASP F 172 -36.00 2.52 20.12
C ASP F 172 -35.40 2.26 21.48
N PRO F 173 -36.07 2.76 22.52
CA PRO F 173 -35.59 2.48 23.88
C PRO F 173 -35.81 0.99 24.17
N THR F 174 -35.01 0.39 25.04
CA THR F 174 -35.38 -0.92 25.53
C THR F 174 -35.88 -0.76 26.97
N THR F 175 -36.27 -1.85 27.62
CA THR F 175 -36.90 -1.77 28.94
C THR F 175 -36.49 -2.91 29.88
N GLU F 176 -36.38 -2.61 31.18
CA GLU F 176 -36.14 -3.58 32.28
C GLU F 176 -34.75 -4.21 32.26
N ASP F 180 -33.07 1.24 38.40
CA ASP F 180 -32.71 2.48 37.73
C ASP F 180 -31.43 3.04 38.33
N SER F 181 -31.37 3.02 39.66
CA SER F 181 -30.18 3.42 40.41
C SER F 181 -29.17 2.27 40.38
N GLU F 182 -29.51 1.20 39.66
CA GLU F 182 -28.68 0.01 39.56
C GLU F 182 -27.17 0.26 39.47
N TYR F 183 -26.73 1.10 38.54
CA TYR F 183 -25.29 1.35 38.45
C TYR F 183 -24.96 2.75 38.91
N PHE F 184 -25.92 3.41 39.51
CA PHE F 184 -25.69 4.80 39.91
C PHE F 184 -24.81 4.84 41.15
N SER F 185 -23.82 5.73 41.16
CA SER F 185 -22.86 5.85 42.26
C SER F 185 -23.56 6.25 43.57
N GLN F 186 -23.26 5.52 44.64
CA GLN F 186 -23.85 5.85 45.92
C GLN F 186 -23.15 7.05 46.54
N TYR F 187 -22.08 7.51 45.92
CA TYR F 187 -21.31 8.62 46.47
C TYR F 187 -21.60 9.95 45.82
N SER F 188 -22.49 9.95 44.83
CA SER F 188 -22.96 11.18 44.22
C SER F 188 -23.66 12.09 45.25
N ARG F 189 -23.59 13.41 45.06
CA ARG F 189 -24.39 14.33 45.86
C ARG F 189 -25.87 14.17 45.52
N PHE F 190 -26.17 13.44 44.45
CA PHE F 190 -27.53 13.37 43.94
C PHE F 190 -28.07 11.97 44.00
N GLU F 191 -29.39 11.84 43.89
CA GLU F 191 -30.02 10.54 43.85
C GLU F 191 -31.07 10.55 42.76
N ILE F 192 -31.26 9.41 42.14
CA ILE F 192 -32.23 9.27 41.08
C ILE F 192 -33.59 8.87 41.65
N LEU F 193 -34.61 9.65 41.31
CA LEU F 193 -35.98 9.35 41.70
C LEU F 193 -36.66 8.49 40.66
N ASP F 194 -36.44 8.81 39.39
CA ASP F 194 -37.04 8.06 38.29
C ASP F 194 -36.38 8.34 36.95
N VAL F 195 -36.43 7.36 36.05
CA VAL F 195 -35.95 7.48 34.70
C VAL F 195 -37.00 6.92 33.75
N THR F 196 -37.43 7.72 32.78
CA THR F 196 -38.32 7.21 31.74
C THR F 196 -37.73 7.46 30.35
N GLN F 197 -38.03 6.54 29.44
CA GLN F 197 -37.52 6.60 28.07
C GLN F 197 -38.69 6.61 27.11
N LYS F 198 -38.73 7.61 26.24
CA LYS F 198 -39.81 7.78 25.27
C LYS F 198 -39.24 7.93 23.84
N LYS F 199 -39.97 7.45 22.85
CA LYS F 199 -39.52 7.57 21.48
C LYS F 199 -40.25 8.68 20.74
N ASN F 200 -39.53 9.40 19.87
CA ASN F 200 -40.12 10.47 19.06
C ASN F 200 -39.77 10.37 17.59
N SER F 201 -40.61 10.98 16.76
CA SER F 201 -40.36 11.07 15.34
C SER F 201 -40.66 12.49 14.93
N VAL F 202 -39.63 13.22 14.53
CA VAL F 202 -39.74 14.65 14.34
C VAL F 202 -39.33 15.06 12.94
N THR F 203 -40.05 16.03 12.39
CA THR F 203 -39.66 16.65 11.12
C THR F 203 -39.07 18.03 11.37
N TYR F 204 -38.01 18.34 10.62
CA TYR F 204 -37.20 19.56 10.78
C TYR F 204 -37.15 20.39 9.50
N SER F 205 -37.06 21.71 9.66
CA SER F 205 -37.14 22.66 8.53
C SER F 205 -36.17 22.41 7.36
N CYS F 206 -35.01 21.86 7.67
CA CYS F 206 -33.96 21.71 6.67
C CYS F 206 -34.25 20.56 5.72
N CYS F 207 -35.16 19.67 6.13
CA CYS F 207 -35.32 18.40 5.44
C CYS F 207 -36.77 17.97 5.41
N PRO F 208 -37.17 17.33 4.31
CA PRO F 208 -38.53 16.80 4.17
C PRO F 208 -38.76 15.55 5.05
N GLU F 209 -37.68 14.86 5.40
CA GLU F 209 -37.76 13.56 6.06
C GLU F 209 -37.97 13.72 7.57
N ALA F 210 -38.40 12.65 8.22
CA ALA F 210 -38.55 12.62 9.69
C ALA F 210 -37.33 11.92 10.33
N TYR F 211 -36.92 12.40 11.50
CA TYR F 211 -35.81 11.83 12.24
C TYR F 211 -36.21 11.30 13.63
N GLU F 212 -35.90 10.03 13.88
CA GLU F 212 -36.26 9.41 15.17
C GLU F 212 -35.26 9.74 16.26
N ASP F 213 -35.78 9.87 17.48
CA ASP F 213 -34.94 10.03 18.68
C ASP F 213 -35.56 9.37 19.91
N VAL F 214 -34.71 9.09 20.90
CA VAL F 214 -35.18 8.64 22.18
C VAL F 214 -35.04 9.84 23.12
N GLU F 215 -36.06 10.07 23.92
CA GLU F 215 -36.02 11.11 24.93
C GLU F 215 -35.96 10.43 26.30
N VAL F 216 -34.88 10.69 27.02
CA VAL F 216 -34.68 10.08 28.33
C VAL F 216 -34.96 11.13 29.37
N SER F 217 -35.88 10.83 30.29
CA SER F 217 -36.21 11.79 31.35
C SER F 217 -35.62 11.34 32.67
N LEU F 218 -34.76 12.17 33.22
CA LEU F 218 -34.10 11.85 34.46
C LEU F 218 -34.65 12.74 35.57
N ASN F 219 -35.34 12.09 36.50
CA ASN F 219 -35.85 12.77 37.68
C ASN F 219 -34.87 12.56 38.84
N PHE F 220 -34.21 13.62 39.28
CA PHE F 220 -33.18 13.49 40.29
C PHE F 220 -33.21 14.68 41.26
N ARG F 221 -32.64 14.52 42.45
CA ARG F 221 -32.57 15.62 43.42
C ARG F 221 -31.26 15.59 44.22
N LYS F 222 -30.85 16.75 44.72
CA LYS F 222 -29.57 16.91 45.44
C LYS F 222 -29.68 16.65 46.93
N LYS F 223 -28.90 15.68 47.41
CA LYS F 223 -28.78 15.38 48.84
C LYS F 223 -28.08 16.50 49.56
N GLY F 224 -28.53 16.77 50.78
CA GLY F 224 -27.84 17.70 51.64
C GLY F 224 -26.58 17.09 52.24
N ARG F 225 -25.68 17.96 52.69
CA ARG F 225 -24.41 17.58 53.32
C ARG F 225 -24.54 16.43 54.34
N SER F 226 -25.67 16.36 55.02
CA SER F 226 -26.03 15.15 55.77
C SER F 226 -26.90 14.27 54.88
N GLU F 227 -26.41 13.13 54.38
CA GLU F 227 -25.14 12.49 54.74
C GLU F 227 -24.13 12.62 53.57
N ILE F 228 -22.82 12.44 53.81
CA ILE F 228 -22.24 12.00 55.09
C ILE F 228 -21.95 13.16 56.06
N LEU G 20 -26.78 -0.12 -8.58
CA LEU G 20 -26.02 0.59 -7.57
C LEU G 20 -26.71 0.57 -6.21
N ASP G 21 -26.02 0.02 -5.22
CA ASP G 21 -26.48 0.14 -3.84
C ASP G 21 -25.52 1.03 -3.02
N ARG G 22 -25.85 1.26 -1.74
CA ARG G 22 -25.08 2.17 -0.90
C ARG G 22 -23.61 1.81 -0.77
N ALA G 23 -23.30 0.53 -0.71
CA ALA G 23 -21.92 0.07 -0.61
C ALA G 23 -21.09 0.52 -1.83
N ASP G 24 -21.68 0.37 -3.01
CA ASP G 24 -21.03 0.78 -4.25
C ASP G 24 -20.83 2.28 -4.33
N ILE G 25 -21.90 3.04 -4.06
CA ILE G 25 -21.83 4.50 -4.07
C ILE G 25 -20.72 5.01 -3.14
N LEU G 26 -20.62 4.42 -1.96
CA LEU G 26 -19.66 4.88 -0.97
C LEU G 26 -18.24 4.47 -1.35
N TYR G 27 -18.11 3.29 -1.94
CA TYR G 27 -16.83 2.83 -2.46
C TYR G 27 -16.34 3.81 -3.56
N ASN G 28 -17.19 4.11 -4.52
CA ASN G 28 -16.81 5.06 -5.57
C ASN G 28 -16.44 6.43 -5.10
N ILE G 29 -17.20 6.95 -4.15
CA ILE G 29 -16.88 8.24 -3.58
C ILE G 29 -15.52 8.21 -2.86
N ARG G 30 -15.28 7.17 -2.07
CA ARG G 30 -14.02 7.06 -1.36
C ARG G 30 -12.84 6.92 -2.31
N GLN G 31 -12.99 6.08 -3.33
CA GLN G 31 -11.93 5.87 -4.33
C GLN G 31 -11.64 7.06 -5.25
N THR G 32 -12.68 7.75 -5.71
CA THR G 32 -12.47 8.87 -6.61
C THR G 32 -12.54 10.15 -5.80
N SER G 33 -12.03 10.05 -4.58
CA SER G 33 -12.12 11.14 -3.64
C SER G 33 -11.04 12.18 -3.91
N ARG G 34 -11.47 13.42 -4.12
CA ARG G 34 -10.55 14.55 -4.16
C ARG G 34 -10.94 15.61 -3.15
N PRO G 35 -10.80 15.27 -1.86
CA PRO G 35 -11.25 16.19 -0.82
C PRO G 35 -10.43 17.47 -0.78
N ASP G 36 -9.34 17.49 -1.54
CA ASP G 36 -8.46 18.65 -1.61
C ASP G 36 -8.79 19.59 -2.80
N VAL G 37 -9.71 19.18 -3.66
CA VAL G 37 -9.99 19.92 -4.89
C VAL G 37 -11.35 20.61 -4.86
N ILE G 38 -11.34 21.95 -4.95
CA ILE G 38 -12.55 22.72 -4.95
C ILE G 38 -13.32 22.42 -6.26
N PRO G 39 -14.61 22.07 -6.15
CA PRO G 39 -15.36 21.59 -7.33
C PRO G 39 -15.94 22.73 -8.16
N THR G 40 -15.09 23.60 -8.70
CA THR G 40 -15.55 24.68 -9.56
C THR G 40 -15.99 24.13 -10.90
N GLN G 41 -17.02 24.75 -11.47
CA GLN G 41 -17.60 24.30 -12.72
C GLN G 41 -17.68 25.47 -13.67
N ARG G 42 -17.14 25.30 -14.88
CA ARG G 42 -17.22 26.31 -15.94
C ARG G 42 -16.54 27.60 -15.51
N ASP G 43 -15.54 27.47 -14.65
CA ASP G 43 -14.90 28.62 -14.01
C ASP G 43 -15.86 29.63 -13.37
N ARG G 44 -17.02 29.14 -12.94
CA ARG G 44 -17.88 29.88 -12.03
C ARG G 44 -17.39 29.58 -10.62
N PRO G 45 -17.68 30.48 -9.67
CA PRO G 45 -17.37 30.14 -8.27
C PRO G 45 -18.31 29.06 -7.76
N VAL G 46 -17.85 28.26 -6.80
CA VAL G 46 -18.72 27.35 -6.09
C VAL G 46 -19.64 28.17 -5.19
N ALA G 47 -20.94 28.02 -5.39
CA ALA G 47 -21.90 28.74 -4.56
C ALA G 47 -22.17 27.96 -3.28
N VAL G 48 -21.84 28.57 -2.14
CA VAL G 48 -21.99 27.91 -0.85
C VAL G 48 -23.05 28.65 -0.04
N SER G 49 -24.12 27.95 0.32
CA SER G 49 -25.15 28.50 1.18
C SER G 49 -24.80 28.24 2.63
N VAL G 50 -24.95 29.26 3.46
CA VAL G 50 -24.70 29.14 4.88
C VAL G 50 -25.82 29.82 5.66
N SER G 51 -26.33 29.13 6.68
CA SER G 51 -27.26 29.74 7.62
C SER G 51 -27.06 29.16 9.01
N LEU G 52 -26.97 30.02 10.01
CA LEU G 52 -26.85 29.56 11.38
C LEU G 52 -28.21 29.44 12.04
N LYS G 53 -28.47 28.31 12.67
CA LYS G 53 -29.60 28.17 13.58
C LYS G 53 -29.00 28.15 14.98
N PHE G 54 -29.36 29.13 15.80
CA PHE G 54 -28.86 29.17 17.16
C PHE G 54 -29.57 28.19 18.08
N ILE G 55 -28.78 27.45 18.85
CA ILE G 55 -29.31 26.43 19.72
C ILE G 55 -29.28 26.89 21.17
N ASN G 56 -28.22 27.60 21.53
CA ASN G 56 -28.04 28.04 22.90
C ASN G 56 -27.01 29.16 23.01
N ILE G 57 -27.19 30.02 24.02
CA ILE G 57 -26.21 31.03 24.40
C ILE G 57 -25.85 30.72 25.84
N LEU G 58 -24.58 30.44 26.10
CA LEU G 58 -24.21 29.79 27.35
C LEU G 58 -23.56 30.76 28.31
N GLU G 59 -22.59 31.50 27.84
CA GLU G 59 -21.89 32.42 28.72
C GLU G 59 -21.76 33.74 28.02
N VAL G 60 -22.10 34.79 28.74
CA VAL G 60 -22.03 36.12 28.19
C VAL G 60 -21.28 36.92 29.22
N ASN G 61 -20.35 37.73 28.77
CA ASN G 61 -19.55 38.57 29.65
C ASN G 61 -19.57 39.97 29.10
N GLU G 62 -20.32 40.86 29.74
CA GLU G 62 -20.52 42.21 29.21
C GLU G 62 -19.25 43.06 29.37
N ILE G 63 -18.44 42.71 30.36
CA ILE G 63 -17.18 43.39 30.58
C ILE G 63 -16.17 43.11 29.46
N THR G 64 -15.90 41.84 29.21
CA THR G 64 -14.92 41.45 28.20
C THR G 64 -15.48 41.40 26.76
N ASN G 65 -16.80 41.53 26.62
CA ASN G 65 -17.45 41.43 25.31
C ASN G 65 -17.22 40.09 24.62
N GLU G 66 -17.47 39.02 25.36
CA GLU G 66 -17.29 37.69 24.82
C GLU G 66 -18.57 36.90 25.03
N VAL G 67 -18.93 36.11 24.05
CA VAL G 67 -20.12 35.30 24.15
C VAL G 67 -19.80 33.85 23.74
N ASP G 68 -20.41 32.90 24.43
CA ASP G 68 -20.26 31.49 24.12
C ASP G 68 -21.57 30.98 23.50
N VAL G 69 -21.49 30.47 22.28
CA VAL G 69 -22.70 30.14 21.52
C VAL G 69 -22.69 28.69 21.03
N VAL G 70 -23.86 28.05 21.04
CA VAL G 70 -24.01 26.77 20.33
C VAL G 70 -24.93 26.99 19.15
N PHE G 71 -24.50 26.55 17.96
CA PHE G 71 -25.29 26.76 16.75
C PHE G 71 -25.15 25.59 15.77
N TRP G 72 -26.20 25.34 15.00
CA TRP G 72 -26.08 24.46 13.84
C TRP G 72 -25.67 25.28 12.63
N GLN G 73 -24.55 24.91 12.01
CA GLN G 73 -24.07 25.56 10.80
C GLN G 73 -24.55 24.83 9.53
N GLN G 74 -25.69 25.22 8.97
CA GLN G 74 -26.16 24.59 7.73
C GLN G 74 -25.33 25.06 6.55
N THR G 75 -24.71 24.12 5.87
CA THR G 75 -23.86 24.44 4.74
C THR G 75 -24.22 23.55 3.57
N THR G 76 -24.29 24.15 2.39
CA THR G 76 -24.86 23.51 1.20
C THR G 76 -24.08 23.96 -0.02
N TRP G 77 -23.78 23.02 -0.90
CA TRP G 77 -23.07 23.37 -2.14
C TRP G 77 -23.18 22.19 -3.11
N SER G 78 -22.78 22.42 -4.35
CA SER G 78 -22.79 21.34 -5.36
C SER G 78 -21.41 20.85 -5.66
N ASP G 79 -21.26 19.53 -5.72
CA ASP G 79 -20.04 18.90 -6.22
C ASP G 79 -20.51 17.86 -7.21
N ARG G 80 -20.56 18.24 -8.48
CA ARG G 80 -21.07 17.35 -9.52
C ARG G 80 -20.23 16.10 -9.72
N THR G 81 -18.98 16.13 -9.25
CA THR G 81 -18.13 14.96 -9.31
C THR G 81 -18.60 13.83 -8.39
N LEU G 82 -19.58 14.11 -7.53
CA LEU G 82 -20.08 13.12 -6.60
C LEU G 82 -21.36 12.46 -7.14
N ALA G 83 -21.93 13.05 -8.18
CA ALA G 83 -23.18 12.58 -8.78
C ALA G 83 -23.19 11.11 -9.27
N TRP G 84 -24.36 10.49 -9.20
CA TRP G 84 -24.55 9.15 -9.75
C TRP G 84 -25.96 9.01 -10.29
N ASN G 85 -26.15 8.02 -11.15
CA ASN G 85 -27.48 7.72 -11.70
C ASN G 85 -28.31 7.00 -10.64
N SER G 86 -29.34 7.67 -10.12
CA SER G 86 -30.12 7.09 -9.04
C SER G 86 -31.36 6.30 -9.49
N SER G 87 -31.32 5.72 -10.69
CA SER G 87 -32.37 4.80 -11.11
C SER G 87 -32.12 3.45 -10.45
N HIS G 88 -33.10 2.99 -9.67
CA HIS G 88 -32.97 1.77 -8.87
C HIS G 88 -31.77 1.85 -7.93
N SER G 89 -31.56 3.03 -7.34
CA SER G 89 -30.45 3.27 -6.45
C SER G 89 -30.91 4.21 -5.37
N PRO G 90 -30.25 4.21 -4.21
CA PRO G 90 -30.47 5.23 -3.18
C PRO G 90 -30.35 6.64 -3.75
N ASP G 91 -31.23 7.53 -3.32
CA ASP G 91 -31.15 8.91 -3.75
C ASP G 91 -30.08 9.69 -2.95
N GLN G 92 -29.73 9.17 -1.78
CA GLN G 92 -28.82 9.87 -0.88
C GLN G 92 -27.97 8.92 -0.06
N VAL G 93 -26.79 9.40 0.35
CA VAL G 93 -25.93 8.67 1.27
C VAL G 93 -25.31 9.61 2.29
N SER G 94 -24.89 9.06 3.43
CA SER G 94 -24.14 9.83 4.42
C SER G 94 -22.67 9.47 4.27
N VAL G 95 -21.82 10.49 4.31
CA VAL G 95 -20.42 10.32 3.91
C VAL G 95 -19.57 11.06 4.92
N PRO G 96 -18.52 10.42 5.42
CA PRO G 96 -17.59 11.13 6.32
C PRO G 96 -16.97 12.31 5.58
N ILE G 97 -16.90 13.48 6.22
CA ILE G 97 -16.40 14.67 5.54
C ILE G 97 -14.93 14.58 5.14
N SER G 98 -14.18 13.66 5.74
CA SER G 98 -12.80 13.45 5.31
C SER G 98 -12.72 12.88 3.88
N SER G 99 -13.83 12.37 3.35
CA SER G 99 -13.85 11.86 1.98
C SER G 99 -14.37 12.89 0.98
N LEU G 100 -14.70 14.10 1.45
CA LEU G 100 -15.30 15.10 0.60
C LEU G 100 -14.52 16.38 0.63
N TRP G 101 -14.61 17.15 -0.45
CA TRP G 101 -14.23 18.54 -0.37
C TRP G 101 -15.25 19.24 0.50
N VAL G 102 -14.76 20.08 1.41
CA VAL G 102 -15.61 20.87 2.28
C VAL G 102 -15.08 22.30 2.30
N PRO G 103 -15.98 23.30 2.23
CA PRO G 103 -15.51 24.70 2.20
C PRO G 103 -14.78 25.08 3.45
N ASP G 104 -13.74 25.90 3.31
CA ASP G 104 -12.89 26.31 4.44
C ASP G 104 -13.45 27.54 5.16
N LEU G 105 -14.66 27.41 5.70
CA LEU G 105 -15.32 28.55 6.31
C LEU G 105 -14.67 28.83 7.64
N ALA G 106 -14.53 30.11 7.97
CA ALA G 106 -14.05 30.51 9.29
C ALA G 106 -14.84 31.71 9.79
N ALA G 107 -15.02 31.79 11.10
CA ALA G 107 -15.65 32.94 11.70
C ALA G 107 -14.55 33.93 12.02
N TYR G 108 -14.62 35.11 11.41
CA TYR G 108 -13.58 36.13 11.56
C TYR G 108 -13.41 36.62 13.00
N ASN G 109 -14.48 36.62 13.77
CA ASN G 109 -14.37 37.12 15.15
C ASN G 109 -14.39 36.05 16.25
N ALA G 110 -14.09 34.81 15.88
CA ALA G 110 -13.97 33.72 16.84
C ALA G 110 -12.72 33.91 17.70
N ILE G 111 -12.80 33.54 18.98
CA ILE G 111 -11.63 33.61 19.86
C ILE G 111 -11.31 32.26 20.52
N SER G 112 -11.95 31.20 20.01
CA SER G 112 -11.63 29.84 20.41
C SER G 112 -11.84 28.99 19.16
N LYS G 113 -11.23 27.81 19.09
CA LYS G 113 -11.48 26.98 17.91
C LYS G 113 -12.87 26.36 17.96
N PRO G 114 -13.48 26.11 16.80
CA PRO G 114 -14.81 25.53 16.86
C PRO G 114 -14.77 24.14 17.47
N GLU G 115 -15.63 23.88 18.45
CA GLU G 115 -15.79 22.55 19.03
C GLU G 115 -16.99 21.88 18.34
N VAL G 116 -16.72 20.90 17.48
CA VAL G 116 -17.81 20.21 16.78
C VAL G 116 -18.38 19.17 17.72
N LEU G 117 -19.66 19.29 18.01
CA LEU G 117 -20.33 18.44 18.99
C LEU G 117 -20.94 17.16 18.39
N THR G 118 -21.15 17.15 17.07
CA THR G 118 -21.90 16.11 16.38
C THR G 118 -21.02 15.20 15.49
N PRO G 119 -21.55 14.05 15.04
CA PRO G 119 -20.81 13.21 14.10
C PRO G 119 -20.49 13.94 12.79
N GLN G 120 -19.26 13.80 12.31
CA GLN G 120 -18.86 14.57 11.15
C GLN G 120 -19.18 13.90 9.83
N LEU G 121 -20.46 13.96 9.48
CA LEU G 121 -20.97 13.31 8.28
C LEU G 121 -21.70 14.35 7.47
N ALA G 122 -21.47 14.33 6.17
CA ALA G 122 -22.28 15.13 5.26
C ALA G 122 -23.28 14.25 4.54
N ARG G 123 -24.36 14.84 4.08
CA ARG G 123 -25.37 14.11 3.33
C ARG G 123 -25.21 14.48 1.85
N VAL G 124 -25.04 13.47 1.02
CA VAL G 124 -24.84 13.69 -0.41
C VAL G 124 -26.01 13.15 -1.22
N VAL G 125 -26.57 14.00 -2.08
CA VAL G 125 -27.67 13.64 -2.95
C VAL G 125 -27.14 13.22 -4.34
N SER G 126 -27.86 12.34 -5.02
CA SER G 126 -27.39 11.78 -6.30
C SER G 126 -27.07 12.81 -7.38
N ASP G 127 -27.68 14.00 -7.30
CA ASP G 127 -27.39 15.06 -8.26
C ASP G 127 -26.08 15.81 -7.99
N GLY G 128 -25.47 15.59 -6.82
CA GLY G 128 -24.22 16.25 -6.48
C GLY G 128 -24.33 17.26 -5.35
N GLU G 129 -25.54 17.49 -4.86
CA GLU G 129 -25.73 18.41 -3.74
C GLU G 129 -25.24 17.82 -2.43
N VAL G 130 -24.52 18.64 -1.67
CA VAL G 130 -23.99 18.21 -0.39
C VAL G 130 -24.58 19.07 0.72
N LEU G 131 -25.02 18.41 1.79
CA LEU G 131 -25.46 19.09 3.00
C LEU G 131 -24.61 18.64 4.17
N TYR G 132 -23.93 19.59 4.79
CA TYR G 132 -23.10 19.34 5.96
C TYR G 132 -23.56 20.32 7.01
N MET G 133 -23.99 19.80 8.16
CA MET G 133 -24.64 20.63 9.17
C MET G 133 -24.18 20.30 10.59
N PRO G 134 -22.96 20.70 10.90
CA PRO G 134 -22.45 20.35 12.22
C PRO G 134 -23.01 21.26 13.30
N SER G 135 -23.14 20.72 14.50
CA SER G 135 -23.46 21.56 15.63
C SER G 135 -22.16 22.01 16.25
N ILE G 136 -22.06 23.29 16.57
CA ILE G 136 -20.79 23.87 16.99
C ILE G 136 -20.92 24.73 18.24
N ARG G 137 -19.97 24.56 19.16
CA ARG G 137 -19.85 25.42 20.33
C ARG G 137 -18.59 26.26 20.21
N GLN G 138 -18.76 27.59 20.13
CA GLN G 138 -17.62 28.47 19.91
C GLN G 138 -17.77 29.80 20.69
N ARG G 139 -16.65 30.37 21.11
CA ARG G 139 -16.70 31.70 21.72
C ARG G 139 -16.42 32.77 20.68
N PHE G 140 -17.05 33.92 20.89
CA PHE G 140 -16.90 35.04 19.97
C PHE G 140 -16.69 36.32 20.73
N SER G 141 -15.89 37.18 20.13
CA SER G 141 -15.75 38.54 20.60
C SER G 141 -16.72 39.40 19.79
N CYS G 142 -17.65 40.03 20.50
CA CYS G 142 -18.60 40.92 19.84
C CYS G 142 -19.30 41.81 20.85
N ASP G 143 -20.19 42.68 20.36
CA ASP G 143 -20.82 43.70 21.20
C ASP G 143 -21.94 43.13 22.06
N VAL G 144 -21.69 43.11 23.36
CA VAL G 144 -22.55 42.42 24.32
C VAL G 144 -23.31 43.47 25.16
N SER G 145 -22.93 44.73 24.99
CA SER G 145 -23.58 45.83 25.70
C SER G 145 -25.09 45.86 25.46
N GLY G 146 -25.84 45.99 26.54
CA GLY G 146 -27.28 46.08 26.46
C GLY G 146 -27.97 44.74 26.59
N VAL G 147 -27.22 43.70 26.91
CA VAL G 147 -27.77 42.34 26.99
C VAL G 147 -28.82 42.25 28.09
N ASP G 148 -28.68 43.11 29.09
CA ASP G 148 -29.59 43.13 30.22
C ASP G 148 -30.68 44.20 30.12
N THR G 149 -30.96 44.66 28.90
CA THR G 149 -32.01 45.65 28.68
C THR G 149 -33.13 45.10 27.81
N GLU G 150 -34.15 45.90 27.56
CA GLU G 150 -35.30 45.48 26.77
C GLU G 150 -34.92 45.32 25.31
N SER G 151 -34.03 46.19 24.85
CA SER G 151 -33.57 46.15 23.47
C SER G 151 -32.61 45.01 23.22
N GLY G 152 -31.93 44.57 24.28
CA GLY G 152 -31.00 43.48 24.18
C GLY G 152 -29.69 43.91 23.55
N ALA G 153 -28.79 42.95 23.34
CA ALA G 153 -27.53 43.20 22.66
C ALA G 153 -27.64 42.73 21.22
N THR G 154 -26.80 43.28 20.36
CA THR G 154 -26.71 42.79 19.00
C THR G 154 -25.29 42.32 18.72
N CYS G 155 -25.15 41.01 18.61
CA CYS G 155 -23.86 40.39 18.38
C CYS G 155 -23.77 40.00 16.91
N ARG G 156 -22.69 40.39 16.25
CA ARG G 156 -22.48 40.06 14.85
C ARG G 156 -21.37 39.00 14.66
N ILE G 157 -21.66 37.98 13.86
CA ILE G 157 -20.69 36.95 13.54
C ILE G 157 -20.46 36.95 12.05
N LYS G 158 -19.20 37.05 11.63
CA LYS G 158 -18.88 37.05 10.22
C LYS G 158 -18.22 35.72 9.83
N ILE G 159 -18.82 35.06 8.86
CA ILE G 159 -18.30 33.79 8.41
C ILE G 159 -18.00 33.87 6.92
N GLY G 160 -16.79 33.51 6.54
CA GLY G 160 -16.40 33.49 5.14
C GLY G 160 -15.35 32.44 4.81
N SER G 161 -15.05 32.28 3.52
CA SER G 161 -13.98 31.37 3.14
C SER G 161 -12.67 32.00 3.57
N TRP G 162 -11.82 31.18 4.17
CA TRP G 162 -10.57 31.68 4.71
C TRP G 162 -9.54 31.99 3.60
N THR G 163 -9.45 31.12 2.59
CA THR G 163 -8.39 31.22 1.58
C THR G 163 -8.90 31.31 0.13
N HIS G 164 -10.21 31.18 -0.08
CA HIS G 164 -10.74 31.29 -1.43
C HIS G 164 -11.46 32.61 -1.65
N HIS G 165 -11.06 33.32 -2.70
CA HIS G 165 -11.68 34.61 -3.03
C HIS G 165 -13.00 34.42 -3.79
N SER G 166 -13.67 35.54 -4.04
CA SER G 166 -15.03 35.56 -4.57
C SER G 166 -15.20 34.87 -5.94
N ARG G 167 -14.14 34.77 -6.73
CA ARG G 167 -14.20 34.06 -8.01
C ARG G 167 -14.09 32.53 -7.87
N GLU G 168 -13.72 32.06 -6.69
CA GLU G 168 -13.64 30.63 -6.43
C GLU G 168 -14.78 30.15 -5.55
N ILE G 169 -15.09 30.92 -4.50
CA ILE G 169 -16.21 30.62 -3.60
C ILE G 169 -17.06 31.86 -3.37
N SER G 170 -18.37 31.73 -3.52
CA SER G 170 -19.29 32.76 -3.06
C SER G 170 -20.14 32.19 -1.93
N VAL G 171 -20.31 32.96 -0.87
CA VAL G 171 -21.17 32.53 0.22
C VAL G 171 -22.45 33.36 0.20
N ASP G 172 -23.56 32.71 0.48
CA ASP G 172 -24.85 33.37 0.41
C ASP G 172 -25.74 32.84 1.51
N PRO G 173 -26.42 33.74 2.23
CA PRO G 173 -27.35 33.32 3.27
C PRO G 173 -28.53 32.64 2.63
N THR G 174 -29.11 31.63 3.27
CA THR G 174 -30.22 30.91 2.64
C THR G 174 -31.57 31.43 3.15
N THR G 175 -32.64 31.17 2.39
CA THR G 175 -33.97 31.66 2.73
C THR G 175 -35.08 30.64 2.52
N SER G 178 -36.34 31.02 6.27
CA SER G 178 -36.79 30.49 7.56
C SER G 178 -36.17 31.22 8.76
N ASP G 179 -36.55 30.80 9.97
CA ASP G 179 -35.96 31.39 11.17
C ASP G 179 -34.86 30.55 11.84
N ASP G 180 -33.97 31.26 12.50
CA ASP G 180 -32.79 30.68 13.12
C ASP G 180 -32.91 30.66 14.65
N SER G 181 -34.14 30.52 15.15
CA SER G 181 -34.46 30.67 16.56
C SER G 181 -35.65 29.79 16.92
N GLU G 182 -35.83 28.75 16.13
CA GLU G 182 -36.87 27.76 16.31
C GLU G 182 -36.33 26.46 16.90
N TYR G 183 -35.00 26.35 16.98
CA TYR G 183 -34.35 25.24 17.65
C TYR G 183 -33.64 25.77 18.89
N PHE G 184 -33.95 26.99 19.28
CA PHE G 184 -33.27 27.61 20.40
C PHE G 184 -33.78 27.03 21.72
N SER G 185 -32.85 26.70 22.62
CA SER G 185 -33.18 26.05 23.89
C SER G 185 -34.08 26.94 24.74
N GLN G 186 -35.18 26.38 25.21
CA GLN G 186 -36.05 27.12 26.10
C GLN G 186 -35.46 27.26 27.50
N TYR G 187 -34.35 26.56 27.75
CA TYR G 187 -33.73 26.57 29.08
C TYR G 187 -32.54 27.50 29.22
N SER G 188 -32.18 28.16 28.12
CA SER G 188 -31.15 29.20 28.13
C SER G 188 -31.55 30.36 29.04
N ARG G 189 -30.56 31.06 29.60
CA ARG G 189 -30.80 32.27 30.37
C ARG G 189 -31.21 33.39 29.42
N PHE G 190 -31.05 33.13 28.13
CA PHE G 190 -31.25 34.19 27.15
C PHE G 190 -32.38 33.86 26.20
N GLU G 191 -32.86 34.89 25.50
CA GLU G 191 -33.89 34.70 24.48
C GLU G 191 -33.50 35.49 23.25
N ILE G 192 -33.87 34.95 22.09
CA ILE G 192 -33.56 35.60 20.84
C ILE G 192 -34.69 36.54 20.43
N LEU G 193 -34.34 37.81 20.18
CA LEU G 193 -35.29 38.80 19.75
C LEU G 193 -35.36 38.80 18.23
N ASP G 194 -34.21 38.74 17.59
CA ASP G 194 -34.17 38.71 16.14
C ASP G 194 -32.82 38.21 15.58
N VAL G 195 -32.87 37.59 14.41
CA VAL G 195 -31.68 37.17 13.68
C VAL G 195 -31.78 37.67 12.24
N THR G 196 -30.76 38.39 11.79
CA THR G 196 -30.69 38.78 10.37
C THR G 196 -29.37 38.32 9.74
N GLN G 197 -29.43 37.99 8.45
CA GLN G 197 -28.27 37.48 7.74
C GLN G 197 -28.01 38.38 6.53
N LYS G 198 -26.79 38.90 6.43
CA LYS G 198 -26.42 39.83 5.36
C LYS G 198 -25.15 39.32 4.64
N LYS G 199 -25.04 39.60 3.36
CA LYS G 199 -23.85 39.17 2.62
C LYS G 199 -22.91 40.35 2.38
N ASN G 200 -21.59 40.08 2.44
CA ASN G 200 -20.57 41.10 2.19
C ASN G 200 -19.52 40.64 1.19
N SER G 201 -18.85 41.61 0.58
CA SER G 201 -17.73 41.33 -0.30
C SER G 201 -16.65 42.33 0.05
N VAL G 202 -15.55 41.83 0.61
CA VAL G 202 -14.56 42.70 1.21
C VAL G 202 -13.18 42.48 0.60
N THR G 203 -12.46 43.58 0.36
CA THR G 203 -11.07 43.52 -0.03
C THR G 203 -10.22 43.83 1.19
N TYR G 204 -9.24 43.00 1.47
CA TYR G 204 -8.41 43.17 2.67
C TYR G 204 -7.05 43.62 2.19
N SER G 205 -6.32 44.32 3.05
CA SER G 205 -5.06 44.94 2.65
C SER G 205 -4.00 43.94 2.20
N CYS G 206 -3.98 42.78 2.86
CA CYS G 206 -2.99 41.73 2.57
C CYS G 206 -3.06 41.14 1.14
N CYS G 207 -4.21 41.25 0.48
CA CYS G 207 -4.46 40.48 -0.75
C CYS G 207 -5.36 41.24 -1.73
N PRO G 208 -5.08 41.11 -3.02
CA PRO G 208 -5.73 41.94 -4.05
C PRO G 208 -7.20 41.63 -4.31
N GLU G 209 -7.58 40.36 -4.25
CA GLU G 209 -8.94 39.92 -4.57
C GLU G 209 -9.94 40.16 -3.44
N ALA G 210 -11.23 40.11 -3.76
CA ALA G 210 -12.27 40.25 -2.75
C ALA G 210 -12.76 38.91 -2.19
N TYR G 211 -13.16 38.93 -0.94
CA TYR G 211 -13.58 37.73 -0.25
C TYR G 211 -15.01 37.92 0.17
N GLU G 212 -15.82 36.87 0.04
CA GLU G 212 -17.21 36.99 0.44
C GLU G 212 -17.41 36.43 1.84
N ASP G 213 -18.33 37.05 2.59
CA ASP G 213 -18.73 36.54 3.89
C ASP G 213 -20.22 36.76 4.16
N VAL G 214 -20.77 36.00 5.09
CA VAL G 214 -22.10 36.24 5.58
C VAL G 214 -21.95 36.82 6.96
N GLU G 215 -22.74 37.86 7.25
CA GLU G 215 -22.72 38.50 8.55
C GLU G 215 -24.04 38.18 9.19
N VAL G 216 -24.00 37.48 10.32
CA VAL G 216 -25.21 37.10 11.01
C VAL G 216 -25.35 38.00 12.20
N SER G 217 -26.50 38.64 12.34
CA SER G 217 -26.74 39.53 13.47
C SER G 217 -27.72 38.92 14.43
N LEU G 218 -27.27 38.69 15.65
CA LEU G 218 -28.09 38.05 16.64
C LEU G 218 -28.48 39.11 17.68
N ASN G 219 -29.76 39.41 17.73
CA ASN G 219 -30.30 40.31 18.74
C ASN G 219 -30.91 39.46 19.88
N PHE G 220 -30.29 39.52 21.06
CA PHE G 220 -30.70 38.67 22.17
C PHE G 220 -30.62 39.43 23.50
N ARG G 221 -31.34 38.96 24.51
CA ARG G 221 -31.27 39.60 25.83
C ARG G 221 -31.42 38.58 26.95
N LYS G 222 -31.07 38.98 28.17
CA LYS G 222 -31.35 38.14 29.33
C LYS G 222 -32.86 38.13 29.56
N LYS G 223 -33.41 36.97 29.92
CA LYS G 223 -34.83 36.84 30.23
C LYS G 223 -35.19 37.54 31.54
N LEU H 20 -4.02 21.17 -17.47
CA LEU H 20 -3.61 21.65 -16.17
C LEU H 20 -4.72 22.41 -15.43
N ASP H 21 -5.71 21.67 -14.96
CA ASP H 21 -6.72 22.24 -14.09
C ASP H 21 -6.28 22.04 -12.64
N ARG H 22 -7.04 22.64 -11.72
CA ARG H 22 -6.77 22.53 -10.29
C ARG H 22 -6.50 21.13 -9.84
N ALA H 23 -7.33 20.20 -10.28
CA ALA H 23 -7.19 18.81 -9.91
C ALA H 23 -5.79 18.29 -10.21
N ASP H 24 -5.27 18.63 -11.39
CA ASP H 24 -3.93 18.22 -11.78
C ASP H 24 -2.83 18.85 -10.94
N ILE H 25 -2.94 20.17 -10.72
CA ILE H 25 -1.98 20.90 -9.92
C ILE H 25 -1.90 20.30 -8.51
N LEU H 26 -3.06 20.00 -7.94
CA LEU H 26 -3.10 19.51 -6.57
C LEU H 26 -2.63 18.07 -6.49
N TYR H 27 -2.92 17.29 -7.53
CA TYR H 27 -2.40 15.94 -7.61
C TYR H 27 -0.87 15.97 -7.63
N ASN H 28 -0.29 16.79 -8.52
CA ASN H 28 1.17 16.90 -8.63
C ASN H 28 1.84 17.35 -7.35
N ILE H 29 1.28 18.35 -6.70
CA ILE H 29 1.81 18.81 -5.42
C ILE H 29 1.76 17.70 -4.37
N ARG H 30 0.64 16.98 -4.30
CA ARG H 30 0.50 15.93 -3.31
C ARG H 30 1.49 14.80 -3.58
N GLN H 31 1.62 14.41 -4.85
CA GLN H 31 2.52 13.34 -5.22
C GLN H 31 4.01 13.67 -5.00
N THR H 32 4.39 14.95 -5.02
CA THR H 32 5.81 15.30 -5.11
C THR H 32 6.34 16.49 -4.29
N SER H 33 5.64 16.97 -3.28
CA SER H 33 6.04 18.24 -2.64
C SER H 33 7.14 18.21 -1.54
N ARG H 34 7.33 17.06 -0.88
CA ARG H 34 8.36 16.87 0.16
CA ARG H 34 8.37 16.89 0.14
C ARG H 34 8.22 17.81 1.35
N PRO H 35 7.17 17.59 2.15
CA PRO H 35 6.90 18.52 3.28
C PRO H 35 7.99 18.52 4.35
N ASP H 36 8.90 17.57 4.27
CA ASP H 36 9.98 17.44 5.24
C ASP H 36 11.25 18.16 4.77
N VAL H 37 11.26 18.64 3.54
CA VAL H 37 12.47 19.18 2.95
C VAL H 37 12.44 20.70 2.83
N ILE H 38 13.35 21.38 3.51
CA ILE H 38 13.44 22.83 3.40
C ILE H 38 13.89 23.22 1.99
N PRO H 39 13.12 24.12 1.34
CA PRO H 39 13.37 24.42 -0.06
C PRO H 39 14.46 25.47 -0.26
N THR H 40 15.69 25.18 0.18
CA THR H 40 16.84 26.06 -0.07
C THR H 40 17.39 25.92 -1.49
N GLN H 41 18.28 26.82 -1.92
CA GLN H 41 18.88 26.76 -3.26
C GLN H 41 20.23 27.46 -3.28
N ARG H 44 21.77 29.65 -0.51
CA ARG H 44 21.05 30.83 -0.03
C ARG H 44 20.00 30.33 1.01
N PRO H 45 19.85 30.99 2.17
CA PRO H 45 18.78 30.61 3.10
C PRO H 45 17.40 30.89 2.52
N VAL H 46 16.39 30.13 2.95
CA VAL H 46 15.00 30.41 2.61
C VAL H 46 14.55 31.65 3.35
N ALA H 47 14.16 32.67 2.59
CA ALA H 47 13.71 33.93 3.18
C ALA H 47 12.25 33.82 3.54
N VAL H 48 11.96 33.94 4.83
CA VAL H 48 10.59 33.81 5.31
C VAL H 48 10.13 35.15 5.86
N SER H 49 9.05 35.69 5.31
CA SER H 49 8.48 36.94 5.79
C SER H 49 7.43 36.65 6.82
N VAL H 50 7.49 37.35 7.95
CA VAL H 50 6.53 37.17 9.03
C VAL H 50 6.02 38.54 9.49
N SER H 51 4.70 38.66 9.64
CA SER H 51 4.14 39.85 10.26
C SER H 51 2.87 39.48 10.99
N LEU H 52 2.75 39.94 12.24
CA LEU H 52 1.57 39.68 13.03
C LEU H 52 0.57 40.82 12.87
N LYS H 53 -0.68 40.46 12.64
CA LYS H 53 -1.78 41.39 12.74
C LYS H 53 -2.57 40.98 13.98
N PHE H 54 -2.64 41.88 14.96
CA PHE H 54 -3.37 41.57 16.18
C PHE H 54 -4.87 41.70 15.98
N ILE H 55 -5.60 40.73 16.50
CA ILE H 55 -7.05 40.68 16.31
C ILE H 55 -7.72 40.99 17.62
N ASN H 56 -7.13 40.52 18.71
CA ASN H 56 -7.73 40.68 20.03
C ASN H 56 -6.75 40.40 21.16
N ILE H 57 -6.95 41.07 22.28
CA ILE H 57 -6.24 40.82 23.52
C ILE H 57 -7.29 40.47 24.56
N LEU H 58 -7.22 39.27 25.10
CA LEU H 58 -8.37 38.70 25.79
C LEU H 58 -8.22 38.75 27.29
N GLU H 59 -7.07 38.29 27.76
CA GLU H 59 -6.85 38.25 29.20
C GLU H 59 -5.48 38.80 29.50
N VAL H 60 -5.44 39.71 30.45
CA VAL H 60 -4.20 40.33 30.84
C VAL H 60 -4.12 40.19 32.34
N ASN H 61 -2.95 39.83 32.85
CA ASN H 61 -2.76 39.65 34.27
C ASN H 61 -1.48 40.39 34.62
N GLU H 62 -1.63 41.55 35.25
CA GLU H 62 -0.47 42.39 35.53
C GLU H 62 0.39 41.79 36.63
N ILE H 63 -0.23 40.99 37.49
CA ILE H 63 0.49 40.31 38.58
C ILE H 63 1.43 39.23 38.06
N THR H 64 0.91 38.30 37.25
CA THR H 64 1.70 37.19 36.74
C THR H 64 2.46 37.54 35.45
N ASN H 65 2.18 38.70 34.87
CA ASN H 65 2.78 39.11 33.59
C ASN H 65 2.47 38.15 32.44
N GLU H 66 1.19 37.81 32.30
CA GLU H 66 0.77 36.92 31.24
C GLU H 66 -0.33 37.58 30.42
N VAL H 67 -0.26 37.41 29.10
CA VAL H 67 -1.26 37.99 28.23
C VAL H 67 -1.79 36.93 27.26
N ASP H 68 -3.08 36.99 26.99
CA ASP H 68 -3.71 36.07 26.05
C ASP H 68 -4.06 36.86 24.78
N VAL H 69 -3.52 36.43 23.64
CA VAL H 69 -3.61 37.21 22.41
C VAL H 69 -4.20 36.40 21.25
N VAL H 70 -5.04 37.02 20.43
CA VAL H 70 -5.40 36.44 19.15
C VAL H 70 -4.74 37.23 18.05
N PHE H 71 -4.05 36.55 17.14
CA PHE H 71 -3.35 37.23 16.05
C PHE H 71 -3.35 36.43 14.75
N TRP H 72 -3.27 37.16 13.65
CA TRP H 72 -3.16 36.54 12.34
C TRP H 72 -1.69 36.55 12.02
N GLN H 73 -1.12 35.38 11.80
CA GLN H 73 0.32 35.30 11.58
C GLN H 73 0.64 35.12 10.09
N GLN H 74 0.87 36.23 9.39
CA GLN H 74 1.16 36.17 7.95
C GLN H 74 2.55 35.66 7.71
N THR H 75 2.65 34.58 6.95
CA THR H 75 3.91 33.96 6.66
C THR H 75 4.02 33.70 5.16
N THR H 76 5.19 34.02 4.63
CA THR H 76 5.40 34.04 3.20
C THR H 76 6.80 33.53 2.88
N TRP H 77 6.92 32.70 1.86
CA TRP H 77 8.23 32.21 1.42
C TRP H 77 8.12 31.65 0.01
N SER H 78 9.25 31.30 -0.59
CA SER H 78 9.25 30.66 -1.89
C SER H 78 9.64 29.20 -1.82
N ASP H 79 8.90 28.38 -2.54
CA ASP H 79 9.26 26.98 -2.74
C ASP H 79 9.14 26.72 -4.25
N ARG H 80 10.25 26.86 -4.95
CA ARG H 80 10.22 26.76 -6.40
C ARG H 80 9.83 25.37 -6.88
N THR H 81 9.97 24.37 -6.01
CA THR H 81 9.55 23.01 -6.37
C THR H 81 8.02 22.88 -6.50
N LEU H 82 7.28 23.92 -6.14
CA LEU H 82 5.83 23.89 -6.23
C LEU H 82 5.35 24.57 -7.51
N ALA H 83 6.25 25.26 -8.19
CA ALA H 83 5.91 26.04 -9.38
C ALA H 83 5.31 25.22 -10.54
N TRP H 84 4.47 25.87 -11.34
CA TRP H 84 3.94 25.26 -12.56
C TRP H 84 3.74 26.34 -13.63
N ASN H 85 3.64 25.93 -14.88
CA ASN H 85 3.36 26.85 -15.98
C ASN H 85 1.89 27.22 -15.95
N SER H 86 1.59 28.48 -15.62
CA SER H 86 0.20 28.92 -15.49
C SER H 86 -0.43 29.50 -16.77
N SER H 87 0.06 29.08 -17.94
CA SER H 87 -0.59 29.43 -19.20
C SER H 87 -1.82 28.57 -19.35
N HIS H 88 -2.99 29.20 -19.44
CA HIS H 88 -4.26 28.48 -19.50
C HIS H 88 -4.45 27.59 -18.28
N SER H 89 -4.02 28.08 -17.13
CA SER H 89 -4.11 27.32 -15.88
C SER H 89 -4.42 28.32 -14.78
N PRO H 90 -5.00 27.83 -13.67
CA PRO H 90 -5.15 28.65 -12.46
C PRO H 90 -3.81 29.25 -12.04
N ASP H 91 -3.83 30.50 -11.58
CA ASP H 91 -2.62 31.14 -11.11
C ASP H 91 -2.29 30.69 -9.68
N GLN H 92 -3.30 30.21 -8.95
CA GLN H 92 -3.19 29.90 -7.53
C GLN H 92 -4.06 28.72 -7.12
N VAL H 93 -3.62 28.01 -6.09
CA VAL H 93 -4.44 26.99 -5.45
C VAL H 93 -4.29 27.01 -3.94
N SER H 94 -5.31 26.50 -3.25
CA SER H 94 -5.24 26.31 -1.80
C SER H 94 -4.85 24.88 -1.54
N VAL H 95 -3.90 24.71 -0.62
CA VAL H 95 -3.27 23.42 -0.36
C VAL H 95 -3.22 23.18 1.12
N PRO H 96 -3.60 21.97 1.58
CA PRO H 96 -3.46 21.62 3.01
C PRO H 96 -1.99 21.68 3.41
N ILE H 97 -1.67 22.26 4.55
CA ILE H 97 -0.25 22.46 4.91
C ILE H 97 0.47 21.17 5.20
N SER H 98 -0.26 20.08 5.38
CA SER H 98 0.39 18.79 5.55
C SER H 98 1.05 18.31 4.25
N SER H 99 0.68 18.92 3.13
CA SER H 99 1.29 18.57 1.85
C SER H 99 2.46 19.47 1.49
N LEU H 100 2.80 20.42 2.37
CA LEU H 100 3.83 21.42 2.04
C LEU H 100 4.91 21.45 3.09
N TRP H 101 6.09 21.87 2.69
CA TRP H 101 7.03 22.32 3.69
C TRP H 101 6.53 23.62 4.29
N VAL H 102 6.56 23.69 5.61
CA VAL H 102 6.20 24.90 6.32
C VAL H 102 7.31 25.22 7.33
N PRO H 103 7.67 26.50 7.47
CA PRO H 103 8.76 26.85 8.40
C PRO H 103 8.38 26.53 9.84
N ASP H 104 9.34 26.06 10.63
CA ASP H 104 9.12 25.67 12.04
C ASP H 104 9.20 26.86 13.01
N LEU H 105 8.35 27.85 12.80
CA LEU H 105 8.42 29.05 13.62
C LEU H 105 7.89 28.76 15.03
N ALA H 106 8.57 29.30 16.03
CA ALA H 106 8.06 29.24 17.39
C ALA H 106 8.20 30.60 18.08
N ALA H 107 7.28 30.88 19.00
CA ALA H 107 7.36 32.07 19.82
C ALA H 107 8.16 31.72 21.06
N TYR H 108 9.31 32.36 21.23
CA TYR H 108 10.21 32.02 22.32
C TYR H 108 9.59 32.24 23.71
N ASN H 109 8.68 33.19 23.84
CA ASN H 109 8.09 33.48 25.16
C ASN H 109 6.66 32.99 25.35
N ALA H 110 6.24 32.03 24.54
CA ALA H 110 4.92 31.45 24.68
C ALA H 110 4.88 30.56 25.92
N ILE H 111 3.73 30.51 26.59
CA ILE H 111 3.57 29.63 27.73
C ILE H 111 2.39 28.70 27.59
N SER H 112 1.84 28.61 26.38
CA SER H 112 0.81 27.64 26.04
C SER H 112 1.06 27.27 24.58
N LYS H 113 0.57 26.11 24.13
CA LYS H 113 0.75 25.80 22.71
C LYS H 113 -0.18 26.64 21.84
N PRO H 114 0.28 26.94 20.61
CA PRO H 114 -0.59 27.77 19.76
C PRO H 114 -1.88 27.03 19.42
N GLU H 115 -3.01 27.70 19.62
CA GLU H 115 -4.30 27.16 19.26
C GLU H 115 -4.70 27.76 17.91
N VAL H 116 -4.59 26.97 16.84
CA VAL H 116 -4.97 27.44 15.51
C VAL H 116 -6.48 27.44 15.36
N LEU H 117 -7.04 28.61 15.06
CA LEU H 117 -8.50 28.79 15.04
C LEU H 117 -9.11 28.59 13.66
N THR H 118 -8.26 28.65 12.62
CA THR H 118 -8.71 28.66 11.23
C THR H 118 -8.35 27.38 10.45
N PRO H 119 -8.97 27.18 9.26
CA PRO H 119 -8.60 26.02 8.43
C PRO H 119 -7.13 26.05 8.04
N GLN H 120 -6.47 24.91 8.13
CA GLN H 120 -5.03 24.88 7.88
C GLN H 120 -4.63 24.71 6.42
N LEU H 121 -4.81 25.79 5.66
CA LEU H 121 -4.61 25.80 4.23
C LEU H 121 -3.64 26.92 3.88
N ALA H 122 -2.67 26.62 3.05
CA ALA H 122 -1.78 27.64 2.51
C ALA H 122 -2.21 27.95 1.08
N ARG H 123 -1.92 29.16 0.64
CA ARG H 123 -2.22 29.56 -0.72
C ARG H 123 -0.91 29.51 -1.50
N VAL H 124 -0.92 28.77 -2.60
CA VAL H 124 0.28 28.62 -3.43
C VAL H 124 0.09 29.28 -4.80
N VAL H 125 1.04 30.13 -5.18
CA VAL H 125 1.03 30.81 -6.47
C VAL H 125 1.90 30.03 -7.46
N SER H 126 1.55 30.10 -8.75
CA SER H 126 2.25 29.34 -9.79
C SER H 126 3.76 29.56 -9.87
N ASP H 127 4.25 30.70 -9.43
CA ASP H 127 5.70 30.95 -9.39
C ASP H 127 6.45 30.27 -8.22
N GLY H 128 5.70 29.68 -7.29
CA GLY H 128 6.32 29.03 -6.15
C GLY H 128 6.14 29.74 -4.82
N GLU H 129 5.56 30.94 -4.83
CA GLU H 129 5.31 31.66 -3.58
C GLU H 129 4.21 31.00 -2.77
N VAL H 130 4.46 30.86 -1.46
CA VAL H 130 3.48 30.31 -0.56
C VAL H 130 3.02 31.35 0.45
N LEU H 131 1.71 31.44 0.64
CA LEU H 131 1.16 32.29 1.69
C LEU H 131 0.42 31.43 2.73
N TYR H 132 0.88 31.48 3.99
CA TYR H 132 0.22 30.74 5.05
C TYR H 132 -0.10 31.72 6.16
N MET H 133 -1.39 31.95 6.37
CA MET H 133 -1.80 32.94 7.38
C MET H 133 -2.83 32.40 8.34
N PRO H 134 -2.40 31.61 9.33
CA PRO H 134 -3.34 31.10 10.32
C PRO H 134 -3.70 32.16 11.37
N SER H 135 -4.90 32.06 11.92
CA SER H 135 -5.27 32.86 13.08
C SER H 135 -4.99 32.03 14.35
N ILE H 136 -4.33 32.65 15.31
CA ILE H 136 -3.81 31.91 16.46
C ILE H 136 -4.16 32.57 17.79
N ARG H 137 -4.68 31.76 18.71
CA ARG H 137 -4.78 32.20 20.09
C ARG H 137 -3.63 31.59 20.91
N GLN H 138 -2.90 32.43 21.64
CA GLN H 138 -1.79 31.95 22.45
C GLN H 138 -1.51 32.85 23.67
N ARG H 139 -1.06 32.23 24.77
CA ARG H 139 -0.63 32.91 26.01
C ARG H 139 0.86 33.21 26.01
N PHE H 140 1.18 34.43 26.38
CA PHE H 140 2.58 34.83 26.42
C PHE H 140 2.95 35.38 27.78
N SER H 141 4.21 35.18 28.11
CA SER H 141 4.81 35.79 29.27
C SER H 141 5.55 37.02 28.78
N CYS H 142 5.17 38.18 29.27
CA CYS H 142 5.84 39.42 28.90
C CYS H 142 5.49 40.54 29.87
N ASP H 143 6.08 41.71 29.64
CA ASP H 143 5.89 42.85 30.54
C ASP H 143 4.54 43.54 30.36
N VAL H 144 3.70 43.42 31.38
CA VAL H 144 2.32 43.84 31.32
C VAL H 144 2.13 45.11 32.17
N SER H 145 3.17 45.44 32.92
CA SER H 145 3.17 46.64 33.76
C SER H 145 2.85 47.91 32.97
N GLY H 146 1.90 48.69 33.47
CA GLY H 146 1.55 49.95 32.88
C GLY H 146 0.37 49.84 31.97
N VAL H 147 -0.26 48.66 31.94
CA VAL H 147 -1.36 48.40 31.02
C VAL H 147 -2.54 49.32 31.32
N ASP H 148 -2.65 49.73 32.58
CA ASP H 148 -3.75 50.60 33.02
C ASP H 148 -3.37 52.07 33.07
N THR H 149 -2.33 52.45 32.35
CA THR H 149 -1.91 53.84 32.31
C THR H 149 -2.05 54.42 30.92
N GLU H 150 -1.73 55.70 30.77
CA GLU H 150 -1.86 56.39 29.49
C GLU H 150 -0.82 55.87 28.52
N SER H 151 0.36 55.55 29.04
CA SER H 151 1.44 55.07 28.20
C SER H 151 1.21 53.63 27.78
N GLY H 152 0.44 52.90 28.58
CA GLY H 152 0.14 51.51 28.29
C GLY H 152 1.31 50.60 28.61
N ALA H 153 1.14 49.31 28.32
CA ALA H 153 2.20 48.34 28.49
C ALA H 153 2.89 48.09 27.15
N THR H 154 4.14 47.62 27.20
CA THR H 154 4.79 47.17 25.98
C THR H 154 5.18 45.71 26.11
N CYS H 155 4.45 44.88 25.36
CA CYS H 155 4.67 43.45 25.37
C CYS H 155 5.45 43.05 24.13
N ARG H 156 6.53 42.29 24.34
CA ARG H 156 7.36 41.84 23.23
C ARG H 156 7.21 40.35 22.95
N ILE H 157 6.99 39.99 21.69
CA ILE H 157 6.90 38.59 21.29
C ILE H 157 8.03 38.27 20.33
N LYS H 158 8.83 37.25 20.64
CA LYS H 158 9.90 36.85 19.74
C LYS H 158 9.55 35.59 18.98
N ILE H 159 9.59 35.66 17.66
CA ILE H 159 9.27 34.53 16.82
C ILE H 159 10.44 34.20 15.92
N GLY H 160 10.85 32.94 15.89
CA GLY H 160 11.98 32.54 15.09
C GLY H 160 11.90 31.08 14.72
N SER H 161 12.75 30.65 13.79
CA SER H 161 12.85 29.23 13.48
C SER H 161 13.42 28.51 14.71
N TRP H 162 12.81 27.38 15.03
CA TRP H 162 13.17 26.63 16.19
C TRP H 162 14.45 25.82 15.99
N THR H 163 14.63 25.23 14.79
CA THR H 163 15.78 24.34 14.57
C THR H 163 16.65 24.71 13.39
N HIS H 164 16.28 25.74 12.65
CA HIS H 164 17.09 26.13 11.50
C HIS H 164 17.84 27.42 11.79
N HIS H 165 19.14 27.41 11.57
CA HIS H 165 19.95 28.59 11.80
C HIS H 165 19.91 29.55 10.60
N SER H 166 20.59 30.68 10.73
CA SER H 166 20.49 31.79 9.79
C SER H 166 20.91 31.48 8.36
N ARG H 167 21.72 30.44 8.16
CA ARG H 167 22.15 30.07 6.81
C ARG H 167 21.12 29.18 6.11
N GLU H 168 20.11 28.74 6.84
CA GLU H 168 19.09 27.88 6.28
C GLU H 168 17.75 28.63 6.18
N ILE H 169 17.42 29.38 7.23
CA ILE H 169 16.22 30.22 7.24
C ILE H 169 16.55 31.61 7.77
N SER H 170 16.10 32.63 7.05
CA SER H 170 16.16 33.99 7.57
C SER H 170 14.73 34.49 7.72
N VAL H 171 14.43 35.13 8.85
CA VAL H 171 13.11 35.71 9.02
C VAL H 171 13.20 37.21 8.95
N ASP H 172 12.21 37.82 8.33
CA ASP H 172 12.23 39.26 8.09
C ASP H 172 10.83 39.79 8.23
N PRO H 173 10.68 40.90 8.98
CA PRO H 173 9.36 41.53 9.13
C PRO H 173 8.93 42.15 7.82
N THR H 174 7.63 42.31 7.64
CA THR H 174 7.11 42.88 6.40
C THR H 174 5.83 43.68 6.61
N ASP H 180 -1.46 48.78 14.27
CA ASP H 180 -2.35 47.89 13.54
C ASP H 180 -3.75 48.43 13.52
N SER H 181 -4.58 47.87 14.40
CA SER H 181 -6.01 48.17 14.47
C SER H 181 -6.75 47.93 13.16
N GLU H 182 -5.99 47.60 12.12
CA GLU H 182 -6.58 47.31 10.84
C GLU H 182 -7.58 46.20 11.07
N TYR H 183 -7.19 45.19 11.84
CA TYR H 183 -8.08 44.06 12.08
C TYR H 183 -8.36 43.85 13.56
N PHE H 184 -7.97 44.82 14.38
CA PHE H 184 -8.13 44.66 15.81
C PHE H 184 -9.59 44.85 16.20
N SER H 185 -10.11 43.95 17.02
CA SER H 185 -11.49 43.99 17.46
C SER H 185 -11.82 45.28 18.22
N GLN H 186 -12.89 45.95 17.82
CA GLN H 186 -13.32 47.17 18.50
C GLN H 186 -14.01 46.84 19.83
N TYR H 187 -14.25 45.57 20.09
CA TYR H 187 -14.95 45.17 21.32
C TYR H 187 -14.02 44.65 22.41
N SER H 188 -12.71 44.69 22.14
CA SER H 188 -11.72 44.33 23.15
C SER H 188 -11.74 45.35 24.29
N ARG H 189 -11.36 44.92 25.49
CA ARG H 189 -11.20 45.82 26.62
C ARG H 189 -9.97 46.69 26.39
N PHE H 190 -9.18 46.34 25.38
CA PHE H 190 -7.90 46.99 25.18
C PHE H 190 -7.83 47.67 23.84
N GLU H 191 -6.88 48.58 23.71
CA GLU H 191 -6.65 49.27 22.44
C GLU H 191 -5.17 49.27 22.13
N ILE H 192 -4.84 49.24 20.85
CA ILE H 192 -3.45 49.23 20.44
C ILE H 192 -2.95 50.65 20.22
N LEU H 193 -1.86 51.00 20.88
CA LEU H 193 -1.26 52.31 20.74
C LEU H 193 -0.23 52.29 19.61
N ASP H 194 0.56 51.22 19.57
CA ASP H 194 1.58 51.06 18.54
C ASP H 194 2.10 49.62 18.42
N VAL H 195 2.56 49.27 17.23
CA VAL H 195 3.16 47.98 16.98
C VAL H 195 4.43 48.20 16.18
N THR H 196 5.56 47.69 16.66
CA THR H 196 6.79 47.75 15.87
C THR H 196 7.38 46.36 15.69
N GLN H 197 8.04 46.14 14.55
CA GLN H 197 8.63 44.84 14.25
C GLN H 197 10.11 45.05 14.00
N LYS H 198 10.93 44.29 14.73
CA LYS H 198 12.38 44.38 14.63
C LYS H 198 13.01 42.98 14.36
N LYS H 199 14.10 42.94 13.61
CA LYS H 199 14.75 41.66 13.34
C LYS H 199 15.99 41.48 14.21
N ASN H 200 16.23 40.25 14.66
CA ASN H 200 17.41 39.91 15.45
C ASN H 200 18.15 38.68 14.94
N SER H 201 19.43 38.60 15.28
CA SER H 201 20.25 37.44 14.97
C SER H 201 21.01 37.10 16.24
N VAL H 202 20.68 35.95 16.82
CA VAL H 202 21.17 35.61 18.15
C VAL H 202 21.94 34.29 18.19
N THR H 203 23.03 34.26 18.94
CA THR H 203 23.77 33.03 19.18
C THR H 203 23.43 32.51 20.58
N TYR H 204 23.15 31.20 20.70
CA TYR H 204 22.78 30.56 22.00
C TYR H 204 23.81 29.55 22.52
N SER H 205 23.70 29.21 23.79
CA SER H 205 24.69 28.34 24.46
C SER H 205 24.79 26.90 23.94
N CYS H 206 23.65 26.31 23.61
CA CYS H 206 23.58 24.95 23.10
C CYS H 206 24.35 24.80 21.79
N CYS H 207 24.08 25.70 20.85
CA CYS H 207 24.52 25.57 19.46
C CYS H 207 25.53 26.64 19.07
N PRO H 208 26.46 26.29 18.18
CA PRO H 208 27.40 27.27 17.68
C PRO H 208 26.77 28.30 16.74
N GLU H 209 25.81 27.91 15.91
CA GLU H 209 25.24 28.83 14.91
C GLU H 209 24.22 29.84 15.46
N ALA H 210 23.94 30.86 14.66
CA ALA H 210 23.06 31.96 15.06
C ALA H 210 21.63 31.81 14.50
N TYR H 211 20.68 32.34 15.26
CA TYR H 211 19.28 32.07 14.99
C TYR H 211 18.51 33.36 14.80
N GLU H 212 17.92 33.53 13.61
CA GLU H 212 17.17 34.76 13.32
C GLU H 212 15.77 34.72 13.94
N ASP H 213 15.33 35.88 14.38
CA ASP H 213 13.97 36.04 14.88
C ASP H 213 13.43 37.44 14.61
N VAL H 214 12.10 37.55 14.65
CA VAL H 214 11.45 38.83 14.57
C VAL H 214 10.94 39.13 15.97
N GLU H 215 11.15 40.36 16.41
CA GLU H 215 10.64 40.78 17.70
C GLU H 215 9.54 41.79 17.43
N VAL H 216 8.33 41.44 17.86
CA VAL H 216 7.18 42.30 17.65
C VAL H 216 6.87 42.98 18.97
N SER H 217 6.80 44.32 18.96
CA SER H 217 6.51 45.06 20.18
C SER H 217 5.11 45.62 20.10
N LEU H 218 4.29 45.21 21.07
CA LEU H 218 2.92 45.63 21.09
C LEU H 218 2.70 46.60 22.25
N ASN H 219 2.42 47.85 21.91
CA ASN H 219 2.12 48.86 22.90
C ASN H 219 0.61 48.98 23.02
N PHE H 220 0.05 48.56 24.13
CA PHE H 220 -1.41 48.54 24.29
C PHE H 220 -1.81 49.02 25.70
N ARG H 221 -3.07 49.41 25.88
CA ARG H 221 -3.58 49.80 27.21
C ARG H 221 -5.05 49.49 27.36
N LYS H 222 -5.55 49.50 28.59
CA LYS H 222 -6.98 49.33 28.82
C LYS H 222 -7.71 50.55 28.24
N LYS H 223 -8.99 50.40 27.94
CA LYS H 223 -9.71 51.47 27.26
C LYS H 223 -10.29 52.52 28.21
N GLY H 224 -10.94 52.06 29.28
CA GLY H 224 -11.53 52.95 30.28
C GLY H 224 -12.63 53.83 29.73
N LEU I 20 24.91 13.79 -2.33
CA LEU I 20 23.83 13.82 -1.36
C LEU I 20 23.37 15.24 -1.06
N ASP I 21 22.11 15.51 -1.34
CA ASP I 21 21.48 16.76 -0.90
C ASP I 21 20.44 16.47 0.19
N ARG I 22 19.92 17.54 0.78
CA ARG I 22 18.94 17.42 1.84
C ARG I 22 17.78 16.50 1.48
N ALA I 23 17.16 16.72 0.34
CA ALA I 23 16.04 15.87 -0.05
C ALA I 23 16.39 14.37 0.01
N ASP I 24 17.60 14.04 -0.43
CA ASP I 24 18.08 12.67 -0.39
C ASP I 24 18.33 12.16 1.03
N ILE I 25 19.01 12.95 1.84
CA ILE I 25 19.24 12.60 3.23
C ILE I 25 17.93 12.35 3.97
N LEU I 26 16.93 13.19 3.76
CA LEU I 26 15.67 13.04 4.45
C LEU I 26 14.86 11.86 3.90
N TYR I 27 14.97 11.61 2.60
CA TYR I 27 14.35 10.45 2.01
C TYR I 27 14.93 9.16 2.62
N ASN I 28 16.25 9.08 2.69
CA ASN I 28 16.94 7.91 3.27
C ASN I 28 16.59 7.67 4.71
N ILE I 29 16.58 8.74 5.50
CA ILE I 29 16.19 8.64 6.90
C ILE I 29 14.75 8.14 7.05
N ARG I 30 13.83 8.70 6.28
CA ARG I 30 12.44 8.30 6.36
C ARG I 30 12.25 6.83 5.93
N GLN I 31 12.91 6.43 4.85
CA GLN I 31 12.82 5.05 4.33
C GLN I 31 13.43 3.98 5.21
N THR I 32 14.53 4.29 5.87
CA THR I 32 15.17 3.32 6.73
C THR I 32 14.82 3.71 8.17
N SER I 33 13.58 4.16 8.33
CA SER I 33 12.97 4.46 9.62
C SER I 33 12.85 3.23 10.48
N ARG I 34 13.64 3.18 11.55
CA ARG I 34 13.34 2.28 12.65
C ARG I 34 13.15 3.07 13.96
N PRO I 35 12.16 3.96 14.01
CA PRO I 35 11.95 4.77 15.22
C PRO I 35 11.63 3.93 16.46
N ASP I 36 11.40 2.64 16.26
CA ASP I 36 11.05 1.73 17.35
C ASP I 36 12.27 0.99 17.90
N VAL I 37 13.42 1.16 17.26
CA VAL I 37 14.61 0.40 17.63
C VAL I 37 15.66 1.27 18.35
N ILE I 38 15.98 0.93 19.59
CA ILE I 38 16.98 1.66 20.34
C ILE I 38 18.33 1.39 19.68
N PRO I 39 19.09 2.45 19.35
CA PRO I 39 20.35 2.31 18.61
C PRO I 39 21.55 1.96 19.49
N THR I 40 21.51 0.81 20.16
CA THR I 40 22.65 0.34 20.94
C THR I 40 23.80 -0.12 20.03
N GLN I 41 25.03 0.18 20.44
CA GLN I 41 26.23 -0.26 19.72
C GLN I 41 27.03 -1.22 20.59
N ARG I 42 27.31 -2.41 20.06
CA ARG I 42 28.13 -3.41 20.76
C ARG I 42 27.51 -3.81 22.09
N ASP I 43 26.18 -3.74 22.16
CA ASP I 43 25.45 -3.95 23.42
C ASP I 43 25.97 -3.13 24.62
N ARG I 44 26.56 -1.98 24.31
CA ARG I 44 26.82 -0.95 25.31
C ARG I 44 25.54 -0.12 25.38
N PRO I 45 25.30 0.56 26.50
CA PRO I 45 24.09 1.37 26.56
C PRO I 45 24.18 2.62 25.67
N VAL I 46 23.04 3.09 25.20
CA VAL I 46 22.96 4.37 24.51
C VAL I 46 23.11 5.47 25.54
N ALA I 47 24.13 6.31 25.37
CA ALA I 47 24.37 7.40 26.31
C ALA I 47 23.51 8.61 25.95
N VAL I 48 22.59 8.96 26.82
CA VAL I 48 21.70 10.07 26.60
C VAL I 48 22.02 11.24 27.52
N SER I 49 22.39 12.37 26.95
CA SER I 49 22.62 13.58 27.73
C SER I 49 21.34 14.36 27.91
N VAL I 50 21.05 14.76 29.14
CA VAL I 50 19.88 15.57 29.41
C VAL I 50 20.24 16.76 30.29
N SER I 51 19.76 17.94 29.92
CA SER I 51 19.88 19.10 30.80
C SER I 51 18.67 20.00 30.64
N LEU I 52 18.12 20.46 31.75
CA LEU I 52 16.98 21.36 31.69
C LEU I 52 17.44 22.79 31.80
N LYS I 53 16.89 23.63 30.95
CA LYS I 53 17.05 25.06 31.04
C LYS I 53 15.69 25.60 31.41
N PHE I 54 15.59 26.22 32.58
CA PHE I 54 14.28 26.73 33.00
C PHE I 54 13.97 28.05 32.32
N ILE I 55 12.74 28.17 31.83
CA ILE I 55 12.31 29.35 31.11
C ILE I 55 11.34 30.15 31.99
N ASN I 56 10.51 29.47 32.76
CA ASN I 56 9.53 30.16 33.56
C ASN I 56 8.93 29.26 34.63
N ILE I 57 8.56 29.89 35.76
CA ILE I 57 7.80 29.22 36.80
C ILE I 57 6.50 29.99 36.91
N LEU I 58 5.38 29.30 36.71
CA LEU I 58 4.12 29.99 36.44
C LEU I 58 3.19 29.98 37.62
N GLU I 59 2.99 28.79 38.18
CA GLU I 59 2.08 28.68 39.30
C GLU I 59 2.74 27.86 40.38
N VAL I 60 2.69 28.39 41.60
CA VAL I 60 3.26 27.71 42.73
C VAL I 60 2.19 27.67 43.78
N ASN I 61 2.04 26.52 44.41
CA ASN I 61 1.04 26.35 45.46
C ASN I 61 1.73 25.70 46.64
N GLU I 62 2.00 26.50 47.67
CA GLU I 62 2.75 26.01 48.81
C GLU I 62 1.93 25.02 49.64
N ILE I 63 0.61 25.18 49.61
CA ILE I 63 -0.29 24.28 50.32
C ILE I 63 -0.27 22.87 49.71
N THR I 64 -0.49 22.76 48.41
CA THR I 64 -0.61 21.46 47.76
C THR I 64 0.75 20.92 47.30
N ASN I 65 1.79 21.74 47.41
CA ASN I 65 3.13 21.37 46.95
C ASN I 65 3.19 21.02 45.46
N GLU I 66 2.64 21.90 44.63
CA GLU I 66 2.63 21.71 43.20
C GLU I 66 3.23 22.93 42.55
N VAL I 67 4.00 22.70 41.50
CA VAL I 67 4.60 23.78 40.75
C VAL I 67 4.35 23.60 39.26
N ASP I 68 4.14 24.70 38.55
CA ASP I 68 3.94 24.67 37.10
C ASP I 68 5.16 25.30 36.43
N VAL I 69 5.86 24.54 35.62
CA VAL I 69 7.15 24.97 35.08
C VAL I 69 7.20 24.94 33.54
N VAL I 70 7.90 25.91 32.94
CA VAL I 70 8.25 25.82 31.53
C VAL I 70 9.76 25.64 31.41
N PHE I 71 10.19 24.63 30.68
CA PHE I 71 11.62 24.36 30.55
C PHE I 71 11.98 23.83 29.16
N TRP I 72 13.21 24.11 28.71
CA TRP I 72 13.71 23.49 27.49
C TRP I 72 14.44 22.23 27.92
N GLN I 73 14.19 21.15 27.19
CA GLN I 73 14.71 19.86 27.58
C GLN I 73 15.73 19.41 26.59
N GLN I 74 16.99 19.82 26.79
CA GLN I 74 18.04 19.46 25.87
C GLN I 74 18.36 17.99 25.98
N THR I 75 18.18 17.26 24.89
CA THR I 75 18.45 15.85 24.89
C THR I 75 19.34 15.52 23.71
N THR I 76 20.32 14.66 23.93
CA THR I 76 21.39 14.44 22.97
C THR I 76 21.77 12.97 23.04
N TRP I 77 21.96 12.34 21.89
CA TRP I 77 22.43 10.95 21.87
C TRP I 77 22.96 10.63 20.48
N SER I 78 23.60 9.49 20.34
CA SER I 78 24.10 9.05 19.03
C SER I 78 23.22 7.95 18.46
N ASP I 79 22.91 8.07 17.17
CA ASP I 79 22.30 6.99 16.40
C ASP I 79 23.10 6.85 15.12
N ARG I 80 24.08 5.95 15.11
CA ARG I 80 24.99 5.83 13.99
C ARG I 80 24.30 5.36 12.71
N THR I 81 23.13 4.76 12.86
CA THR I 81 22.34 4.35 11.69
C THR I 81 21.78 5.55 10.92
N LEU I 82 21.93 6.75 11.45
CA LEU I 82 21.45 7.94 10.76
C LEU I 82 22.59 8.63 10.01
N ALA I 83 23.83 8.23 10.29
CA ALA I 83 25.01 8.84 9.68
C ALA I 83 25.05 8.82 8.14
N TRP I 84 25.71 9.81 7.55
CA TRP I 84 25.95 9.86 6.10
C TRP I 84 27.29 10.53 5.84
N ASN I 85 27.83 10.31 4.64
CA ASN I 85 29.07 10.98 4.21
C ASN I 85 28.77 12.42 3.83
N SER I 86 29.29 13.36 4.61
CA SER I 86 28.95 14.77 4.39
C SER I 86 29.94 15.53 3.52
N SER I 87 30.65 14.83 2.64
CA SER I 87 31.48 15.49 1.63
C SER I 87 30.58 16.03 0.54
N HIS I 88 30.62 17.34 0.33
CA HIS I 88 29.74 18.02 -0.62
C HIS I 88 28.29 17.73 -0.28
N SER I 89 27.98 17.71 1.01
CA SER I 89 26.64 17.47 1.49
C SER I 89 26.39 18.34 2.71
N PRO I 90 25.12 18.64 3.01
CA PRO I 90 24.76 19.28 4.27
C PRO I 90 25.35 18.52 5.45
N ASP I 91 25.80 19.26 6.46
CA ASP I 91 26.34 18.64 7.66
C ASP I 91 25.22 18.25 8.63
N GLN I 92 24.05 18.86 8.47
CA GLN I 92 22.93 18.66 9.38
C GLN I 92 21.59 18.77 8.67
N VAL I 93 20.61 18.08 9.22
CA VAL I 93 19.21 18.26 8.80
C VAL I 93 18.27 18.30 10.00
N SER I 94 17.09 18.87 9.81
CA SER I 94 16.02 18.83 10.78
C SER I 94 15.05 17.74 10.36
N VAL I 95 14.66 16.90 11.31
CA VAL I 95 13.88 15.71 11.04
C VAL I 95 12.74 15.62 12.03
N PRO I 96 11.53 15.31 11.55
CA PRO I 96 10.41 15.08 12.47
C PRO I 96 10.72 13.90 13.40
N ILE I 97 10.43 14.04 14.69
CA ILE I 97 10.82 13.00 15.64
C ILE I 97 10.04 11.71 15.43
N SER I 98 8.95 11.76 14.66
CA SER I 98 8.24 10.54 14.37
C SER I 98 9.05 9.64 13.41
N SER I 99 10.11 10.19 12.82
CA SER I 99 10.94 9.39 11.93
C SER I 99 12.20 8.88 12.64
N LEU I 100 12.32 9.16 13.93
CA LEU I 100 13.54 8.85 14.65
C LEU I 100 13.23 8.02 15.89
N TRP I 101 14.20 7.22 16.32
CA TRP I 101 14.13 6.71 17.66
C TRP I 101 14.38 7.90 18.60
N VAL I 102 13.58 7.97 19.65
CA VAL I 102 13.72 9.01 20.66
C VAL I 102 13.65 8.33 22.01
N PRO I 103 14.55 8.70 22.95
CA PRO I 103 14.50 8.07 24.28
C PRO I 103 13.19 8.33 25.03
N ASP I 104 12.71 7.30 25.74
CA ASP I 104 11.43 7.35 26.46
C ASP I 104 11.59 7.96 27.87
N LEU I 105 12.05 9.21 27.92
CA LEU I 105 12.29 9.87 29.20
C LEU I 105 10.96 10.25 29.84
N ALA I 106 10.87 10.06 31.15
CA ALA I 106 9.71 10.52 31.90
C ALA I 106 10.15 11.20 33.20
N ALA I 107 9.38 12.18 33.64
CA ALA I 107 9.62 12.81 34.93
C ALA I 107 8.83 12.04 35.97
N TYR I 108 9.52 11.42 36.92
CA TYR I 108 8.87 10.56 37.89
CA TYR I 108 8.88 10.56 37.92
C TYR I 108 7.88 11.30 38.79
N ASN I 109 8.11 12.59 39.03
CA ASN I 109 7.18 13.31 39.89
C ASN I 109 6.23 14.27 39.17
N ALA I 110 6.03 14.06 37.87
CA ALA I 110 5.06 14.83 37.11
C ALA I 110 3.62 14.47 37.50
N ILE I 111 2.74 15.45 37.52
CA ILE I 111 1.34 15.17 37.82
C ILE I 111 0.40 15.63 36.71
N SER I 112 0.97 16.03 35.58
CA SER I 112 0.22 16.32 34.37
C SER I 112 1.04 15.79 33.19
N LYS I 113 0.43 15.54 32.04
CA LYS I 113 1.26 15.14 30.92
C LYS I 113 2.05 16.32 30.38
N PRO I 114 3.22 16.04 29.78
CA PRO I 114 4.04 17.15 29.27
C PRO I 114 3.36 17.80 28.07
N GLU I 115 3.23 19.12 28.11
CA GLU I 115 2.62 19.88 27.03
C GLU I 115 3.78 20.46 26.21
N VAL I 116 4.05 19.87 25.05
CA VAL I 116 5.12 20.35 24.19
C VAL I 116 4.68 21.60 23.46
N LEU I 117 5.40 22.69 23.65
CA LEU I 117 5.01 23.99 23.14
C LEU I 117 5.61 24.31 21.77
N THR I 118 6.62 23.56 21.36
CA THR I 118 7.40 23.87 20.16
C THR I 118 7.25 22.82 19.05
N PRO I 119 7.70 23.13 17.82
CA PRO I 119 7.66 22.14 16.72
C PRO I 119 8.49 20.91 17.04
N GLN I 120 7.94 19.73 16.74
CA GLN I 120 8.60 18.51 17.13
C GLN I 120 9.61 18.01 16.12
N LEU I 121 10.76 18.68 16.10
CA LEU I 121 11.82 18.40 15.16
C LEU I 121 13.11 18.18 15.92
N ALA I 122 13.86 17.17 15.52
CA ALA I 122 15.19 16.94 16.05
C ALA I 122 16.19 17.37 14.99
N ARG I 123 17.37 17.77 15.45
CA ARG I 123 18.43 18.14 14.55
C ARG I 123 19.40 16.96 14.50
N VAL I 124 19.70 16.48 13.30
CA VAL I 124 20.60 15.35 13.12
C VAL I 124 21.87 15.75 12.37
N VAL I 125 23.02 15.40 12.93
CA VAL I 125 24.31 15.71 12.35
C VAL I 125 24.80 14.51 11.56
N SER I 126 25.62 14.74 10.54
CA SER I 126 26.05 13.66 9.64
C SER I 126 26.76 12.49 10.34
N ASP I 127 27.40 12.74 11.48
CA ASP I 127 28.06 11.67 12.23
C ASP I 127 27.13 10.78 13.04
N GLY I 128 25.86 11.16 13.16
CA GLY I 128 24.88 10.36 13.85
C GLY I 128 24.33 11.00 15.12
N GLU I 129 24.88 12.15 15.50
CA GLU I 129 24.44 12.81 16.72
C GLU I 129 23.08 13.45 16.53
N VAL I 130 22.22 13.30 17.52
CA VAL I 130 20.88 13.85 17.46
C VAL I 130 20.70 14.83 18.60
N LEU I 131 20.12 15.99 18.32
CA LEU I 131 19.73 16.91 19.38
C LEU I 131 18.24 17.17 19.28
N TYR I 132 17.52 16.92 20.36
CA TYR I 132 16.10 17.18 20.40
C TYR I 132 15.79 18.07 21.59
N MET I 133 15.35 19.28 21.31
CA MET I 133 15.18 20.23 22.40
C MET I 133 13.79 20.84 22.44
N PRO I 134 12.83 20.07 22.93
CA PRO I 134 11.49 20.64 23.01
C PRO I 134 11.36 21.59 24.20
N SER I 135 10.48 22.58 24.04
CA SER I 135 10.09 23.39 25.17
C SER I 135 8.82 22.79 25.80
N ILE I 136 8.82 22.60 27.11
CA ILE I 136 7.77 21.86 27.78
C ILE I 136 7.16 22.61 28.97
N ARG I 137 5.84 22.62 29.02
CA ARG I 137 5.14 23.08 30.20
C ARG I 137 4.60 21.87 30.93
N GLN I 138 4.91 21.74 32.21
CA GLN I 138 4.45 20.59 33.00
C GLN I 138 4.25 20.95 34.49
N ARG I 139 3.27 20.30 35.13
CA ARG I 139 3.10 20.41 36.58
C ARG I 139 3.85 19.32 37.35
N PHE I 140 4.48 19.72 38.45
CA PHE I 140 5.20 18.78 39.27
C PHE I 140 4.76 18.84 40.72
N SER I 141 4.82 17.68 41.36
CA SER I 141 4.66 17.58 42.79
C SER I 141 6.07 17.60 43.41
N CYS I 142 6.34 18.59 44.24
CA CYS I 142 7.62 18.68 44.91
C CYS I 142 7.58 19.67 46.09
N ASP I 143 8.71 19.80 46.79
CA ASP I 143 8.78 20.62 47.99
C ASP I 143 8.83 22.11 47.70
N VAL I 144 7.75 22.79 48.03
CA VAL I 144 7.55 24.17 47.67
C VAL I 144 7.74 25.08 48.91
N SER I 145 7.81 24.45 50.07
CA SER I 145 8.01 25.16 51.32
C SER I 145 9.25 26.06 51.28
N GLY I 146 9.06 27.30 51.74
CA GLY I 146 10.15 28.25 51.81
C GLY I 146 10.26 29.11 50.57
N VAL I 147 9.30 28.97 49.65
CA VAL I 147 9.33 29.72 48.40
C VAL I 147 9.29 31.24 48.65
N ASP I 148 8.67 31.63 49.76
CA ASP I 148 8.50 33.04 50.11
C ASP I 148 9.53 33.53 51.13
N THR I 149 10.66 32.84 51.21
CA THR I 149 11.74 33.24 52.11
C THR I 149 13.01 33.59 51.33
N GLU I 150 14.05 34.01 52.05
CA GLU I 150 15.30 34.39 51.43
C GLU I 150 16.01 33.18 50.86
N SER I 151 15.88 32.06 51.54
CA SER I 151 16.53 30.82 51.12
C SER I 151 15.80 30.21 49.93
N GLY I 152 14.50 30.49 49.82
CA GLY I 152 13.71 29.96 48.74
C GLY I 152 13.33 28.51 48.95
N ALA I 153 12.64 27.93 47.99
CA ALA I 153 12.30 26.52 48.02
C ALA I 153 13.27 25.74 47.16
N THR I 154 13.42 24.45 47.46
CA THR I 154 14.20 23.57 46.59
C THR I 154 13.31 22.48 46.01
N CYS I 155 13.01 22.61 44.73
CA CYS I 155 12.17 21.64 44.04
C CYS I 155 13.05 20.65 43.25
N ARG I 156 12.78 19.36 43.39
CA ARG I 156 13.57 18.34 42.70
C ARG I 156 12.75 17.61 41.64
N ILE I 157 13.28 17.57 40.41
CA ILE I 157 12.63 16.86 39.33
C ILE I 157 13.50 15.67 38.90
N LYS I 158 12.94 14.47 38.90
CA LYS I 158 13.69 13.30 38.48
C LYS I 158 13.24 12.85 37.09
N ILE I 159 14.19 12.81 36.16
CA ILE I 159 13.91 12.38 34.82
C ILE I 159 14.75 11.18 34.47
N GLY I 160 14.12 10.11 33.98
CA GLY I 160 14.82 8.90 33.59
C GLY I 160 14.11 8.14 32.51
N SER I 161 14.76 7.12 31.95
CA SER I 161 14.10 6.26 30.98
C SER I 161 13.02 5.47 31.71
N TRP I 162 11.85 5.41 31.08
CA TRP I 162 10.73 4.76 31.68
C TRP I 162 10.86 3.23 31.65
N THR I 163 11.31 2.68 30.53
CA THR I 163 11.28 1.21 30.35
C THR I 163 12.63 0.58 30.02
N HIS I 164 13.67 1.39 29.84
CA HIS I 164 15.00 0.88 29.54
C HIS I 164 15.92 0.98 30.73
N HIS I 165 16.50 -0.14 31.13
CA HIS I 165 17.40 -0.16 32.27
C HIS I 165 18.82 0.31 31.90
N SER I 166 19.69 0.38 32.89
CA SER I 166 20.98 1.03 32.76
C SER I 166 21.90 0.40 31.73
N ARG I 167 21.67 -0.86 31.38
CA ARG I 167 22.49 -1.52 30.36
C ARG I 167 22.05 -1.17 28.94
N GLU I 168 20.89 -0.55 28.81
CA GLU I 168 20.35 -0.17 27.50
C GLU I 168 20.39 1.34 27.28
N ILE I 169 20.06 2.11 28.33
CA ILE I 169 20.15 3.56 28.31
C ILE I 169 20.80 4.07 29.59
N SER I 170 21.81 4.92 29.44
CA SER I 170 22.32 5.67 30.58
C SER I 170 22.04 7.14 30.37
N VAL I 171 21.54 7.82 31.42
CA VAL I 171 21.32 9.26 31.31
C VAL I 171 22.37 10.00 32.11
N ASP I 172 22.84 11.11 31.56
CA ASP I 172 23.91 11.87 32.19
C ASP I 172 23.62 13.35 32.03
N PRO I 173 23.81 14.12 33.10
CA PRO I 173 23.65 15.58 33.01
C PRO I 173 24.80 16.19 32.22
N THR I 174 24.59 17.37 31.64
CA THR I 174 25.58 17.97 30.76
C THR I 174 26.52 18.89 31.53
N ASP I 179 25.78 25.97 32.82
CA ASP I 179 24.49 26.53 32.47
C ASP I 179 24.58 28.09 32.28
N ASP I 180 24.15 29.01 33.18
CA ASP I 180 23.43 28.82 34.46
C ASP I 180 22.07 29.54 34.46
N SER I 181 21.10 28.96 33.75
CA SER I 181 19.70 29.43 33.69
C SER I 181 19.53 30.86 33.15
N GLU I 182 20.25 31.14 32.08
CA GLU I 182 20.21 32.42 31.38
C GLU I 182 18.94 32.65 30.53
N TYR I 183 18.16 31.60 30.26
CA TYR I 183 16.97 31.76 29.43
C TYR I 183 15.73 31.96 30.29
N PHE I 184 15.93 32.21 31.57
CA PHE I 184 14.79 32.36 32.46
C PHE I 184 14.12 33.71 32.27
N SER I 185 12.79 33.72 32.20
CA SER I 185 12.02 34.93 31.97
C SER I 185 12.24 35.95 33.07
N GLN I 186 12.55 37.19 32.68
CA GLN I 186 12.69 38.25 33.67
C GLN I 186 11.32 38.72 34.19
N TYR I 187 10.25 38.22 33.60
CA TYR I 187 8.92 38.69 33.97
C TYR I 187 8.20 37.74 34.90
N SER I 188 8.85 36.63 35.22
CA SER I 188 8.31 35.66 36.19
C SER I 188 8.15 36.32 37.56
N ARG I 189 7.20 35.83 38.37
CA ARG I 189 7.09 36.26 39.76
C ARG I 189 8.26 35.71 40.57
N PHE I 190 8.97 34.74 40.00
CA PHE I 190 10.01 34.04 40.72
C PHE I 190 11.38 34.30 40.12
N GLU I 191 12.40 34.00 40.92
CA GLU I 191 13.77 34.07 40.45
C GLU I 191 14.52 32.80 40.82
N ILE I 192 15.49 32.43 40.02
CA ILE I 192 16.26 31.22 40.28
C ILE I 192 17.51 31.57 41.07
N LEU I 193 17.68 30.91 42.21
CA LEU I 193 18.86 31.11 43.06
C LEU I 193 19.96 30.15 42.64
N ASP I 194 19.58 28.91 42.34
CA ASP I 194 20.55 27.89 41.92
C ASP I 194 19.90 26.67 41.28
N VAL I 195 20.64 26.03 40.37
CA VAL I 195 20.23 24.79 39.73
C VAL I 195 21.38 23.79 39.80
N THR I 196 21.13 22.62 40.37
CA THR I 196 22.13 21.55 40.32
C THR I 196 21.56 20.29 39.71
N GLN I 197 22.43 19.54 39.02
CA GLN I 197 22.03 18.33 38.31
C GLN I 197 22.86 17.18 38.84
N LYS I 198 22.18 16.13 39.31
CA LYS I 198 22.81 14.95 39.86
C LYS I 198 22.33 13.66 39.16
N LYS I 199 23.22 12.67 38.99
CA LYS I 199 22.83 11.42 38.38
C LYS I 199 22.59 10.32 39.41
N ASN I 200 21.58 9.48 39.18
CA ASN I 200 21.27 8.36 40.08
C ASN I 200 21.15 7.05 39.33
N SER I 201 21.33 5.97 40.08
CA SER I 201 21.08 4.64 39.55
C SER I 201 20.27 3.89 40.60
N VAL I 202 19.03 3.56 40.27
CA VAL I 202 18.10 3.05 41.27
C VAL I 202 17.55 1.68 40.89
N THR I 203 17.42 0.80 41.88
CA THR I 203 16.72 -0.46 41.69
C THR I 203 15.36 -0.33 42.35
N TYR I 204 14.34 -0.83 41.70
CA TYR I 204 13.05 -0.84 42.33
C TYR I 204 12.79 -2.23 42.87
N SER I 205 11.82 -2.34 43.78
CA SER I 205 11.38 -3.63 44.28
C SER I 205 10.68 -4.39 43.16
N CYS I 206 10.14 -3.63 42.20
CA CYS I 206 9.41 -4.20 41.09
C CYS I 206 10.30 -4.94 40.09
N CYS I 207 11.60 -4.64 40.08
CA CYS I 207 12.46 -5.06 38.96
C CYS I 207 13.92 -5.32 39.41
N PRO I 208 14.57 -6.34 38.82
CA PRO I 208 15.93 -6.70 39.23
C PRO I 208 17.02 -5.81 38.65
N GLU I 209 16.73 -5.09 37.57
CA GLU I 209 17.74 -4.21 36.95
C GLU I 209 17.78 -2.78 37.52
N ALA I 210 18.87 -2.09 37.25
CA ALA I 210 19.04 -0.71 37.69
C ALA I 210 18.51 0.26 36.65
N TYR I 211 18.01 1.42 37.08
CA TYR I 211 17.48 2.44 36.17
C TYR I 211 18.07 3.80 36.44
N GLU I 212 18.64 4.38 35.40
CA GLU I 212 19.30 5.66 35.57
C GLU I 212 18.35 6.85 35.47
N ASP I 213 18.63 7.88 36.26
CA ASP I 213 17.89 9.13 36.16
C ASP I 213 18.80 10.33 36.47
N VAL I 214 18.37 11.49 36.01
CA VAL I 214 19.01 12.73 36.41
C VAL I 214 18.06 13.41 37.38
N GLU I 215 18.60 13.93 38.46
CA GLU I 215 17.81 14.68 39.43
C GLU I 215 18.22 16.14 39.35
N VAL I 216 17.28 16.97 38.98
CA VAL I 216 17.56 18.38 38.81
C VAL I 216 16.99 19.11 40.01
N SER I 217 17.83 19.87 40.70
CA SER I 217 17.39 20.59 41.88
C SER I 217 17.29 22.08 41.59
N LEU I 218 16.09 22.60 41.74
CA LEU I 218 15.81 23.97 41.41
C LEU I 218 15.61 24.75 42.71
N ASN I 219 16.53 25.66 42.99
CA ASN I 219 16.38 26.54 44.13
C ASN I 219 15.84 27.88 43.66
N PHE I 220 14.61 28.19 44.03
CA PHE I 220 13.96 29.41 43.56
C PHE I 220 13.16 30.10 44.67
N ARG I 221 12.84 31.38 44.50
CA ARG I 221 12.00 32.08 45.47
C ARG I 221 11.17 33.17 44.83
N LYS I 222 10.12 33.62 45.51
CA LYS I 222 9.34 34.77 45.06
C LYS I 222 10.21 36.03 45.19
N LYS I 223 9.99 36.99 44.31
CA LYS I 223 10.84 38.18 44.28
C LYS I 223 10.67 39.13 45.47
N LEU J 20 19.40 -13.26 16.62
CA LEU J 20 18.43 -12.19 16.52
C LEU J 20 18.94 -10.95 17.22
N ASP J 21 18.73 -9.80 16.60
CA ASP J 21 19.02 -8.55 17.26
C ASP J 21 17.69 -7.83 17.55
N ARG J 22 17.75 -6.70 18.27
CA ARG J 22 16.53 -5.98 18.59
C ARG J 22 15.76 -5.57 17.35
N ALA J 23 16.47 -5.17 16.30
CA ALA J 23 15.82 -4.70 15.09
C ALA J 23 14.94 -5.80 14.50
N ASP J 24 15.46 -7.02 14.46
CA ASP J 24 14.73 -8.17 13.93
C ASP J 24 13.51 -8.50 14.80
N ILE J 25 13.73 -8.59 16.11
CA ILE J 25 12.65 -8.90 17.02
C ILE J 25 11.51 -7.89 16.91
N LEU J 26 11.86 -6.61 16.81
CA LEU J 26 10.83 -5.58 16.70
C LEU J 26 10.14 -5.59 15.31
N TYR J 27 10.91 -5.93 14.29
CA TYR J 27 10.32 -6.05 12.96
C TYR J 27 9.28 -7.17 12.98
N ASN J 28 9.68 -8.34 13.48
CA ASN J 28 8.75 -9.48 13.55
C ASN J 28 7.50 -9.20 14.36
N ILE J 29 7.65 -8.56 15.51
CA ILE J 29 6.50 -8.20 16.32
C ILE J 29 5.58 -7.23 15.57
N ARG J 30 6.15 -6.21 14.96
CA ARG J 30 5.35 -5.25 14.21
C ARG J 30 4.60 -5.92 13.05
N GLN J 31 5.31 -6.77 12.30
CA GLN J 31 4.72 -7.46 11.15
C GLN J 31 3.62 -8.50 11.47
N THR J 32 3.63 -9.10 12.66
CA THR J 32 2.73 -10.24 12.93
C THR J 32 2.02 -10.24 14.28
N SER J 33 1.95 -9.10 14.95
CA SER J 33 1.48 -9.12 16.34
C SER J 33 -0.03 -9.35 16.62
N ARG J 34 -0.90 -8.76 15.79
CA ARG J 34 -2.36 -8.84 15.95
CA ARG J 34 -2.36 -8.86 15.96
C ARG J 34 -2.88 -8.15 17.22
N PRO J 35 -2.70 -6.80 17.31
CA PRO J 35 -3.09 -6.09 18.54
C PRO J 35 -4.58 -6.17 18.87
N ASP J 36 -5.35 -6.68 17.94
CA ASP J 36 -6.80 -6.78 18.08
C ASP J 36 -7.22 -8.16 18.63
N VAL J 37 -6.28 -9.08 18.73
CA VAL J 37 -6.60 -10.47 19.06
C VAL J 37 -6.16 -10.85 20.47
N ILE J 38 -7.12 -11.17 21.32
CA ILE J 38 -6.82 -11.61 22.67
C ILE J 38 -6.07 -12.96 22.59
N PRO J 39 -4.91 -13.04 23.27
CA PRO J 39 -4.06 -14.22 23.17
C PRO J 39 -4.46 -15.35 24.12
N THR J 40 -5.65 -15.88 23.94
CA THR J 40 -6.10 -17.04 24.72
C THR J 40 -5.41 -18.33 24.27
N GLN J 41 -5.11 -19.22 25.21
CA GLN J 41 -4.54 -20.54 24.92
C GLN J 41 -5.49 -21.63 25.36
N ARG J 42 -5.84 -22.55 24.46
CA ARG J 42 -6.71 -23.69 24.77
C ARG J 42 -8.08 -23.24 25.26
N ASP J 43 -8.51 -22.06 24.79
CA ASP J 43 -9.73 -21.42 25.29
C ASP J 43 -9.82 -21.31 26.83
N ARG J 44 -8.66 -21.28 27.48
CA ARG J 44 -8.55 -20.85 28.87
C ARG J 44 -8.45 -19.34 28.87
N PRO J 45 -8.84 -18.70 29.97
CA PRO J 45 -8.74 -17.24 29.97
C PRO J 45 -7.30 -16.74 30.06
N VAL J 46 -7.05 -15.57 29.48
CA VAL J 46 -5.79 -14.88 29.66
C VAL J 46 -5.72 -14.36 31.09
N ALA J 47 -4.70 -14.78 31.83
CA ALA J 47 -4.53 -14.33 33.20
C ALA J 47 -3.80 -12.99 33.24
N VAL J 48 -4.48 -11.96 33.72
CA VAL J 48 -3.91 -10.62 33.77
C VAL J 48 -3.69 -10.21 35.21
N SER J 49 -2.44 -9.95 35.59
CA SER J 49 -2.13 -9.45 36.91
C SER J 49 -2.18 -7.93 36.95
N VAL J 50 -2.85 -7.38 37.96
CA VAL J 50 -2.94 -5.94 38.12
C VAL J 50 -2.62 -5.56 39.54
N SER J 51 -1.80 -4.54 39.72
CA SER J 51 -1.57 -3.97 41.03
C SER J 51 -1.27 -2.50 40.92
N LEU J 52 -1.95 -1.70 41.74
CA LEU J 52 -1.73 -0.27 41.74
C LEU J 52 -0.70 0.11 42.79
N LYS J 53 0.24 0.96 42.40
CA LYS J 53 1.16 1.58 43.33
C LYS J 53 0.79 3.05 43.33
N PHE J 54 0.33 3.57 44.45
CA PHE J 54 -0.07 4.96 44.51
C PHE J 54 1.14 5.87 44.60
N ILE J 55 1.12 6.94 43.82
CA ILE J 55 2.22 7.88 43.74
C ILE J 55 1.86 9.17 44.45
N ASN J 56 0.59 9.58 44.32
CA ASN J 56 0.13 10.84 44.86
C ASN J 56 -1.39 10.94 44.92
N ILE J 57 -1.88 11.67 45.92
CA ILE J 57 -3.29 12.03 46.01
C ILE J 57 -3.34 13.53 45.97
N LEU J 58 -4.02 14.09 44.97
CA LEU J 58 -3.83 15.51 44.65
C LEU J 58 -4.95 16.39 45.16
N GLU J 59 -6.17 15.98 44.87
CA GLU J 59 -7.33 16.78 45.26
C GLU J 59 -8.35 15.86 45.86
N VAL J 60 -8.85 16.27 47.01
CA VAL J 60 -9.86 15.50 47.69
C VAL J 60 -10.99 16.47 47.98
N ASN J 61 -12.21 16.04 47.75
CA ASN J 61 -13.37 16.86 48.03
C ASN J 61 -14.35 16.02 48.82
N GLU J 62 -14.45 16.30 50.12
CA GLU J 62 -15.27 15.47 51.00
C GLU J 62 -16.75 15.70 50.73
N ILE J 63 -17.07 16.89 50.23
CA ILE J 63 -18.45 17.24 49.91
C ILE J 63 -18.98 16.45 48.70
N THR J 64 -18.24 16.49 47.60
CA THR J 64 -18.66 15.81 46.37
C THR J 64 -18.24 14.34 46.30
N ASN J 65 -17.37 13.91 47.23
CA ASN J 65 -16.86 12.54 47.25
C ASN J 65 -16.06 12.19 46.01
N GLU J 66 -15.13 13.08 45.66
CA GLU J 66 -14.30 12.87 44.51
C GLU J 66 -12.86 12.98 44.93
N VAL J 67 -12.02 12.12 44.36
CA VAL J 67 -10.59 12.15 44.66
C VAL J 67 -9.78 12.13 43.36
N ASP J 68 -8.67 12.86 43.33
CA ASP J 68 -7.78 12.90 42.19
C ASP J 68 -6.48 12.16 42.57
N VAL J 69 -6.15 11.12 41.82
CA VAL J 69 -5.08 10.20 42.19
C VAL J 69 -4.06 10.00 41.08
N VAL J 70 -2.78 9.93 41.43
CA VAL J 70 -1.78 9.48 40.48
C VAL J 70 -1.31 8.10 40.92
N PHE J 71 -1.32 7.15 39.99
CA PHE J 71 -0.91 5.78 40.32
C PHE J 71 -0.19 5.09 39.18
N TRP J 72 0.67 4.15 39.58
CA TRP J 72 1.41 3.35 38.62
CA TRP J 72 1.43 3.34 38.67
C TRP J 72 0.65 2.04 38.48
N GLN J 73 0.12 1.81 37.30
CA GLN J 73 -0.70 0.62 37.11
C GLN J 73 0.06 -0.56 36.49
N GLN J 74 0.56 -1.46 37.33
CA GLN J 74 1.34 -2.59 36.86
C GLN J 74 0.45 -3.64 36.28
N THR J 75 0.67 -3.97 35.01
CA THR J 75 -0.16 -4.95 34.33
C THR J 75 0.74 -5.99 33.65
N THR J 76 0.36 -7.25 33.77
CA THR J 76 1.22 -8.34 33.36
C THR J 76 0.37 -9.42 32.77
N TRP J 77 0.81 -10.00 31.67
CA TRP J 77 0.08 -11.13 31.09
C TRP J 77 1.00 -11.86 30.14
N SER J 78 0.57 -13.01 29.61
CA SER J 78 1.34 -13.75 28.63
C SER J 78 0.72 -13.64 27.25
N ASP J 79 1.57 -13.47 26.24
CA ASP J 79 1.17 -13.55 24.86
C ASP J 79 2.25 -14.38 24.19
N ARG J 80 2.02 -15.68 24.12
CA ARG J 80 3.01 -16.60 23.56
C ARG J 80 3.31 -16.35 22.09
N THR J 81 2.39 -15.69 21.39
CA THR J 81 2.65 -15.30 20.00
C THR J 81 3.78 -14.25 19.84
N LEU J 82 4.26 -13.69 20.95
CA LEU J 82 5.31 -12.71 20.90
C LEU J 82 6.67 -13.35 21.17
N ALA J 83 6.67 -14.60 21.63
CA ALA J 83 7.88 -15.29 22.03
C ALA J 83 8.93 -15.43 20.93
N TRP J 84 10.20 -15.52 21.32
CA TRP J 84 11.30 -15.83 20.40
C TRP J 84 12.39 -16.62 21.09
N ASN J 85 13.25 -17.26 20.31
CA ASN J 85 14.37 -18.01 20.87
C ASN J 85 15.46 -17.01 21.25
N SER J 86 15.73 -16.88 22.55
CA SER J 86 16.65 -15.86 23.01
C SER J 86 18.09 -16.37 23.20
N SER J 87 18.47 -17.41 22.48
CA SER J 87 19.88 -17.83 22.43
C SER J 87 20.65 -16.84 21.55
N HIS J 88 21.65 -16.19 22.15
CA HIS J 88 22.44 -15.17 21.45
C HIS J 88 21.54 -14.04 20.95
N SER J 89 20.56 -13.69 21.77
CA SER J 89 19.60 -12.66 21.42
C SER J 89 19.25 -11.92 22.69
N PRO J 90 18.77 -10.68 22.56
CA PRO J 90 18.20 -9.94 23.69
C PRO J 90 17.11 -10.74 24.38
N ASP J 91 17.09 -10.71 25.71
CA ASP J 91 16.05 -11.39 26.45
C ASP J 91 14.76 -10.57 26.50
N GLN J 92 14.87 -9.27 26.24
CA GLN J 92 13.73 -8.36 26.33
C GLN J 92 13.81 -7.19 25.34
N VAL J 93 12.64 -6.69 24.94
CA VAL J 93 12.54 -5.46 24.17
C VAL J 93 11.41 -4.57 24.68
N SER J 94 11.51 -3.28 24.37
CA SER J 94 10.43 -2.35 24.63
C SER J 94 9.66 -2.16 23.34
N VAL J 95 8.34 -2.22 23.43
CA VAL J 95 7.46 -2.20 22.27
C VAL J 95 6.34 -1.20 22.47
N PRO J 96 6.05 -0.37 21.46
CA PRO J 96 4.91 0.56 21.56
C PRO J 96 3.63 -0.25 21.71
N ILE J 97 2.75 0.13 22.62
CA ILE J 97 1.57 -0.69 22.91
C ILE J 97 0.59 -0.74 21.73
N SER J 98 0.76 0.14 20.75
CA SER J 98 -0.08 0.08 19.56
C SER J 98 0.26 -1.16 18.72
N SER J 99 1.41 -1.77 18.98
CA SER J 99 1.78 -2.97 18.27
C SER J 99 1.43 -4.25 19.03
N LEU J 100 0.75 -4.11 20.18
CA LEU J 100 0.48 -5.29 21.02
C LEU J 100 -0.97 -5.36 21.35
N TRP J 101 -1.46 -6.56 21.59
CA TRP J 101 -2.72 -6.69 22.30
C TRP J 101 -2.51 -6.22 23.72
N VAL J 102 -3.45 -5.42 24.21
CA VAL J 102 -3.39 -4.92 25.58
C VAL J 102 -4.78 -5.11 26.17
N PRO J 103 -4.86 -5.58 27.43
CA PRO J 103 -6.19 -5.78 28.04
C PRO J 103 -6.98 -4.48 28.16
N ASP J 104 -8.29 -4.58 27.92
CA ASP J 104 -9.19 -3.41 27.98
C ASP J 104 -9.67 -3.13 29.42
N LEU J 105 -8.74 -2.84 30.32
CA LEU J 105 -9.09 -2.58 31.71
C LEU J 105 -9.76 -1.23 31.83
N ALA J 106 -10.77 -1.13 32.69
CA ALA J 106 -11.37 0.16 33.00
C ALA J 106 -11.69 0.22 34.48
N ALA J 107 -11.62 1.42 35.04
CA ALA J 107 -12.01 1.63 36.41
C ALA J 107 -13.49 1.96 36.42
N TYR J 108 -14.28 1.11 37.06
CA TYR J 108 -15.73 1.28 37.08
C TYR J 108 -16.20 2.59 37.71
N ASN J 109 -15.46 3.11 38.68
CA ASN J 109 -15.92 4.34 39.33
C ASN J 109 -15.16 5.60 38.93
N ALA J 110 -14.48 5.55 37.79
CA ALA J 110 -13.78 6.73 37.27
C ALA J 110 -14.77 7.79 36.78
N ILE J 111 -14.43 9.06 36.92
CA ILE J 111 -15.31 10.12 36.46
C ILE J 111 -14.61 11.09 35.53
N SER J 112 -13.39 10.70 35.12
CA SER J 112 -12.65 11.42 34.09
C SER J 112 -11.90 10.36 33.29
N LYS J 113 -11.49 10.66 32.07
CA LYS J 113 -10.72 9.65 31.36
C LYS J 113 -9.30 9.56 31.90
N PRO J 114 -8.69 8.37 31.81
CA PRO J 114 -7.34 8.26 32.37
C PRO J 114 -6.35 9.11 31.58
N GLU J 115 -5.58 9.93 32.26
CA GLU J 115 -4.55 10.74 31.62
C GLU J 115 -3.21 10.01 31.81
N VAL J 116 -2.71 9.41 30.74
CA VAL J 116 -1.44 8.67 30.82
C VAL J 116 -0.28 9.65 30.80
N LEU J 117 0.56 9.60 31.83
CA LEU J 117 1.61 10.58 32.02
C LEU J 117 2.93 10.14 31.43
N THR J 118 3.07 8.86 31.15
CA THR J 118 4.35 8.28 30.76
C THR J 118 4.36 7.78 29.30
N PRO J 119 5.57 7.49 28.75
CA PRO J 119 5.66 6.91 27.41
C PRO J 119 4.90 5.57 27.31
N GLN J 120 4.15 5.39 26.24
CA GLN J 120 3.32 4.21 26.14
C GLN J 120 4.02 3.00 25.53
N LEU J 121 4.91 2.41 26.32
CA LEU J 121 5.73 1.30 25.89
C LEU J 121 5.51 0.18 26.87
N ALA J 122 5.36 -1.03 26.33
CA ALA J 122 5.34 -2.22 27.15
C ALA J 122 6.70 -2.92 27.04
N ARG J 123 7.03 -3.71 28.04
CA ARG J 123 8.27 -4.47 28.03
C ARG J 123 7.90 -5.92 27.73
N VAL J 124 8.52 -6.49 26.71
CA VAL J 124 8.23 -7.88 26.31
C VAL J 124 9.44 -8.78 26.54
N VAL J 125 9.22 -9.89 27.23
CA VAL J 125 10.25 -10.88 27.49
C VAL J 125 10.19 -12.01 26.47
N SER J 126 11.32 -12.66 26.19
CA SER J 126 11.38 -13.65 25.10
C SER J 126 10.41 -14.81 25.26
N ASP J 127 10.00 -15.13 26.49
CA ASP J 127 9.03 -16.19 26.72
C ASP J 127 7.58 -15.80 26.42
N GLY J 128 7.33 -14.52 26.16
CA GLY J 128 6.00 -14.07 25.86
C GLY J 128 5.35 -13.21 26.93
N GLU J 129 6.03 -13.04 28.05
CA GLU J 129 5.50 -12.21 29.12
C GLU J 129 5.55 -10.74 28.77
N VAL J 130 4.47 -10.04 29.06
CA VAL J 130 4.39 -8.62 28.78
C VAL J 130 4.19 -7.82 30.07
N LEU J 131 4.97 -6.77 30.23
CA LEU J 131 4.79 -5.86 31.35
CA LEU J 131 4.86 -5.86 31.34
C LEU J 131 4.47 -4.48 30.80
N TYR J 132 3.33 -3.95 31.22
CA TYR J 132 2.90 -2.60 30.85
C TYR J 132 2.56 -1.86 32.14
N MET J 133 3.32 -0.82 32.45
CA MET J 133 3.16 -0.10 33.71
CA MET J 133 3.16 -0.11 33.70
C MET J 133 3.06 1.39 33.46
N PRO J 134 1.91 1.85 32.97
CA PRO J 134 1.77 3.29 32.77
C PRO J 134 1.54 4.03 34.09
N SER J 135 1.97 5.28 34.14
CA SER J 135 1.58 6.15 35.25
C SER J 135 0.34 6.95 34.87
N ILE J 136 -0.65 6.96 35.74
CA ILE J 136 -1.95 7.50 35.37
C ILE J 136 -2.50 8.49 36.40
N ARG J 137 -3.02 9.61 35.92
CA ARG J 137 -3.73 10.57 36.77
C ARG J 137 -5.22 10.54 36.43
N GLN J 138 -6.04 10.18 37.40
CA GLN J 138 -7.48 10.01 37.16
C GLN J 138 -8.34 10.45 38.37
N ARG J 139 -9.53 10.96 38.09
N ARG J 139 -9.54 10.94 38.09
CA ARG J 139 -10.47 11.32 39.16
CA ARG J 139 -10.45 11.33 39.16
C ARG J 139 -11.39 10.13 39.42
C ARG J 139 -11.48 10.22 39.41
N PHE J 140 -11.74 9.94 40.68
CA PHE J 140 -12.65 8.88 41.05
C PHE J 140 -13.73 9.39 41.97
N SER J 141 -14.89 8.75 41.86
CA SER J 141 -15.97 8.95 42.79
C SER J 141 -15.91 7.83 43.82
N CYS J 142 -15.71 8.18 45.08
CA CYS J 142 -15.68 7.18 46.15
C CYS J 142 -15.84 7.83 47.53
N ASP J 143 -15.83 7.01 48.57
CA ASP J 143 -16.11 7.48 49.91
C ASP J 143 -14.90 8.20 50.53
N VAL J 144 -15.05 9.51 50.71
CA VAL J 144 -13.96 10.37 51.13
C VAL J 144 -14.16 10.79 52.59
N SER J 145 -15.33 10.46 53.13
CA SER J 145 -15.66 10.77 54.50
C SER J 145 -14.63 10.24 55.50
N GLY J 146 -14.20 11.10 56.43
CA GLY J 146 -13.25 10.71 57.45
C GLY J 146 -11.82 10.96 57.06
N VAL J 147 -11.61 11.63 55.93
CA VAL J 147 -10.27 11.88 55.43
C VAL J 147 -9.48 12.74 56.42
N ASP J 148 -10.20 13.54 57.21
CA ASP J 148 -9.56 14.46 58.14
C ASP J 148 -9.55 13.92 59.57
N THR J 149 -9.67 12.62 59.73
CA THR J 149 -9.65 11.99 61.03
C THR J 149 -8.46 11.05 61.17
N GLU J 150 -8.31 10.45 62.35
CA GLU J 150 -7.20 9.55 62.61
C GLU J 150 -7.35 8.24 61.85
N SER J 151 -8.60 7.82 61.66
CA SER J 151 -8.88 6.58 60.95
C SER J 151 -8.74 6.77 59.45
N GLY J 152 -8.89 8.02 59.00
CA GLY J 152 -8.80 8.34 57.59
C GLY J 152 -10.00 7.88 56.80
N ALA J 153 -9.96 8.09 55.49
CA ALA J 153 -11.02 7.63 54.58
C ALA J 153 -10.60 6.31 53.94
N THR J 154 -11.58 5.54 53.49
CA THR J 154 -11.30 4.34 52.70
C THR J 154 -11.96 4.47 51.34
N CYS J 155 -11.13 4.69 50.33
CA CYS J 155 -11.59 4.84 48.96
C CYS J 155 -11.37 3.52 48.24
N ARG J 156 -12.38 3.07 47.51
CA ARG J 156 -12.28 1.82 46.78
C ARG J 156 -12.31 2.07 45.27
N ILE J 157 -11.38 1.46 44.55
CA ILE J 157 -11.33 1.56 43.09
C ILE J 157 -11.49 0.18 42.48
N LYS J 158 -12.46 0.02 41.59
CA LYS J 158 -12.67 -1.28 40.95
C LYS J 158 -12.18 -1.25 39.52
N ILE J 159 -11.27 -2.16 39.20
CA ILE J 159 -10.72 -2.22 37.87
C ILE J 159 -10.98 -3.61 37.28
N GLY J 160 -11.55 -3.66 36.07
CA GLY J 160 -11.88 -4.92 35.44
C GLY J 160 -11.85 -4.79 33.94
N SER J 161 -11.90 -5.93 33.25
CA SER J 161 -12.03 -5.91 31.80
C SER J 161 -13.40 -5.34 31.46
N TRP J 162 -13.41 -4.45 30.49
CA TRP J 162 -14.65 -3.78 30.09
C TRP J 162 -15.57 -4.69 29.26
N THR J 163 -15.01 -5.46 28.33
CA THR J 163 -15.84 -6.25 27.41
C THR J 163 -15.53 -7.75 27.41
N HIS J 164 -14.51 -8.18 28.14
CA HIS J 164 -14.23 -9.62 28.17
C HIS J 164 -14.66 -10.24 29.48
N HIS J 165 -15.46 -11.30 29.39
CA HIS J 165 -15.92 -12.00 30.59
C HIS J 165 -14.86 -12.97 31.15
N SER J 166 -15.18 -13.61 32.26
CA SER J 166 -14.24 -14.36 33.08
C SER J 166 -13.64 -15.55 32.36
N ARG J 167 -14.28 -16.02 31.30
CA ARG J 167 -13.74 -17.13 30.51
C ARG J 167 -12.72 -16.70 29.46
N GLU J 168 -12.59 -15.40 29.28
CA GLU J 168 -11.67 -14.86 28.30
C GLU J 168 -10.54 -14.12 29.01
N ILE J 169 -10.89 -13.36 30.05
CA ILE J 169 -9.90 -12.64 30.86
C ILE J 169 -10.19 -12.84 32.34
N SER J 170 -9.15 -13.21 33.10
CA SER J 170 -9.27 -13.18 34.54
C SER J 170 -8.28 -12.16 35.07
N VAL J 171 -8.71 -11.32 36.00
CA VAL J 171 -7.80 -10.39 36.64
C VAL J 171 -7.49 -10.82 38.07
N ASP J 172 -6.24 -10.66 38.48
CA ASP J 172 -5.80 -11.13 39.78
C ASP J 172 -4.82 -10.14 40.33
N PRO J 173 -4.99 -9.78 41.60
CA PRO J 173 -4.05 -8.86 42.23
C PRO J 173 -2.73 -9.57 42.45
N THR J 174 -1.62 -8.85 42.51
CA THR J 174 -0.36 -9.50 42.80
C THR J 174 -0.18 -9.61 44.31
N THR J 175 1.04 -9.95 44.72
CA THR J 175 1.43 -10.07 46.12
C THR J 175 2.83 -9.48 46.34
N ASP J 179 4.57 -3.47 49.63
CA ASP J 179 4.90 -2.24 50.35
C ASP J 179 4.15 -1.01 49.79
N ASP J 180 3.08 -0.64 50.51
CA ASP J 180 2.01 0.26 50.02
C ASP J 180 2.48 1.66 49.65
N SER J 181 3.35 2.19 50.51
CA SER J 181 3.74 3.58 50.48
C SER J 181 5.11 3.72 49.83
N GLU J 182 5.61 2.64 49.24
CA GLU J 182 6.95 2.66 48.68
C GLU J 182 7.20 3.87 47.73
N TYR J 183 6.34 4.06 46.72
CA TYR J 183 6.56 5.12 45.74
C TYR J 183 5.71 6.36 45.99
N PHE J 184 5.07 6.42 47.15
CA PHE J 184 4.15 7.51 47.40
C PHE J 184 4.93 8.79 47.72
N SER J 185 4.54 9.89 47.09
CA SER J 185 5.21 11.17 47.28
C SER J 185 5.15 11.64 48.74
N GLN J 186 6.32 11.99 49.27
CA GLN J 186 6.40 12.51 50.63
C GLN J 186 5.88 13.93 50.72
N TYR J 187 5.58 14.54 49.58
CA TYR J 187 5.15 15.94 49.57
C TYR J 187 3.63 16.10 49.44
N SER J 188 2.93 14.98 49.35
CA SER J 188 1.47 15.00 49.31
C SER J 188 0.91 15.59 50.59
N ARG J 189 -0.28 16.17 50.53
CA ARG J 189 -0.98 16.60 51.73
C ARG J 189 -1.48 15.38 52.49
N PHE J 190 -1.43 14.22 51.85
CA PHE J 190 -2.02 13.02 52.41
C PHE J 190 -0.98 11.95 52.68
N GLU J 191 -1.35 10.97 53.49
CA GLU J 191 -0.48 9.84 53.76
C GLU J 191 -1.31 8.57 53.68
N ILE J 192 -0.66 7.48 53.29
CA ILE J 192 -1.35 6.22 53.12
C ILE J 192 -1.24 5.42 54.40
N LEU J 193 -2.38 4.99 54.93
CA LEU J 193 -2.42 4.18 56.13
C LEU J 193 -2.37 2.70 55.75
N ASP J 194 -3.11 2.33 54.71
CA ASP J 194 -3.13 0.94 54.25
C ASP J 194 -3.73 0.79 52.84
N VAL J 195 -3.29 -0.25 52.13
CA VAL J 195 -3.81 -0.58 50.81
C VAL J 195 -4.08 -2.06 50.76
N THR J 196 -5.30 -2.45 50.41
CA THR J 196 -5.61 -3.87 50.22
C THR J 196 -6.18 -4.10 48.83
N GLN J 197 -5.90 -5.26 48.27
CA GLN J 197 -6.38 -5.63 46.95
C GLN J 197 -7.18 -6.92 47.04
N LYS J 198 -8.40 -6.90 46.51
CA LYS J 198 -9.31 -8.03 46.57
C LYS J 198 -9.85 -8.35 45.17
N LYS J 199 -10.12 -9.62 44.90
CA LYS J 199 -10.65 -9.99 43.61
C LYS J 199 -12.15 -10.28 43.67
N ASN J 200 -12.89 -9.89 42.62
CA ASN J 200 -14.33 -10.14 42.54
C ASN J 200 -14.72 -10.78 41.23
N SER J 201 -15.86 -11.46 41.24
CA SER J 201 -16.46 -12.01 40.03
C SER J 201 -17.93 -11.65 40.05
N VAL J 202 -18.36 -10.80 39.13
CA VAL J 202 -19.68 -10.19 39.21
C VAL J 202 -20.50 -10.45 37.96
N THR J 203 -21.79 -10.75 38.15
CA THR J 203 -22.72 -10.84 37.03
C THR J 203 -23.56 -9.55 36.97
N TYR J 204 -23.69 -8.96 35.77
CA TYR J 204 -24.40 -7.70 35.58
C TYR J 204 -25.77 -7.91 34.94
N SER J 205 -26.60 -6.88 35.03
CA SER J 205 -27.97 -6.96 34.48
C SER J 205 -27.97 -7.20 32.99
N CYS J 206 -27.08 -6.50 32.29
CA CYS J 206 -27.04 -6.49 30.83
C CYS J 206 -26.63 -7.82 30.18
N CYS J 207 -25.74 -8.55 30.85
CA CYS J 207 -25.04 -9.69 30.25
C CYS J 207 -25.02 -10.89 31.19
N PRO J 208 -25.18 -12.10 30.65
CA PRO J 208 -25.30 -13.32 31.47
C PRO J 208 -24.00 -13.72 32.11
N GLU J 209 -22.91 -13.40 31.42
CA GLU J 209 -21.56 -13.80 31.81
C GLU J 209 -21.08 -13.05 33.04
N ALA J 210 -20.12 -13.63 33.75
CA ALA J 210 -19.48 -12.96 34.88
C ALA J 210 -18.19 -12.24 34.48
N TYR J 211 -17.96 -11.07 35.07
CA TYR J 211 -16.79 -10.26 34.74
C TYR J 211 -15.94 -10.12 35.98
N GLU J 212 -14.66 -10.42 35.85
CA GLU J 212 -13.76 -10.29 36.98
C GLU J 212 -13.24 -8.87 37.14
N ASP J 213 -13.04 -8.46 38.38
CA ASP J 213 -12.38 -7.19 38.69
C ASP J 213 -11.50 -7.29 39.95
N VAL J 214 -10.56 -6.37 40.08
CA VAL J 214 -9.80 -6.20 41.29
C VAL J 214 -10.33 -4.97 42.00
N GLU J 215 -10.53 -5.08 43.31
CA GLU J 215 -11.00 -3.95 44.09
C GLU J 215 -9.85 -3.53 44.97
N VAL J 216 -9.39 -2.30 44.79
CA VAL J 216 -8.26 -1.79 45.55
C VAL J 216 -8.79 -0.84 46.59
N SER J 217 -8.46 -1.09 47.85
CA SER J 217 -8.94 -0.25 48.96
C SER J 217 -7.82 0.59 49.50
N LEU J 218 -7.98 1.89 49.39
CA LEU J 218 -6.95 2.82 49.80
C LEU J 218 -7.41 3.52 51.07
N ASN J 219 -6.71 3.24 52.16
CA ASN J 219 -6.98 3.91 53.43
C ASN J 219 -5.98 5.05 53.62
N PHE J 220 -6.46 6.28 53.62
CA PHE J 220 -5.57 7.43 53.62
C PHE J 220 -6.16 8.55 54.47
N ARG J 221 -5.32 9.50 54.89
CA ARG J 221 -5.82 10.64 55.63
C ARG J 221 -4.96 11.86 55.41
N LYS J 222 -5.47 13.01 55.82
CA LYS J 222 -4.70 14.24 55.74
C LYS J 222 -3.68 14.19 56.86
N LYS J 223 -2.48 14.67 56.60
CA LYS J 223 -1.43 14.68 57.61
C LYS J 223 -1.80 15.61 58.77
N1 ACH K . -8.37 0.12 -36.42
C2 ACH K . -9.28 0.78 -35.43
C3 ACH K . -9.83 -0.24 -34.44
O4 ACH K . -10.51 0.23 -33.30
C5 ACH K . -10.32 -0.57 -32.16
O7 ACH K . -9.58 -1.57 -32.23
C6 ACH K . -10.98 -0.23 -30.85
C8 ACH K . -9.14 -0.44 -37.52
C9 ACH K . -7.64 -1.03 -35.93
C10 ACH K . -7.34 1.05 -36.83
OH2 1PE L . 8.77 19.17 -13.28
C12 1PE L . 9.66 18.51 -12.35
C22 1PE L . 10.63 17.57 -13.12
OH3 1PE L . 10.28 16.41 -13.96
C13 1PE L . 7.87 16.17 -14.53
C23 1PE L . 9.27 16.57 -14.99
OH4 1PE L . 7.45 16.85 -13.37
C14 1PE L . 5.85 17.03 -11.62
C24 1PE L . 6.14 16.47 -13.02
OH5 1PE L . 5.88 18.42 -11.24
C15 1PE L . 4.81 20.61 -11.36
C25 1PE L . 5.02 19.24 -12.05
OH6 1PE L . 4.16 20.15 -10.11
C16 1PE L . 2.68 21.95 -10.10
C26 1PE L . 3.64 21.15 -9.21
OH7 1PE L . 1.65 21.12 -10.70
OH2 1PE M . 22.27 -7.97 -37.81
C12 1PE M . 20.96 -7.92 -37.27
C22 1PE M . 21.03 -7.01 -36.06
OH3 1PE M . 19.81 -6.81 -35.36
C13 1PE M . 18.91 -5.41 -33.57
C23 1PE M . 20.10 -5.82 -34.39
OH4 1PE M . 19.11 -4.42 -32.52
C14 1PE M . 18.97 -2.20 -33.99
C24 1PE M . 19.67 -3.07 -32.87
OH5 1PE M . 19.52 -0.86 -34.15
C15 1PE M . 21.32 0.71 -34.46
C25 1PE M . 20.94 -0.78 -34.37
OH6 1PE M . 22.75 0.83 -34.66
C16 1PE M . 24.75 0.46 -35.99
C26 1PE M . 23.23 0.26 -35.91
OH7 1PE M . 25.27 -0.06 -37.23
OH2 1PE N . -2.96 -7.81 -37.43
C12 1PE N . -1.86 -8.07 -36.53
C22 1PE N . -1.09 -6.77 -36.16
OH3 1PE N . 0.03 -6.92 -35.21
C13 1PE N . 1.94 -5.76 -33.96
C23 1PE N . 0.79 -5.68 -34.99
OH4 1PE N . 2.83 -4.59 -33.67
C14 1PE N . 4.93 -3.21 -34.76
C24 1PE N . 3.74 -4.25 -34.76
OH5 1PE N . 4.83 -1.78 -34.48
C15 1PE N . 5.36 -1.30 -31.90
C25 1PE N . 4.48 -1.21 -33.17
OH6 1PE N . 5.72 -2.58 -31.32
C16 1PE N . 6.07 -1.72 -28.87
C26 1PE N . 6.59 -2.48 -30.11
OH7 1PE N . 7.02 -1.72 -27.78
N1 ACH O . -18.03 -25.05 -20.73
C2 ACH O . -18.48 -24.75 -19.32
C3 ACH O . -17.43 -25.17 -18.29
O4 ACH O . -17.57 -24.71 -16.97
C5 ACH O . -16.34 -24.40 -16.34
O7 ACH O . -15.27 -24.50 -16.96
C6 ACH O . -16.29 -23.94 -14.91
C8 ACH O . -18.27 -26.43 -21.11
C9 ACH O . -16.59 -24.91 -20.95
C10 ACH O . -18.59 -24.10 -21.68
S SO4 P . -8.31 16.27 -23.29
O1 SO4 P . -9.68 16.57 -23.73
O2 SO4 P . -7.86 15.05 -23.96
O3 SO4 P . -7.43 17.39 -23.66
O4 SO4 P . -8.28 16.02 -21.84
OH2 1PE Q . -21.11 -32.81 -27.14
C12 1PE Q . -21.25 -31.45 -27.55
C22 1PE Q . -20.06 -31.08 -28.45
OH3 1PE Q . -18.92 -31.32 -27.64
C13 1PE Q . -17.44 -29.55 -28.67
C23 1PE Q . -17.64 -31.02 -28.31
OH4 1PE Q . -17.49 -28.74 -27.45
C14 1PE Q . -16.61 -28.16 -25.26
C24 1PE Q . -16.46 -29.07 -26.49
OH5 1PE Q . -15.63 -28.40 -24.18
C15 1PE Q . -13.27 -28.33 -23.72
C25 1PE Q . -14.34 -28.14 -24.74
OH6 1PE Q . -12.00 -28.09 -24.38
C16 1PE Q . -10.28 -26.95 -25.54
C26 1PE Q . -11.71 -26.77 -24.97
OH7 1PE Q . -9.69 -25.77 -26.11
OH2 1PE R . -16.32 9.09 -15.25
C12 1PE R . -15.54 8.00 -15.76
C22 1PE R . -15.72 6.81 -14.82
OH3 1PE R . -17.06 6.32 -14.73
C13 1PE R . -16.88 6.52 -12.44
C23 1PE R . -17.01 5.48 -13.55
OH4 1PE R . -16.72 5.93 -11.16
C14 1PE R . -18.00 7.68 -9.83
C24 1PE R . -16.67 6.95 -10.11
OH5 1PE R . -17.75 8.64 -8.77
C15 1PE R . -19.81 8.61 -7.31
C25 1PE R . -18.84 9.41 -8.17
OH6 1PE R . -20.51 7.60 -8.02
C16 1PE R . -22.08 5.77 -7.98
C26 1PE R . -21.27 6.79 -7.12
OH7 1PE R . -21.27 4.92 -8.80
C ACT S . -14.69 13.74 -28.37
O ACT S . -15.64 13.61 -29.16
OXT ACT S . -14.32 12.68 -27.80
CH3 ACT S . -14.04 15.08 -28.13
N1 ACH T . 6.20 -36.37 -4.44
C2 ACH T . 6.37 -35.72 -3.10
C3 ACH T . 7.50 -34.72 -3.14
O4 ACH T . 7.62 -33.85 -2.04
C5 ACH T . 8.07 -32.55 -2.39
O7 ACH T . 8.27 -32.24 -3.59
C6 ACH T . 8.26 -31.52 -1.31
C8 ACH T . 7.12 -37.47 -4.59
C9 ACH T . 6.50 -35.51 -5.57
C10 ACH T . 4.82 -36.73 -4.66
S SO4 U . -4.77 -14.96 10.11
O1 SO4 U . -4.15 -13.91 10.93
O2 SO4 U . -4.74 -14.66 8.66
O3 SO4 U . -4.05 -16.22 10.34
O4 SO4 U . -6.17 -15.14 10.51
N1 ACH V . 30.81 -18.22 -10.32
C2 ACH V . 30.89 -17.02 -9.42
C3 ACH V . 30.42 -15.78 -10.14
O4 ACH V . 30.22 -14.62 -9.38
C5 ACH V . 29.15 -13.81 -9.81
O7 ACH V . 28.45 -14.21 -10.78
C6 ACH V . 28.82 -12.51 -9.12
C8 ACH V . 32.02 -18.32 -11.13
C9 ACH V . 29.74 -18.12 -11.30
C10 ACH V . 30.50 -19.42 -9.56
S SO4 W . -5.21 -26.46 10.38
O1 SO4 W . -5.95 -25.36 9.84
O2 SO4 W . -4.97 -27.40 9.34
O3 SO4 W . -3.96 -26.15 10.95
O4 SO4 W . -5.95 -27.01 11.46
OH2 1PE X . 24.28 -12.18 0.10
C12 1PE X . 23.03 -12.11 0.83
C22 1PE X . 21.78 -12.33 -0.07
OH3 1PE X . 21.73 -13.62 -0.78
C13 1PE X . 20.46 -14.92 -2.44
C23 1PE X . 20.54 -13.68 -1.62
OH4 1PE X . 19.22 -14.90 -3.19
C14 1PE X . 17.62 -16.26 -4.40
C24 1PE X . 19.07 -16.20 -3.88
OH5 1PE X . 16.86 -15.47 -5.36
C15 1PE X . 16.35 -14.92 -7.63
C25 1PE X . 17.29 -15.71 -6.72
OH6 1PE X . 16.68 -15.16 -9.03
C16 1PE X . 16.05 -14.79 -11.38
C26 1PE X . 15.77 -14.45 -9.91
OH7 1PE X . 15.15 -14.05 -12.21
OH2 1PE Y . 8.77 -44.87 -8.58
C12 1PE Y . 8.30 -44.34 -9.83
C22 1PE Y . 7.90 -42.87 -9.63
OH3 1PE Y . 7.35 -42.07 -10.71
C13 1PE Y . 8.20 -39.95 -9.63
C23 1PE Y . 7.01 -40.82 -10.03
OH4 1PE Y . 7.90 -38.78 -8.81
C14 1PE Y . 9.09 -37.15 -9.95
C24 1PE Y . 9.11 -38.00 -8.72
OH5 1PE Y . 10.16 -36.26 -10.39
C15 1PE Y . 8.45 -36.33 -12.27
C25 1PE Y . 9.36 -35.52 -11.33
OH6 1PE Y . 7.71 -35.32 -13.01
C16 1PE Y . 7.58 -33.39 -14.40
C26 1PE Y . 8.43 -34.62 -14.00
OH7 1PE Y . 6.27 -33.69 -14.89
N1 ACH Z . 21.93 4.39 -30.19
C2 ACH Z . 21.34 5.55 -29.47
C3 ACH Z . 19.83 5.56 -29.57
O4 ACH Z . 19.12 6.45 -28.76
C5 ACH Z . 17.90 5.94 -28.25
O7 ACH Z . 17.56 4.78 -28.50
C6 ACH Z . 17.01 6.79 -27.39
C8 ACH Z . 22.06 4.63 -31.62
C9 ACH Z . 21.08 3.20 -30.12
C10 ACH Z . 23.17 3.96 -29.58
S SO4 AA . 32.11 -11.47 3.85
O1 SO4 AA . 30.85 -10.95 4.38
O2 SO4 AA . 32.17 -11.16 2.41
O3 SO4 AA . 33.24 -10.83 4.56
O4 SO4 AA . 32.13 -12.92 4.06
OH2 1PE BA . 17.03 -3.16 -12.96
C12 1PE BA . 17.81 -1.98 -13.27
C22 1PE BA . 17.02 -1.00 -14.12
OH3 1PE BA . 17.73 0.24 -14.36
C13 1PE BA . 16.53 0.75 -16.50
C23 1PE BA . 16.70 1.08 -15.04
OH4 1PE BA . 17.83 1.19 -16.99
C14 1PE BA . 19.05 3.36 -17.24
C24 1PE BA . 17.81 2.65 -16.75
OH5 1PE BA . 19.02 4.81 -17.06
C15 1PE BA . 18.97 6.80 -15.57
C25 1PE BA . 18.91 5.26 -15.69
OH6 1PE BA . 17.91 7.46 -16.26
C16 1PE BA . 19.33 9.19 -17.22
C26 1PE BA . 18.11 8.91 -16.36
OH7 1PE BA . 19.56 10.59 -17.35
N1 ACH CA . -31.38 16.34 12.09
C2 ACH CA . -31.21 15.98 10.64
C3 ACH CA . -30.10 16.79 10.02
O4 ACH CA . -29.63 16.36 8.75
C5 ACH CA . -28.24 16.54 8.58
O7 ACH CA . -27.57 17.01 9.51
C6 ACH CA . -27.58 16.19 7.29
C8 ACH CA . -32.21 17.53 12.20
C9 ACH CA . -30.14 16.72 12.76
C10 ACH CA . -31.85 15.22 12.88
S SO4 DA . -9.10 -18.95 19.69
O1 SO4 DA . -8.60 -17.62 19.34
O2 SO4 DA . -10.51 -19.08 19.33
O3 SO4 DA . -8.33 -19.95 18.93
O4 SO4 DA . -8.93 -19.20 21.13
N1 ACH EA . -8.91 36.45 4.32
C2 ACH EA . -8.09 36.01 3.14
C3 ACH EA . -6.78 35.42 3.61
O4 ACH EA . -5.99 34.73 2.69
C5 ACH EA . -5.27 33.64 3.22
O7 ACH EA . -5.40 33.35 4.41
C6 ACH EA . -4.35 32.82 2.35
C8 ACH EA . -8.56 37.80 4.75
C9 ACH EA . -8.70 35.61 5.49
C10 ACH EA . -10.33 36.31 4.03
S SO4 FA . -28.43 -1.01 0.21
O1 SO4 FA . -28.69 0.14 1.08
O2 SO4 FA . -28.93 -0.68 -1.13
O3 SO4 FA . -26.97 -1.26 0.14
O4 SO4 FA . -29.12 -2.18 0.74
OH2 1PE GA . -18.43 -6.59 2.87
C12 1PE GA . -19.18 -6.06 1.78
C22 1PE GA . -18.34 -5.03 1.03
OH3 1PE GA . -19.09 -4.52 -0.09
C13 1PE GA . -19.13 -3.24 -2.15
C23 1PE GA . -18.30 -3.65 -0.93
OH4 1PE GA . -18.51 -2.43 -3.15
C14 1PE GA . -16.37 -3.06 -4.54
C24 1PE GA . -17.34 -3.22 -3.39
OH5 1PE GA . -17.11 -3.34 -5.76
C15 1PE GA . -17.23 -1.21 -7.04
C25 1PE GA . -18.00 -2.33 -6.32
OH6 1PE GA . -18.02 -0.13 -7.60
C16 1PE GA . -19.88 0.60 -8.89
C26 1PE GA . -19.04 -0.61 -8.48
OH7 1PE GA . -20.94 0.16 -9.74
C1 GOL HA . -31.74 5.63 -18.23
O1 GOL HA . -32.22 4.41 -17.70
C2 GOL HA . -30.80 6.27 -17.22
O2 GOL HA . -29.96 5.29 -16.67
C3 GOL HA . -29.95 7.34 -17.88
O3 GOL HA . -29.73 8.41 -16.97
C ACT IA . -25.36 38.34 32.70
O ACT IA . -26.61 38.38 32.66
OXT ACT IA . -24.77 38.85 31.72
CH3 ACT IA . -24.63 37.71 33.86
C ACT JA . -6.86 32.35 -10.84
O ACT JA . -6.27 31.50 -10.11
OXT ACT JA . -7.51 33.24 -10.23
CH3 ACT JA . -6.81 32.33 -12.34
N1 ACH KA . 17.01 27.78 19.31
C2 ACH KA . 17.82 26.79 18.55
C3 ACH KA . 17.61 25.40 19.11
O4 ACH KA . 18.11 24.31 18.39
C5 ACH KA . 17.30 23.16 18.46
O7 ACH KA . 16.24 23.20 19.10
C6 ACH KA . 17.72 21.89 17.77
C8 ACH KA . 17.74 28.22 20.48
C9 ACH KA . 15.77 27.25 19.86
C10 ACH KA . 16.59 28.89 18.45
C13 1PE LA . 8.43 20.82 10.12
OH4 1PE LA . 8.62 22.13 9.55
C14 1PE LA . 10.63 21.38 8.57
C24 1PE LA . 9.99 22.51 9.40
OH5 1PE LA . 12.03 21.62 8.28
C15 1PE LA . 13.90 20.74 7.13
C25 1PE LA . 12.48 20.50 7.56
OH6 1PE LA . 14.52 19.65 6.41
C16 1PE LA . 16.76 20.36 7.33
C26 1PE LA . 15.92 19.99 6.09
OH7 1PE LA . 18.13 20.70 7.05
N1 ACH MA . 10.89 2.18 36.18
C2 ACH MA . 11.02 0.93 35.39
C3 ACH MA . 9.65 0.47 34.91
O4 ACH MA . 9.63 -0.60 34.03
C5 ACH MA . 8.54 -0.55 33.13
O7 ACH MA . 7.74 0.39 33.18
C6 ACH MA . 8.32 -1.64 32.12
C8 ACH MA . 10.61 1.86 37.56
C9 ACH MA . 9.77 3.04 35.77
C10 ACH MA . 12.05 3.01 36.00
OH2 1PE NA . 23.46 -0.32 3.16
C12 1PE NA . 23.68 0.44 1.95
C22 1PE NA . 22.70 1.60 1.89
OH3 1PE NA . 23.11 2.17 3.15
C13 1PE NA . 20.94 3.49 3.65
C23 1PE NA . 22.49 3.39 3.60
OH4 1PE NA . 20.83 4.79 4.23
C14 1PE NA . 21.58 5.95 6.28
C24 1PE NA . 21.32 4.60 5.62
OH5 1PE NA . 20.36 6.66 6.19
C15 1PE NA . 21.43 9.00 6.16
C25 1PE NA . 20.41 8.00 6.72
OH6 1PE NA . 21.61 9.45 4.77
C16 1PE NA . 22.61 8.82 2.60
C26 1PE NA . 22.11 8.36 3.96
OH7 1PE NA . 23.10 7.70 1.86
N1 ACH OA . -19.22 -4.74 31.73
C2 ACH OA . -19.47 -5.58 30.53
C3 ACH OA . -20.02 -4.75 29.38
O4 ACH OA . -20.05 -5.36 28.12
C5 ACH OA . -19.78 -4.50 27.03
O7 ACH OA . -19.52 -3.31 27.26
C6 ACH OA . -19.81 -5.01 25.60
C8 ACH OA . -20.45 -4.59 32.49
C9 ACH OA . -18.80 -3.39 31.42
C10 ACH OA . -18.11 -5.28 32.52
S SO4 PA . -8.88 19.12 53.00
O1 SO4 PA . -9.68 19.56 54.13
O2 SO4 PA . -9.01 20.06 51.88
O3 SO4 PA . -7.48 19.07 53.43
O4 SO4 PA . -9.34 17.80 52.57
OH2 1PE QA . 5.30 -19.62 12.73
C12 1PE QA . 6.55 -18.93 12.66
C22 1PE QA . 6.77 -18.43 11.24
OH3 1PE QA . 8.00 -17.67 11.14
C13 1PE QA . 8.85 -15.40 12.32
C23 1PE QA . 7.90 -16.62 12.13
OH4 1PE QA . 8.20 -14.83 13.51
C14 1PE QA . 5.95 -14.38 14.53
C24 1PE QA . 6.79 -14.61 13.26
OH5 1PE QA . 6.02 -13.32 15.49
C15 1PE QA . 7.30 -12.24 17.16
C25 1PE QA . 7.33 -13.16 15.96
OH6 1PE QA . 8.57 -11.85 17.75
C16 1PE QA . 10.33 -13.63 17.09
C26 1PE QA . 9.53 -12.84 18.14
OH7 1PE QA . 11.15 -12.73 16.35
#